data_2AL4
#
_entry.id   2AL4
#
_cell.length_a   114.338
_cell.length_b   163.722
_cell.length_c   47.310
_cell.angle_alpha   90.00
_cell.angle_beta   90.03
_cell.angle_gamma   90.00
#
_symmetry.space_group_name_H-M   'P 1 21 1'
#
loop_
_entity.id
_entity.type
_entity.pdbx_description
1 polymer 'Glutamate receptor 2'
2 non-polymer 'ZINC ION'
3 non-polymer '(S)-2-AMINO-3-(3,5-DIOXO-[1,2,4]OXADIAZOLIDIN-2-YL)-PROPIONIC ACID'
4 non-polymer 2,3,6A,7,8,9-HEXAHYDRO-11H-[1,4]DIOXINO[2,3-G]PYRROLO[2,1-B][1,3]BENZOXAZIN-11-ONE
5 water water
#
_entity_poly.entity_id   1
_entity_poly.type   'polypeptide(L)'
_entity_poly.pdbx_seq_one_letter_code
;GANKTVVVTTILESPYVMMKKNHEMLEGNERYEGYCVDLAAEIAKHCGFKYKLTIVGDGKYGARDADTKIWNGMVGELVY
GKADIAIAPLTITLVREEVIDFSKPFMSLGISIMIKKGTPIESAEDLSKQTEIAYGTLDSGSTKEFFRRSKIAVFDKMWT
YMRSAEPSVFVRTTAEGVARVRKSKGKYAYLLESTMNEYIEQRKPCDTMKVGGNLDSKGYGIATPKGSSLGNAVNLAVLK
LNEQGLLDKLKNKWWYDKGECGS
;
_entity_poly.pdbx_strand_id   A,B,C,D,E,F
#
# COMPACT_ATOMS: atom_id res chain seq x y z
N LYS A 4 14.44 -42.51 -11.56
CA LYS A 4 14.33 -41.02 -11.62
C LYS A 4 15.37 -40.38 -10.72
N THR A 5 15.19 -40.54 -9.42
CA THR A 5 16.13 -39.98 -8.45
C THR A 5 17.50 -40.63 -8.59
N VAL A 6 18.52 -39.80 -8.82
CA VAL A 6 19.88 -40.30 -8.98
C VAL A 6 20.52 -40.64 -7.64
N VAL A 7 20.97 -41.87 -7.49
CA VAL A 7 21.63 -42.29 -6.26
C VAL A 7 23.09 -41.87 -6.32
N VAL A 8 23.50 -41.03 -5.38
CA VAL A 8 24.87 -40.54 -5.32
C VAL A 8 25.63 -41.22 -4.20
N THR A 9 26.76 -41.83 -4.54
CA THR A 9 27.55 -42.46 -3.50
C THR A 9 28.68 -41.49 -3.17
N THR A 10 28.94 -41.33 -1.87
CA THR A 10 30.00 -40.44 -1.43
C THR A 10 30.61 -41.04 -0.16
N ILE A 11 31.56 -40.32 0.43
CA ILE A 11 32.23 -40.84 1.62
C ILE A 11 32.35 -39.79 2.71
N LEU A 12 32.25 -40.21 3.96
CA LEU A 12 32.37 -39.29 5.09
C LEU A 12 33.86 -38.99 5.26
N GLU A 13 34.29 -37.91 4.64
CA GLU A 13 35.67 -37.46 4.64
C GLU A 13 35.65 -35.95 4.76
N SER A 14 36.21 -35.40 5.84
CA SER A 14 36.22 -33.94 5.99
C SER A 14 37.25 -33.29 5.06
N PRO A 15 36.91 -32.12 4.48
CA PRO A 15 35.68 -31.35 4.62
C PRO A 15 34.74 -31.57 3.44
N TYR A 16 34.87 -32.72 2.78
CA TYR A 16 34.05 -33.03 1.61
C TYR A 16 32.61 -33.34 1.96
N VAL A 17 32.41 -34.23 2.93
CA VAL A 17 31.09 -34.61 3.37
C VAL A 17 31.18 -34.86 4.88
N MET A 18 30.37 -34.15 5.65
CA MET A 18 30.38 -34.29 7.10
C MET A 18 28.95 -34.27 7.60
N MET A 19 28.73 -34.87 8.77
CA MET A 19 27.38 -34.87 9.36
C MET A 19 27.16 -33.51 10.00
N LYS A 20 25.99 -32.92 9.74
CA LYS A 20 25.67 -31.63 10.37
C LYS A 20 25.51 -31.89 11.87
N LYS A 21 25.87 -30.90 12.68
CA LYS A 21 25.75 -31.09 14.12
C LYS A 21 24.36 -31.55 14.53
N ASN A 22 23.34 -31.04 13.85
CA ASN A 22 21.96 -31.38 14.17
C ASN A 22 21.32 -32.31 13.13
N HIS A 23 22.12 -33.17 12.52
CA HIS A 23 21.62 -34.08 11.48
C HIS A 23 20.47 -34.98 11.93
N GLU A 24 20.44 -35.35 13.20
CA GLU A 24 19.40 -36.23 13.72
C GLU A 24 18.00 -35.65 13.54
N MET A 25 17.91 -34.33 13.46
CA MET A 25 16.61 -33.68 13.29
C MET A 25 16.35 -33.23 11.86
N LEU A 26 17.23 -33.66 10.94
CA LEU A 26 17.09 -33.30 9.53
C LEU A 26 16.85 -34.57 8.71
N GLU A 27 16.41 -34.39 7.47
CA GLU A 27 16.12 -35.53 6.60
C GLU A 27 16.87 -35.52 5.28
N GLY A 28 17.09 -36.71 4.74
CA GLY A 28 17.76 -36.85 3.46
C GLY A 28 19.06 -36.08 3.27
N ASN A 29 19.18 -35.43 2.12
CA ASN A 29 20.39 -34.67 1.80
C ASN A 29 20.72 -33.56 2.78
N GLU A 30 19.72 -33.10 3.53
CA GLU A 30 19.91 -32.02 4.49
C GLU A 30 20.76 -32.42 5.70
N ARG A 31 20.97 -33.73 5.88
CA ARG A 31 21.76 -34.22 7.01
C ARG A 31 23.26 -33.97 6.87
N TYR A 32 23.69 -33.71 5.64
CA TYR A 32 25.11 -33.51 5.35
C TYR A 32 25.52 -32.11 4.91
N GLU A 33 26.80 -31.81 5.10
CA GLU A 33 27.37 -30.55 4.68
C GLU A 33 28.83 -30.77 4.25
N GLY A 34 29.34 -29.86 3.42
CA GLY A 34 30.71 -29.99 2.97
C GLY A 34 30.89 -29.60 1.51
N TYR A 35 32.15 -29.61 1.07
CA TYR A 35 32.49 -29.27 -0.30
C TYR A 35 31.75 -30.12 -1.33
N CYS A 36 31.75 -31.43 -1.14
CA CYS A 36 31.08 -32.31 -2.10
C CYS A 36 29.56 -32.26 -2.01
N VAL A 37 29.05 -31.84 -0.85
CA VAL A 37 27.61 -31.70 -0.67
C VAL A 37 27.21 -30.47 -1.50
N ASP A 38 28.00 -29.41 -1.40
CA ASP A 38 27.75 -28.18 -2.17
C ASP A 38 27.91 -28.46 -3.67
N LEU A 39 28.91 -29.25 -4.03
CA LEU A 39 29.15 -29.55 -5.43
C LEU A 39 28.03 -30.42 -6.02
N ALA A 40 27.57 -31.41 -5.27
CA ALA A 40 26.51 -32.31 -5.72
C ALA A 40 25.24 -31.52 -6.07
N ALA A 41 24.88 -30.57 -5.21
CA ALA A 41 23.69 -29.77 -5.44
C ALA A 41 23.82 -29.01 -6.75
N GLU A 42 25.01 -28.45 -7.00
CA GLU A 42 25.26 -27.69 -8.21
C GLU A 42 25.27 -28.59 -9.45
N ILE A 43 25.95 -29.72 -9.37
CA ILE A 43 26.00 -30.63 -10.51
C ILE A 43 24.58 -31.07 -10.87
N ALA A 44 23.79 -31.38 -9.85
CA ALA A 44 22.41 -31.82 -10.06
C ALA A 44 21.56 -30.72 -10.70
N LYS A 45 21.73 -29.48 -10.22
CA LYS A 45 20.99 -28.35 -10.75
C LYS A 45 21.30 -28.11 -12.23
N HIS A 46 22.58 -28.17 -12.57
CA HIS A 46 23.02 -27.95 -13.94
C HIS A 46 22.73 -29.08 -14.90
N CYS A 47 22.61 -30.30 -14.39
CA CYS A 47 22.33 -31.45 -15.23
C CYS A 47 20.84 -31.77 -15.22
N GLY A 48 20.12 -31.07 -14.35
CA GLY A 48 18.68 -31.25 -14.25
C GLY A 48 18.16 -32.55 -13.67
N PHE A 49 18.74 -33.01 -12.58
CA PHE A 49 18.24 -34.24 -11.97
C PHE A 49 18.10 -34.15 -10.46
N LYS A 50 17.19 -34.96 -9.92
CA LYS A 50 16.98 -35.02 -8.49
C LYS A 50 17.93 -36.10 -8.02
N TYR A 51 18.39 -36.01 -6.77
CA TYR A 51 19.34 -36.98 -6.28
C TYR A 51 19.20 -37.29 -4.79
N LYS A 52 19.86 -38.37 -4.37
CA LYS A 52 19.85 -38.81 -2.99
C LYS A 52 21.29 -39.17 -2.60
N LEU A 53 21.84 -38.44 -1.64
CA LEU A 53 23.19 -38.71 -1.18
C LEU A 53 23.18 -39.96 -0.31
N THR A 54 24.16 -40.84 -0.52
CA THR A 54 24.29 -42.05 0.28
C THR A 54 25.76 -42.25 0.60
N ILE A 55 26.04 -42.60 1.85
CA ILE A 55 27.42 -42.82 2.28
C ILE A 55 27.81 -44.26 1.94
N VAL A 56 28.92 -44.41 1.23
CA VAL A 56 29.40 -45.73 0.84
C VAL A 56 29.39 -46.69 2.03
N GLY A 57 28.75 -47.85 1.82
CA GLY A 57 28.62 -48.84 2.88
C GLY A 57 29.86 -49.30 3.60
N ASP A 58 30.93 -49.63 2.87
CA ASP A 58 32.15 -50.10 3.50
C ASP A 58 33.14 -48.98 3.85
N GLY A 59 32.73 -47.74 3.66
CA GLY A 59 33.57 -46.59 3.97
C GLY A 59 34.89 -46.51 3.24
N LYS A 60 34.98 -47.17 2.09
CA LYS A 60 36.21 -47.19 1.30
C LYS A 60 36.10 -46.44 -0.03
N TYR A 61 37.24 -46.05 -0.58
CA TYR A 61 37.26 -45.33 -1.86
C TYR A 61 37.07 -46.28 -3.03
N GLY A 62 37.89 -47.33 -3.10
CA GLY A 62 37.74 -48.27 -4.19
C GLY A 62 39.03 -48.92 -4.64
N ALA A 63 39.07 -50.24 -4.54
CA ALA A 63 40.23 -51.01 -4.96
C ALA A 63 39.72 -52.37 -5.42
N ARG A 64 40.46 -53.01 -6.32
CA ARG A 64 40.08 -54.31 -6.83
C ARG A 64 40.87 -55.39 -6.09
N ASP A 65 40.15 -56.24 -5.36
CA ASP A 65 40.79 -57.31 -4.60
C ASP A 65 41.53 -58.28 -5.51
N ALA A 66 42.78 -58.57 -5.16
CA ALA A 66 43.59 -59.50 -5.93
C ALA A 66 43.12 -60.90 -5.53
N ASP A 67 42.51 -61.60 -6.47
CA ASP A 67 42.02 -62.95 -6.19
C ASP A 67 40.54 -63.05 -6.51
N THR A 68 39.72 -62.28 -5.79
CA THR A 68 38.28 -62.30 -6.02
C THR A 68 37.96 -61.37 -7.19
N LYS A 69 38.86 -60.44 -7.46
CA LYS A 69 38.70 -59.48 -8.56
C LYS A 69 37.49 -58.59 -8.36
N ILE A 70 36.99 -58.55 -7.13
CA ILE A 70 35.83 -57.72 -6.81
C ILE A 70 36.24 -56.33 -6.36
N TRP A 71 35.52 -55.32 -6.83
CA TRP A 71 35.79 -53.94 -6.47
C TRP A 71 35.01 -53.55 -5.22
N ASN A 72 35.66 -52.86 -4.28
CA ASN A 72 34.99 -52.42 -3.07
C ASN A 72 34.86 -50.90 -3.12
N GLY A 73 34.38 -50.31 -2.04
CA GLY A 73 34.25 -48.86 -1.98
C GLY A 73 33.27 -48.22 -2.94
N MET A 74 33.44 -46.92 -3.17
CA MET A 74 32.55 -46.18 -4.07
C MET A 74 32.65 -46.70 -5.50
N VAL A 75 33.84 -47.13 -5.90
CA VAL A 75 34.04 -47.67 -7.24
C VAL A 75 33.14 -48.90 -7.38
N GLY A 76 33.18 -49.76 -6.37
CA GLY A 76 32.35 -50.96 -6.40
C GLY A 76 30.88 -50.64 -6.49
N GLU A 77 30.44 -49.61 -5.77
CA GLU A 77 29.05 -49.21 -5.80
C GLU A 77 28.62 -48.86 -7.23
N LEU A 78 29.51 -48.22 -7.97
CA LEU A 78 29.21 -47.85 -9.35
C LEU A 78 29.28 -49.05 -10.28
N VAL A 79 30.34 -49.85 -10.13
CA VAL A 79 30.54 -51.03 -10.96
C VAL A 79 29.42 -52.06 -10.87
N TYR A 80 28.90 -52.26 -9.66
CA TYR A 80 27.84 -53.24 -9.47
C TYR A 80 26.42 -52.67 -9.51
N GLY A 81 26.31 -51.40 -9.90
CA GLY A 81 25.02 -50.76 -10.03
C GLY A 81 24.26 -50.38 -8.78
N LYS A 82 24.96 -50.14 -7.68
CA LYS A 82 24.30 -49.75 -6.44
C LYS A 82 24.10 -48.23 -6.41
N ALA A 83 24.94 -47.52 -7.14
CA ALA A 83 24.86 -46.07 -7.22
C ALA A 83 24.98 -45.64 -8.67
N ASP A 84 24.43 -44.49 -9.00
CA ASP A 84 24.46 -43.98 -10.36
C ASP A 84 25.59 -42.98 -10.61
N ILE A 85 26.16 -42.48 -9.53
CA ILE A 85 27.22 -41.49 -9.64
C ILE A 85 27.95 -41.33 -8.32
N ALA A 86 29.23 -40.97 -8.39
CA ALA A 86 30.02 -40.77 -7.18
C ALA A 86 30.55 -39.35 -7.22
N ILE A 87 30.20 -38.59 -6.19
CA ILE A 87 30.63 -37.20 -6.07
C ILE A 87 31.39 -37.17 -4.74
N ALA A 88 32.71 -37.30 -4.83
CA ALA A 88 33.58 -37.36 -3.67
C ALA A 88 35.04 -37.13 -4.09
N PRO A 89 35.96 -37.10 -3.13
CA PRO A 89 37.38 -36.91 -3.48
C PRO A 89 37.93 -38.23 -4.02
N LEU A 90 37.38 -38.66 -5.16
CA LEU A 90 37.77 -39.90 -5.80
C LEU A 90 38.84 -39.61 -6.85
N THR A 91 40.03 -40.15 -6.63
CA THR A 91 41.15 -39.92 -7.54
C THR A 91 41.03 -40.64 -8.88
N ILE A 92 41.29 -39.90 -9.95
CA ILE A 92 41.26 -40.44 -11.30
C ILE A 92 42.54 -41.26 -11.49
N THR A 93 42.38 -42.56 -11.71
CA THR A 93 43.52 -43.45 -11.91
C THR A 93 43.23 -44.35 -13.12
N LEU A 94 44.28 -44.87 -13.73
CA LEU A 94 44.12 -45.74 -14.89
C LEU A 94 43.29 -46.99 -14.61
N VAL A 95 43.62 -47.72 -13.56
CA VAL A 95 42.88 -48.94 -13.25
C VAL A 95 41.38 -48.68 -13.05
N ARG A 96 41.05 -47.52 -12.51
CA ARG A 96 39.64 -47.17 -12.30
C ARG A 96 38.97 -46.72 -13.59
N GLU A 97 39.70 -45.94 -14.40
CA GLU A 97 39.17 -45.44 -15.66
C GLU A 97 38.83 -46.60 -16.59
N GLU A 98 39.41 -47.77 -16.30
CA GLU A 98 39.17 -48.95 -17.11
C GLU A 98 37.81 -49.58 -16.83
N VAL A 99 37.24 -49.32 -15.66
CA VAL A 99 35.94 -49.89 -15.31
C VAL A 99 34.82 -48.87 -15.09
N ILE A 100 35.18 -47.60 -14.87
CA ILE A 100 34.19 -46.54 -14.68
C ILE A 100 34.61 -45.30 -15.46
N ASP A 101 33.69 -44.35 -15.62
CA ASP A 101 34.00 -43.12 -16.33
C ASP A 101 34.21 -41.98 -15.34
N PHE A 102 35.14 -41.09 -15.67
CA PHE A 102 35.47 -39.94 -14.83
C PHE A 102 35.28 -38.65 -15.63
N SER A 103 34.80 -37.62 -14.95
CA SER A 103 34.64 -36.31 -15.59
C SER A 103 36.04 -35.70 -15.57
N LYS A 104 36.21 -34.56 -16.22
CA LYS A 104 37.49 -33.88 -16.17
C LYS A 104 37.62 -33.55 -14.67
N PRO A 105 38.85 -33.40 -14.17
CA PRO A 105 39.06 -33.10 -12.75
C PRO A 105 38.42 -31.83 -12.21
N PHE A 106 37.86 -31.90 -11.00
CA PHE A 106 37.27 -30.72 -10.38
C PHE A 106 38.18 -30.18 -9.28
N MET A 107 39.22 -30.94 -8.92
CA MET A 107 40.17 -30.50 -7.89
C MET A 107 41.51 -31.20 -8.13
N SER A 108 42.60 -30.45 -7.96
CA SER A 108 43.93 -30.99 -8.14
C SER A 108 44.52 -31.38 -6.79
N LEU A 109 45.43 -32.34 -6.81
CA LEU A 109 46.09 -32.79 -5.59
C LEU A 109 47.31 -33.64 -5.93
N GLY A 110 48.09 -33.95 -4.91
CA GLY A 110 49.26 -34.79 -5.07
C GLY A 110 49.51 -35.47 -3.74
N ILE A 111 50.17 -36.62 -3.75
CA ILE A 111 50.45 -37.30 -2.49
C ILE A 111 51.43 -36.39 -1.75
N SER A 112 51.27 -36.30 -0.43
CA SER A 112 52.11 -35.42 0.37
C SER A 112 52.41 -36.03 1.74
N ILE A 113 53.27 -35.35 2.50
CA ILE A 113 53.67 -35.83 3.82
C ILE A 113 53.11 -34.97 4.94
N MET A 114 52.45 -35.61 5.89
CA MET A 114 51.92 -34.91 7.05
C MET A 114 52.75 -35.32 8.26
N ILE A 115 53.30 -34.34 8.96
CA ILE A 115 54.09 -34.62 10.14
C ILE A 115 53.57 -33.84 11.34
N LYS A 116 53.94 -34.30 12.52
CA LYS A 116 53.60 -33.63 13.78
C LYS A 116 54.64 -32.50 13.74
N LYS A 117 54.23 -31.28 14.09
CA LYS A 117 55.17 -30.16 14.07
C LYS A 117 56.44 -30.49 14.84
N GLY A 118 57.58 -30.17 14.24
CA GLY A 118 58.85 -30.43 14.89
C GLY A 118 59.53 -31.70 14.43
N THR A 119 58.82 -32.56 13.72
CA THR A 119 59.40 -33.81 13.23
C THR A 119 60.53 -33.50 12.24
N PRO A 120 61.71 -34.08 12.47
CA PRO A 120 62.87 -33.87 11.58
C PRO A 120 62.78 -34.56 10.23
N ILE A 121 61.74 -34.22 9.47
CA ILE A 121 61.50 -34.79 8.14
C ILE A 121 61.11 -33.64 7.21
N GLU A 122 61.71 -33.60 6.02
CA GLU A 122 61.40 -32.55 5.06
C GLU A 122 61.05 -33.08 3.68
N SER A 123 61.18 -34.39 3.47
CA SER A 123 60.89 -34.97 2.17
C SER A 123 60.68 -36.48 2.24
N ALA A 124 60.27 -37.07 1.12
CA ALA A 124 60.07 -38.50 1.04
C ALA A 124 61.44 -39.16 1.13
N GLU A 125 62.43 -38.55 0.47
CA GLU A 125 63.79 -39.08 0.50
C GLU A 125 64.21 -39.19 1.97
N ASP A 126 63.91 -38.16 2.75
CA ASP A 126 64.25 -38.16 4.17
C ASP A 126 63.63 -39.37 4.88
N LEU A 127 62.34 -39.60 4.65
CA LEU A 127 61.66 -40.72 5.28
C LEU A 127 62.30 -42.06 4.89
N SER A 128 62.63 -42.20 3.61
CA SER A 128 63.23 -43.43 3.10
C SER A 128 64.63 -43.72 3.64
N LYS A 129 65.37 -42.69 4.03
CA LYS A 129 66.73 -42.88 4.53
C LYS A 129 66.84 -43.12 6.04
N GLN A 130 65.70 -43.20 6.73
CA GLN A 130 65.73 -43.43 8.17
C GLN A 130 64.70 -44.47 8.62
N THR A 131 64.70 -44.81 9.90
CA THR A 131 63.75 -45.79 10.40
C THR A 131 63.14 -45.50 11.76
N GLU A 132 63.62 -44.46 12.43
CA GLU A 132 63.09 -44.10 13.75
C GLU A 132 61.65 -43.64 13.62
N ILE A 133 61.35 -42.95 12.53
CA ILE A 133 60.01 -42.43 12.27
C ILE A 133 59.27 -43.35 11.30
N ALA A 134 58.19 -43.95 11.76
CA ALA A 134 57.40 -44.83 10.93
C ALA A 134 56.49 -43.99 10.05
N TYR A 135 56.01 -44.58 8.95
CA TYR A 135 55.12 -43.88 8.05
C TYR A 135 54.25 -44.86 7.28
N GLY A 136 53.04 -44.42 6.93
CA GLY A 136 52.13 -45.28 6.21
C GLY A 136 51.11 -44.50 5.40
N THR A 137 50.15 -45.22 4.84
CA THR A 137 49.11 -44.61 4.01
C THR A 137 47.74 -45.17 4.34
N LEU A 138 46.72 -44.63 3.69
CA LEU A 138 45.36 -45.14 3.88
C LEU A 138 45.45 -46.58 3.37
N ASP A 139 45.03 -47.53 4.20
CA ASP A 139 45.09 -48.96 3.90
C ASP A 139 44.52 -49.37 2.55
N SER A 140 43.59 -48.59 2.03
CA SER A 140 42.97 -48.89 0.75
C SER A 140 42.73 -47.57 0.02
N GLY A 141 43.27 -47.44 -1.18
CA GLY A 141 43.10 -46.21 -1.93
C GLY A 141 44.17 -46.01 -2.99
N SER A 142 44.12 -44.86 -3.66
CA SER A 142 45.07 -44.54 -4.71
C SER A 142 46.49 -44.32 -4.23
N THR A 143 46.64 -43.84 -2.99
CA THR A 143 47.96 -43.59 -2.44
C THR A 143 48.71 -44.90 -2.21
N LYS A 144 48.05 -45.88 -1.59
CA LYS A 144 48.70 -47.15 -1.35
C LYS A 144 49.14 -47.76 -2.69
N GLU A 145 48.26 -47.68 -3.68
CA GLU A 145 48.55 -48.22 -5.01
C GLU A 145 49.72 -47.50 -5.68
N PHE A 146 49.85 -46.19 -5.42
CA PHE A 146 50.94 -45.42 -5.99
C PHE A 146 52.27 -46.04 -5.59
N PHE A 147 52.43 -46.31 -4.30
CA PHE A 147 53.66 -46.89 -3.78
C PHE A 147 53.84 -48.34 -4.21
N ARG A 148 52.76 -49.09 -4.22
CA ARG A 148 52.83 -50.50 -4.61
C ARG A 148 53.35 -50.68 -6.04
N ARG A 149 52.97 -49.77 -6.92
CA ARG A 149 53.38 -49.87 -8.32
C ARG A 149 54.56 -49.01 -8.75
N SER A 150 55.01 -48.11 -7.88
CA SER A 150 56.11 -47.23 -8.25
C SER A 150 57.42 -47.92 -8.61
N LYS A 151 58.07 -47.43 -9.66
CA LYS A 151 59.35 -47.97 -10.10
C LYS A 151 60.45 -46.97 -9.78
N ILE A 152 60.06 -45.89 -9.11
CA ILE A 152 61.00 -44.85 -8.71
C ILE A 152 61.70 -45.33 -7.43
N ALA A 153 63.03 -45.32 -7.46
CA ALA A 153 63.82 -45.78 -6.33
C ALA A 153 63.38 -45.37 -4.94
N VAL A 154 63.25 -44.08 -4.70
CA VAL A 154 62.84 -43.59 -3.38
C VAL A 154 61.51 -44.17 -2.93
N PHE A 155 60.53 -44.17 -3.82
CA PHE A 155 59.20 -44.69 -3.48
C PHE A 155 59.19 -46.21 -3.37
N ASP A 156 60.00 -46.89 -4.19
CA ASP A 156 60.07 -48.33 -4.12
C ASP A 156 60.62 -48.71 -2.75
N LYS A 157 61.62 -47.95 -2.31
CA LYS A 157 62.25 -48.17 -1.01
C LYS A 157 61.21 -48.00 0.10
N MET A 158 60.40 -46.95 -0.02
CA MET A 158 59.36 -46.68 0.96
C MET A 158 58.32 -47.79 0.98
N TRP A 159 57.92 -48.27 -0.19
CA TRP A 159 56.93 -49.35 -0.26
C TRP A 159 57.47 -50.62 0.39
N THR A 160 58.73 -50.94 0.09
CA THR A 160 59.34 -52.14 0.65
C THR A 160 59.26 -52.11 2.17
N TYR A 161 59.43 -50.93 2.74
CA TYR A 161 59.36 -50.76 4.19
C TYR A 161 57.92 -50.86 4.70
N MET A 162 57.03 -50.04 4.13
CA MET A 162 55.65 -50.04 4.58
C MET A 162 54.91 -51.36 4.48
N ARG A 163 55.08 -52.08 3.37
CA ARG A 163 54.39 -53.35 3.20
C ARG A 163 54.79 -54.41 4.20
N SER A 164 55.95 -54.27 4.82
CA SER A 164 56.42 -55.27 5.79
C SER A 164 56.51 -54.76 7.22
N ALA A 165 56.24 -53.48 7.43
CA ALA A 165 56.32 -52.92 8.78
C ALA A 165 55.31 -53.55 9.73
N GLU A 166 55.76 -53.80 10.96
CA GLU A 166 54.93 -54.39 11.99
C GLU A 166 55.15 -53.65 13.30
N PRO A 167 54.07 -53.20 13.97
CA PRO A 167 52.68 -53.37 13.54
C PRO A 167 52.38 -52.57 12.26
N SER A 168 51.26 -52.87 11.62
CA SER A 168 50.88 -52.19 10.39
C SER A 168 50.95 -50.69 10.46
N VAL A 169 51.43 -50.07 9.38
CA VAL A 169 51.52 -48.61 9.31
C VAL A 169 50.37 -48.07 8.49
N PHE A 170 49.47 -48.95 8.06
CA PHE A 170 48.32 -48.53 7.26
C PHE A 170 47.13 -48.25 8.16
N VAL A 171 46.27 -47.33 7.72
CA VAL A 171 45.09 -46.97 8.50
C VAL A 171 43.81 -47.14 7.68
N ARG A 172 42.69 -47.31 8.37
CA ARG A 172 41.39 -47.51 7.71
C ARG A 172 40.77 -46.22 7.19
N THR A 173 41.01 -45.12 7.87
CA THR A 173 40.46 -43.83 7.45
C THR A 173 41.48 -42.72 7.64
N THR A 174 41.28 -41.62 6.93
CA THR A 174 42.17 -40.48 7.04
C THR A 174 42.23 -40.00 8.50
N ALA A 175 41.06 -39.97 9.15
CA ALA A 175 40.99 -39.54 10.54
C ALA A 175 41.91 -40.37 11.42
N GLU A 176 41.94 -41.68 11.18
CA GLU A 176 42.79 -42.59 11.95
C GLU A 176 44.26 -42.22 11.75
N GLY A 177 44.62 -41.90 10.50
CA GLY A 177 45.99 -41.52 10.20
C GLY A 177 46.38 -40.23 10.89
N VAL A 178 45.50 -39.24 10.83
CA VAL A 178 45.75 -37.95 11.46
C VAL A 178 45.92 -38.13 12.97
N ALA A 179 45.03 -38.90 13.58
CA ALA A 179 45.10 -39.15 15.01
C ALA A 179 46.42 -39.82 15.38
N ARG A 180 46.86 -40.76 14.54
CA ARG A 180 48.11 -41.47 14.79
C ARG A 180 49.29 -40.50 14.78
N VAL A 181 49.31 -39.60 13.80
CA VAL A 181 50.39 -38.62 13.73
C VAL A 181 50.38 -37.76 15.00
N ARG A 182 49.20 -37.28 15.38
CA ARG A 182 49.05 -36.44 16.55
C ARG A 182 49.41 -37.06 17.89
N LYS A 183 49.25 -38.38 18.00
CA LYS A 183 49.54 -39.07 19.26
C LYS A 183 50.86 -39.81 19.29
N SER A 184 51.63 -39.77 18.20
CA SER A 184 52.89 -40.50 18.16
C SER A 184 54.16 -39.71 18.50
N LYS A 185 53.99 -38.52 19.07
CA LYS A 185 55.12 -37.68 19.47
C LYS A 185 56.18 -37.50 18.38
N GLY A 186 55.74 -37.46 17.12
CA GLY A 186 56.66 -37.28 16.02
C GLY A 186 57.28 -38.55 15.49
N LYS A 187 56.84 -39.70 15.96
CA LYS A 187 57.38 -40.98 15.52
C LYS A 187 56.58 -41.66 14.41
N TYR A 188 55.58 -40.94 13.89
CA TYR A 188 54.77 -41.45 12.79
C TYR A 188 54.43 -40.29 11.86
N ALA A 189 54.69 -40.49 10.58
CA ALA A 189 54.39 -39.49 9.56
C ALA A 189 53.34 -40.15 8.67
N TYR A 190 52.41 -39.37 8.14
CA TYR A 190 51.35 -39.93 7.32
C TYR A 190 51.39 -39.42 5.89
N LEU A 191 51.30 -40.36 4.94
CA LEU A 191 51.30 -40.01 3.52
C LEU A 191 49.85 -39.95 3.06
N LEU A 192 49.42 -38.79 2.61
CA LEU A 192 48.04 -38.60 2.17
C LEU A 192 47.97 -37.50 1.13
N GLU A 193 46.81 -37.37 0.49
CA GLU A 193 46.67 -36.35 -0.54
C GLU A 193 46.76 -34.94 0.02
N SER A 194 47.44 -34.07 -0.72
CA SER A 194 47.68 -32.69 -0.32
C SER A 194 46.42 -31.95 0.13
N THR A 195 45.29 -32.27 -0.51
CA THR A 195 44.01 -31.65 -0.18
C THR A 195 43.61 -31.91 1.27
N MET A 196 43.66 -33.17 1.70
CA MET A 196 43.32 -33.49 3.08
C MET A 196 44.38 -32.91 4.01
N ASN A 197 45.64 -33.02 3.60
CA ASN A 197 46.77 -32.52 4.40
C ASN A 197 46.59 -31.02 4.69
N GLU A 198 46.35 -30.24 3.64
CA GLU A 198 46.17 -28.80 3.78
C GLU A 198 44.95 -28.43 4.61
N TYR A 199 43.92 -29.26 4.58
CA TYR A 199 42.72 -29.01 5.36
C TYR A 199 43.02 -29.19 6.85
N ILE A 200 43.63 -30.33 7.19
CA ILE A 200 43.96 -30.65 8.57
C ILE A 200 44.94 -29.63 9.17
N GLU A 201 45.79 -29.08 8.32
CA GLU A 201 46.78 -28.10 8.74
C GLU A 201 46.10 -26.86 9.31
N GLN A 202 44.86 -26.61 8.88
CA GLN A 202 44.13 -25.45 9.36
C GLN A 202 43.07 -25.80 10.40
N ARG A 203 43.24 -26.95 11.05
CA ARG A 203 42.29 -27.39 12.07
C ARG A 203 42.98 -27.53 13.42
N LYS A 204 42.31 -27.11 14.49
CA LYS A 204 42.88 -27.23 15.82
C LYS A 204 43.08 -28.72 16.07
N PRO A 205 44.06 -29.08 16.92
CA PRO A 205 45.00 -28.23 17.66
C PRO A 205 46.15 -27.59 16.87
N CYS A 206 46.05 -27.56 15.54
CA CYS A 206 47.10 -26.95 14.72
C CYS A 206 48.48 -27.52 15.05
N ASP A 207 48.56 -28.84 15.18
CA ASP A 207 49.82 -29.49 15.53
C ASP A 207 50.43 -30.32 14.40
N THR A 208 49.88 -30.20 13.19
CA THR A 208 50.41 -30.94 12.06
C THR A 208 50.72 -29.97 10.93
N MET A 209 51.53 -30.43 9.98
CA MET A 209 51.85 -29.60 8.83
C MET A 209 52.30 -30.45 7.66
N LYS A 210 52.10 -29.89 6.47
CA LYS A 210 52.51 -30.55 5.24
C LYS A 210 53.95 -30.14 4.94
N VAL A 211 54.82 -31.12 4.70
CA VAL A 211 56.22 -30.81 4.41
C VAL A 211 56.66 -31.42 3.08
N GLY A 212 57.57 -30.71 2.41
CA GLY A 212 58.07 -31.19 1.13
C GLY A 212 57.08 -30.93 0.01
N GLY A 213 57.51 -31.20 -1.22
CA GLY A 213 56.63 -31.00 -2.36
C GLY A 213 55.78 -32.25 -2.53
N ASN A 214 54.78 -32.17 -3.41
CA ASN A 214 53.92 -33.34 -3.64
C ASN A 214 54.70 -34.37 -4.43
N LEU A 215 54.37 -35.65 -4.23
CA LEU A 215 55.05 -36.75 -4.90
C LEU A 215 54.55 -36.95 -6.32
N ASP A 216 53.32 -36.52 -6.59
CA ASP A 216 52.74 -36.65 -7.93
C ASP A 216 51.72 -35.53 -8.16
N SER A 217 51.09 -35.55 -9.33
CA SER A 217 50.10 -34.52 -9.68
C SER A 217 48.93 -35.19 -10.37
N LYS A 218 47.76 -35.09 -9.78
CA LYS A 218 46.58 -35.71 -10.34
C LYS A 218 45.33 -34.96 -9.93
N GLY A 219 44.18 -35.59 -10.09
CA GLY A 219 42.95 -34.90 -9.71
C GLY A 219 41.79 -35.79 -9.36
N TYR A 220 40.77 -35.18 -8.76
CA TYR A 220 39.56 -35.90 -8.40
C TYR A 220 38.57 -35.66 -9.54
N GLY A 221 37.78 -36.68 -9.83
CA GLY A 221 36.80 -36.56 -10.89
C GLY A 221 35.47 -37.12 -10.41
N ILE A 222 34.38 -36.66 -11.02
CA ILE A 222 33.06 -37.19 -10.68
C ILE A 222 32.93 -38.46 -11.51
N ALA A 223 32.61 -39.58 -10.86
CA ALA A 223 32.53 -40.85 -11.57
C ALA A 223 31.14 -41.39 -11.82
N THR A 224 30.99 -42.06 -12.95
CA THR A 224 29.72 -42.65 -13.35
C THR A 224 29.99 -44.05 -13.90
N PRO A 225 28.96 -44.92 -13.92
CA PRO A 225 29.14 -46.27 -14.45
C PRO A 225 29.50 -46.17 -15.93
N LYS A 226 30.35 -47.08 -16.40
CA LYS A 226 30.76 -47.08 -17.80
C LYS A 226 29.55 -47.01 -18.73
N GLY A 227 29.55 -46.02 -19.62
CA GLY A 227 28.46 -45.87 -20.57
C GLY A 227 27.23 -45.13 -20.05
N SER A 228 27.29 -44.64 -18.81
CA SER A 228 26.16 -43.91 -18.24
C SER A 228 25.74 -42.74 -19.11
N SER A 229 24.43 -42.47 -19.14
CA SER A 229 23.90 -41.36 -19.94
C SER A 229 24.15 -40.02 -19.23
N LEU A 230 24.55 -40.09 -17.96
CA LEU A 230 24.82 -38.88 -17.18
C LEU A 230 26.22 -38.33 -17.39
N GLY A 231 27.14 -39.19 -17.81
CA GLY A 231 28.51 -38.79 -18.02
C GLY A 231 28.78 -37.49 -18.76
N ASN A 232 28.21 -37.34 -19.96
CA ASN A 232 28.42 -36.15 -20.76
C ASN A 232 28.02 -34.84 -20.06
N ALA A 233 26.79 -34.77 -19.58
CA ALA A 233 26.32 -33.56 -18.91
C ALA A 233 27.13 -33.24 -17.66
N VAL A 234 27.47 -34.27 -16.89
CA VAL A 234 28.24 -34.06 -15.68
C VAL A 234 29.59 -33.43 -16.02
N ASN A 235 30.23 -33.94 -17.07
CA ASN A 235 31.53 -33.41 -17.49
C ASN A 235 31.43 -31.95 -17.88
N LEU A 236 30.40 -31.61 -18.67
CA LEU A 236 30.21 -30.23 -19.10
C LEU A 236 29.93 -29.33 -17.90
N ALA A 237 29.22 -29.85 -16.91
CA ALA A 237 28.90 -29.07 -15.72
C ALA A 237 30.17 -28.76 -14.92
N VAL A 238 31.07 -29.72 -14.83
CA VAL A 238 32.32 -29.50 -14.10
C VAL A 238 33.13 -28.40 -14.78
N LEU A 239 33.20 -28.44 -16.11
CA LEU A 239 33.96 -27.44 -16.85
C LEU A 239 33.33 -26.06 -16.68
N LYS A 240 32.01 -26.00 -16.71
CA LYS A 240 31.29 -24.74 -16.53
C LYS A 240 31.51 -24.18 -15.14
N LEU A 241 31.37 -25.02 -14.12
CA LEU A 241 31.55 -24.56 -12.75
C LEU A 241 32.98 -24.10 -12.48
N ASN A 242 33.95 -24.72 -13.13
CA ASN A 242 35.33 -24.30 -12.91
C ASN A 242 35.54 -22.94 -13.59
N GLU A 243 35.06 -22.81 -14.81
CA GLU A 243 35.20 -21.55 -15.54
C GLU A 243 34.48 -20.39 -14.88
N GLN A 244 33.39 -20.68 -14.17
CA GLN A 244 32.62 -19.65 -13.49
C GLN A 244 33.22 -19.31 -12.13
N GLY A 245 34.30 -19.99 -11.77
CA GLY A 245 34.95 -19.74 -10.49
C GLY A 245 34.34 -20.39 -9.26
N LEU A 246 33.30 -21.20 -9.44
CA LEU A 246 32.65 -21.85 -8.31
C LEU A 246 33.57 -22.83 -7.57
N LEU A 247 34.32 -23.64 -8.31
CA LEU A 247 35.18 -24.63 -7.66
C LEU A 247 36.20 -23.97 -6.73
N ASP A 248 36.81 -22.88 -7.18
CA ASP A 248 37.79 -22.19 -6.35
C ASP A 248 37.11 -21.59 -5.14
N LYS A 249 35.90 -21.08 -5.34
CA LYS A 249 35.14 -20.48 -4.25
C LYS A 249 34.81 -21.51 -3.18
N LEU A 250 34.38 -22.69 -3.61
CA LEU A 250 34.04 -23.75 -2.67
C LEU A 250 35.26 -24.27 -1.91
N LYS A 251 36.42 -24.31 -2.56
CA LYS A 251 37.59 -24.79 -1.85
C LYS A 251 37.97 -23.79 -0.76
N ASN A 252 37.92 -22.50 -1.08
CA ASN A 252 38.26 -21.49 -0.10
C ASN A 252 37.27 -21.52 1.07
N LYS A 253 36.01 -21.77 0.75
CA LYS A 253 34.95 -21.83 1.75
C LYS A 253 35.17 -22.94 2.79
N TRP A 254 35.51 -24.13 2.30
CA TRP A 254 35.70 -25.26 3.21
C TRP A 254 37.10 -25.51 3.74
N TRP A 255 38.10 -24.87 3.14
CA TRP A 255 39.49 -25.06 3.57
C TRP A 255 40.09 -23.91 4.37
N TYR A 256 39.92 -22.70 3.86
CA TYR A 256 40.54 -21.54 4.48
C TYR A 256 39.63 -20.53 5.17
N ASP A 257 38.46 -20.26 4.59
CA ASP A 257 37.55 -19.30 5.21
C ASP A 257 37.18 -19.73 6.62
N LYS A 258 37.13 -21.04 6.84
CA LYS A 258 36.79 -21.56 8.15
C LYS A 258 37.98 -22.13 8.90
N GLY A 259 39.18 -21.74 8.50
CA GLY A 259 40.38 -22.22 9.16
C GLY A 259 40.38 -21.84 10.63
N GLU A 260 40.88 -22.74 11.47
CA GLU A 260 40.91 -22.51 12.92
C GLU A 260 42.29 -22.18 13.44
N CYS A 261 43.26 -22.03 12.54
CA CYS A 261 44.64 -21.74 12.94
C CYS A 261 45.12 -20.38 12.41
N ASN B 3 -23.64 -31.58 -3.32
CA ASN B 3 -22.48 -30.86 -2.71
C ASN B 3 -21.38 -31.84 -2.33
N LYS B 4 -20.13 -31.43 -2.53
CA LYS B 4 -18.98 -32.27 -2.21
C LYS B 4 -17.94 -31.46 -1.44
N THR B 5 -17.04 -32.15 -0.76
CA THR B 5 -15.99 -31.48 0.00
C THR B 5 -15.00 -30.84 -0.95
N VAL B 6 -14.80 -29.54 -0.81
CA VAL B 6 -13.88 -28.79 -1.65
C VAL B 6 -12.44 -29.03 -1.26
N VAL B 7 -11.61 -29.43 -2.22
CA VAL B 7 -10.20 -29.67 -1.96
C VAL B 7 -9.44 -28.37 -2.10
N VAL B 8 -8.91 -27.87 -0.99
CA VAL B 8 -8.16 -26.63 -0.97
C VAL B 8 -6.66 -26.90 -1.00
N THR B 9 -5.96 -26.31 -1.98
CA THR B 9 -4.52 -26.49 -2.02
C THR B 9 -3.92 -25.21 -1.44
N THR B 10 -2.90 -25.38 -0.60
CA THR B 10 -2.23 -24.24 0.00
C THR B 10 -0.77 -24.61 0.20
N ILE B 11 0.00 -23.73 0.82
CA ILE B 11 1.42 -24.00 0.98
C ILE B 11 1.88 -23.67 2.40
N LEU B 12 2.85 -24.44 2.92
CA LEU B 12 3.37 -24.19 4.25
C LEU B 12 4.30 -23.00 4.17
N GLU B 13 3.76 -21.84 4.51
CA GLU B 13 4.48 -20.57 4.45
C GLU B 13 3.99 -19.73 5.62
N SER B 14 4.88 -19.36 6.52
CA SER B 14 4.49 -18.57 7.68
C SER B 14 4.29 -17.11 7.27
N PRO B 15 3.26 -16.45 7.84
CA PRO B 15 2.28 -16.92 8.83
C PRO B 15 0.96 -17.32 8.18
N TYR B 16 1.00 -17.68 6.91
CA TYR B 16 -0.21 -18.05 6.17
C TYR B 16 -0.77 -19.41 6.58
N VAL B 17 0.08 -20.43 6.54
CA VAL B 17 -0.32 -21.78 6.93
C VAL B 17 0.87 -22.39 7.65
N MET B 18 0.66 -22.77 8.90
CA MET B 18 1.72 -23.35 9.70
C MET B 18 1.20 -24.55 10.47
N MET B 19 2.06 -25.55 10.65
CA MET B 19 1.71 -26.75 11.40
C MET B 19 1.71 -26.38 12.87
N LYS B 20 0.59 -26.59 13.54
CA LYS B 20 0.50 -26.28 14.96
C LYS B 20 1.52 -27.17 15.67
N LYS B 21 2.13 -26.65 16.73
CA LYS B 21 3.11 -27.42 17.47
C LYS B 21 2.56 -28.78 17.90
N ASN B 22 3.30 -29.84 17.61
CA ASN B 22 2.94 -31.21 17.95
C ASN B 22 1.66 -31.76 17.33
N HIS B 23 1.25 -31.22 16.18
CA HIS B 23 0.03 -31.71 15.53
C HIS B 23 0.30 -32.57 14.31
N GLU B 24 1.56 -32.90 14.06
CA GLU B 24 1.94 -33.70 12.90
C GLU B 24 1.17 -35.01 12.76
N MET B 25 0.84 -35.63 13.89
CA MET B 25 0.16 -36.91 13.87
C MET B 25 -1.37 -36.83 13.96
N LEU B 26 -1.91 -35.62 14.08
CA LEU B 26 -3.35 -35.44 14.14
C LEU B 26 -3.90 -35.47 12.72
N GLU B 27 -5.21 -35.27 12.59
CA GLU B 27 -5.80 -35.29 11.25
C GLU B 27 -6.75 -34.14 10.98
N GLY B 28 -7.00 -33.88 9.70
CA GLY B 28 -7.92 -32.82 9.34
C GLY B 28 -7.34 -31.42 9.36
N ASN B 29 -8.23 -30.45 9.17
CA ASN B 29 -7.84 -29.04 9.14
C ASN B 29 -7.36 -28.49 10.47
N GLU B 30 -7.69 -29.16 11.57
CA GLU B 30 -7.31 -28.72 12.91
C GLU B 30 -5.79 -28.66 13.11
N ARG B 31 -5.04 -29.37 12.26
CA ARG B 31 -3.59 -29.39 12.37
C ARG B 31 -2.93 -28.04 12.05
N TYR B 32 -3.57 -27.27 11.20
CA TYR B 32 -3.02 -26.00 10.73
C TYR B 32 -3.58 -24.73 11.35
N GLU B 33 -2.76 -23.68 11.34
CA GLU B 33 -3.16 -22.38 11.85
C GLU B 33 -2.50 -21.33 10.96
N GLY B 34 -3.07 -20.12 10.95
CA GLY B 34 -2.49 -19.07 10.14
C GLY B 34 -3.49 -18.18 9.43
N TYR B 35 -2.97 -17.12 8.81
CA TYR B 35 -3.82 -16.17 8.10
C TYR B 35 -4.70 -16.85 7.05
N CYS B 36 -4.09 -17.72 6.24
CA CYS B 36 -4.86 -18.38 5.21
C CYS B 36 -5.79 -19.47 5.73
N VAL B 37 -5.49 -19.99 6.91
CA VAL B 37 -6.34 -21.01 7.51
C VAL B 37 -7.61 -20.28 7.97
N ASP B 38 -7.44 -19.11 8.58
CA ASP B 38 -8.57 -18.31 9.04
C ASP B 38 -9.36 -17.79 7.85
N LEU B 39 -8.65 -17.41 6.78
CA LEU B 39 -9.31 -16.91 5.57
C LEU B 39 -10.15 -18.02 4.93
N ALA B 40 -9.59 -19.22 4.86
CA ALA B 40 -10.32 -20.35 4.26
C ALA B 40 -11.62 -20.60 5.01
N ALA B 41 -11.57 -20.55 6.34
CA ALA B 41 -12.76 -20.78 7.16
C ALA B 41 -13.86 -19.76 6.85
N GLU B 42 -13.47 -18.49 6.70
CA GLU B 42 -14.43 -17.43 6.39
C GLU B 42 -14.98 -17.56 4.98
N ILE B 43 -14.12 -17.87 4.03
CA ILE B 43 -14.56 -18.02 2.64
C ILE B 43 -15.55 -19.16 2.53
N ALA B 44 -15.23 -20.29 3.17
CA ALA B 44 -16.11 -21.46 3.12
C ALA B 44 -17.45 -21.16 3.79
N LYS B 45 -17.42 -20.40 4.88
CA LYS B 45 -18.63 -20.06 5.61
C LYS B 45 -19.53 -19.19 4.75
N HIS B 46 -18.94 -18.16 4.14
CA HIS B 46 -19.71 -17.26 3.30
C HIS B 46 -20.22 -17.89 2.01
N CYS B 47 -19.47 -18.84 1.46
CA CYS B 47 -19.86 -19.49 0.22
C CYS B 47 -20.67 -20.77 0.45
N GLY B 48 -20.74 -21.20 1.70
CA GLY B 48 -21.50 -22.38 2.05
C GLY B 48 -20.95 -23.73 1.62
N PHE B 49 -19.65 -23.96 1.76
CA PHE B 49 -19.09 -25.25 1.39
C PHE B 49 -18.18 -25.85 2.45
N LYS B 50 -18.05 -27.17 2.43
CA LYS B 50 -17.17 -27.88 3.35
C LYS B 50 -15.87 -28.04 2.59
N TYR B 51 -14.75 -28.10 3.31
CA TYR B 51 -13.47 -28.19 2.65
C TYR B 51 -12.41 -28.97 3.41
N LYS B 52 -11.37 -29.36 2.68
CA LYS B 52 -10.25 -30.10 3.24
C LYS B 52 -8.97 -29.37 2.83
N LEU B 53 -8.17 -28.96 3.81
CA LEU B 53 -6.92 -28.28 3.51
C LEU B 53 -5.86 -29.31 3.15
N THR B 54 -5.18 -29.09 2.03
CA THR B 54 -4.12 -29.99 1.60
C THR B 54 -2.90 -29.15 1.21
N ILE B 55 -1.71 -29.62 1.56
CA ILE B 55 -0.51 -28.88 1.23
C ILE B 55 0.00 -29.33 -0.13
N VAL B 56 0.25 -28.35 -1.00
CA VAL B 56 0.74 -28.62 -2.35
C VAL B 56 1.87 -29.65 -2.32
N GLY B 57 1.71 -30.69 -3.12
CA GLY B 57 2.68 -31.78 -3.17
C GLY B 57 4.13 -31.43 -3.42
N ASP B 58 4.41 -30.54 -4.38
CA ASP B 58 5.79 -30.20 -4.68
C ASP B 58 6.31 -28.97 -3.93
N GLY B 59 5.48 -28.43 -3.03
CA GLY B 59 5.87 -27.28 -2.23
C GLY B 59 6.15 -25.99 -2.97
N LYS B 60 5.61 -25.85 -4.17
CA LYS B 60 5.85 -24.66 -4.99
C LYS B 60 4.58 -23.84 -5.25
N TYR B 61 4.78 -22.57 -5.61
CA TYR B 61 3.65 -21.69 -5.90
C TYR B 61 3.08 -21.97 -7.29
N GLY B 62 3.93 -22.01 -8.29
CA GLY B 62 3.44 -22.29 -9.62
C GLY B 62 4.11 -21.56 -10.77
N ALA B 63 4.73 -22.33 -11.65
CA ALA B 63 5.41 -21.78 -12.82
C ALA B 63 5.26 -22.78 -13.96
N ARG B 64 5.32 -22.28 -15.19
CA ARG B 64 5.21 -23.17 -16.35
C ARG B 64 6.59 -23.47 -16.89
N ASP B 65 6.93 -24.76 -16.97
CA ASP B 65 8.23 -25.18 -17.48
C ASP B 65 8.36 -24.78 -18.95
N ALA B 66 9.47 -24.15 -19.30
CA ALA B 66 9.71 -23.70 -20.67
C ALA B 66 9.74 -24.85 -21.67
N ASP B 67 10.26 -26.00 -21.25
CA ASP B 67 10.33 -27.14 -22.14
C ASP B 67 9.04 -27.94 -22.25
N THR B 68 8.63 -28.56 -21.15
CA THR B 68 7.41 -29.37 -21.12
C THR B 68 6.11 -28.55 -21.17
N LYS B 69 6.19 -27.27 -20.79
CA LYS B 69 5.02 -26.40 -20.78
C LYS B 69 4.04 -26.82 -19.69
N ILE B 70 4.52 -27.65 -18.77
CA ILE B 70 3.70 -28.15 -17.67
C ILE B 70 3.76 -27.24 -16.45
N TRP B 71 2.61 -26.97 -15.84
CA TRP B 71 2.54 -26.12 -14.66
C TRP B 71 2.79 -26.94 -13.39
N ASN B 72 3.61 -26.40 -12.49
CA ASN B 72 3.87 -27.09 -11.23
C ASN B 72 3.21 -26.28 -10.11
N GLY B 73 3.49 -26.67 -8.87
CA GLY B 73 2.94 -25.97 -7.72
C GLY B 73 1.44 -25.93 -7.59
N MET B 74 0.95 -24.96 -6.82
CA MET B 74 -0.48 -24.81 -6.60
C MET B 74 -1.22 -24.52 -7.90
N VAL B 75 -0.60 -23.74 -8.78
CA VAL B 75 -1.23 -23.44 -10.05
C VAL B 75 -1.46 -24.74 -10.81
N GLY B 76 -0.44 -25.59 -10.83
CA GLY B 76 -0.55 -26.87 -11.49
C GLY B 76 -1.66 -27.73 -10.91
N GLU B 77 -1.78 -27.78 -9.58
CA GLU B 77 -2.83 -28.59 -8.98
C GLU B 77 -4.21 -28.14 -9.46
N LEU B 78 -4.39 -26.84 -9.69
CA LEU B 78 -5.68 -26.35 -10.16
C LEU B 78 -5.86 -26.67 -11.64
N VAL B 79 -4.84 -26.39 -12.43
CA VAL B 79 -4.86 -26.63 -13.88
C VAL B 79 -5.15 -28.07 -14.24
N TYR B 80 -4.57 -29.02 -13.50
CA TYR B 80 -4.77 -30.43 -13.82
C TYR B 80 -5.89 -31.12 -13.04
N GLY B 81 -6.67 -30.32 -12.30
CA GLY B 81 -7.79 -30.85 -11.57
C GLY B 81 -7.51 -31.61 -10.28
N LYS B 82 -6.36 -31.35 -9.66
CA LYS B 82 -6.00 -32.02 -8.41
C LYS B 82 -6.58 -31.29 -7.20
N ALA B 83 -6.91 -30.02 -7.37
CA ALA B 83 -7.49 -29.20 -6.31
C ALA B 83 -8.61 -28.34 -6.88
N ASP B 84 -9.55 -27.94 -6.04
CA ASP B 84 -10.69 -27.15 -6.46
C ASP B 84 -10.49 -25.65 -6.27
N ILE B 85 -9.58 -25.30 -5.37
CA ILE B 85 -9.32 -23.89 -5.08
C ILE B 85 -7.98 -23.77 -4.36
N ALA B 86 -7.31 -22.63 -4.52
CA ALA B 86 -6.04 -22.38 -3.85
C ALA B 86 -6.26 -21.17 -2.98
N ILE B 87 -6.01 -21.32 -1.68
CA ILE B 87 -6.16 -20.23 -0.72
C ILE B 87 -4.79 -20.14 -0.06
N ALA B 88 -3.96 -19.23 -0.58
CA ALA B 88 -2.60 -19.05 -0.11
C ALA B 88 -2.05 -17.71 -0.61
N PRO B 89 -0.80 -17.38 -0.24
CA PRO B 89 -0.24 -16.11 -0.71
C PRO B 89 0.19 -16.28 -2.17
N LEU B 90 -0.79 -16.52 -3.04
CA LEU B 90 -0.56 -16.73 -4.46
C LEU B 90 -0.74 -15.41 -5.21
N THR B 91 0.36 -14.93 -5.79
CA THR B 91 0.35 -13.66 -6.50
C THR B 91 -0.40 -13.67 -7.82
N ILE B 92 -1.27 -12.67 -8.00
CA ILE B 92 -2.03 -12.54 -9.23
C ILE B 92 -1.07 -12.03 -10.30
N THR B 93 -0.89 -12.82 -11.36
CA THR B 93 -0.02 -12.43 -12.47
C THR B 93 -0.72 -12.73 -13.79
N LEU B 94 -0.29 -12.06 -14.85
CA LEU B 94 -0.88 -12.26 -16.17
C LEU B 94 -0.79 -13.70 -16.67
N VAL B 95 0.40 -14.29 -16.66
CA VAL B 95 0.52 -15.65 -17.14
C VAL B 95 -0.35 -16.63 -16.36
N ARG B 96 -0.59 -16.35 -15.09
CA ARG B 96 -1.45 -17.25 -14.32
C ARG B 96 -2.92 -17.01 -14.63
N GLU B 97 -3.33 -15.74 -14.71
CA GLU B 97 -4.73 -15.45 -14.99
C GLU B 97 -5.15 -15.99 -16.35
N GLU B 98 -4.17 -16.27 -17.20
CA GLU B 98 -4.47 -16.82 -18.51
C GLU B 98 -4.90 -18.28 -18.41
N VAL B 99 -4.52 -18.95 -17.31
CA VAL B 99 -4.90 -20.37 -17.14
C VAL B 99 -5.80 -20.69 -15.95
N ILE B 100 -5.85 -19.80 -14.95
CA ILE B 100 -6.73 -20.02 -13.81
C ILE B 100 -7.44 -18.70 -13.50
N ASP B 101 -8.47 -18.76 -12.66
CA ASP B 101 -9.21 -17.55 -12.29
C ASP B 101 -8.74 -17.06 -10.93
N PHE B 102 -8.71 -15.74 -10.75
CA PHE B 102 -8.31 -15.14 -9.47
C PHE B 102 -9.44 -14.24 -8.97
N SER B 103 -9.62 -14.23 -7.65
CA SER B 103 -10.61 -13.36 -7.05
C SER B 103 -9.93 -12.00 -7.00
N LYS B 104 -10.66 -10.98 -6.60
CA LYS B 104 -10.05 -9.66 -6.44
C LYS B 104 -9.03 -9.93 -5.33
N PRO B 105 -7.95 -9.13 -5.27
CA PRO B 105 -6.94 -9.36 -4.23
C PRO B 105 -7.38 -9.19 -2.79
N PHE B 106 -6.89 -10.06 -1.91
CA PHE B 106 -7.23 -9.98 -0.50
C PHE B 106 -6.09 -9.40 0.35
N MET B 107 -4.93 -9.21 -0.28
CA MET B 107 -3.78 -8.64 0.41
C MET B 107 -2.86 -7.98 -0.61
N SER B 108 -2.31 -6.83 -0.24
CA SER B 108 -1.41 -6.11 -1.12
C SER B 108 0.03 -6.43 -0.75
N LEU B 109 0.92 -6.36 -1.74
CA LEU B 109 2.33 -6.61 -1.50
C LEU B 109 3.17 -6.12 -2.66
N GLY B 110 4.48 -6.11 -2.44
CA GLY B 110 5.42 -5.71 -3.46
C GLY B 110 6.74 -6.40 -3.19
N ILE B 111 7.53 -6.62 -4.23
CA ILE B 111 8.83 -7.25 -4.03
C ILE B 111 9.65 -6.30 -3.18
N SER B 112 10.39 -6.83 -2.21
CA SER B 112 11.19 -6.00 -1.33
C SER B 112 12.53 -6.65 -1.01
N ILE B 113 13.39 -5.92 -0.31
CA ILE B 113 14.71 -6.42 0.05
C ILE B 113 14.84 -6.73 1.53
N MET B 114 15.34 -7.93 1.83
CA MET B 114 15.58 -8.34 3.21
C MET B 114 17.09 -8.42 3.40
N ILE B 115 17.59 -7.76 4.45
CA ILE B 115 19.02 -7.81 4.73
C ILE B 115 19.26 -8.21 6.18
N LYS B 116 20.46 -8.67 6.46
CA LYS B 116 20.86 -9.00 7.82
C LYS B 116 21.15 -7.59 8.36
N LYS B 117 20.71 -7.27 9.57
CA LYS B 117 20.95 -5.93 10.11
C LYS B 117 22.41 -5.53 9.99
N GLY B 118 22.66 -4.30 9.55
CA GLY B 118 24.02 -3.81 9.41
C GLY B 118 24.56 -3.88 8.00
N THR B 119 23.87 -4.61 7.12
CA THR B 119 24.30 -4.71 5.73
C THR B 119 24.23 -3.34 5.05
N PRO B 120 25.32 -2.91 4.41
CA PRO B 120 25.37 -1.61 3.74
C PRO B 120 24.63 -1.58 2.40
N ILE B 121 23.32 -1.76 2.46
CA ILE B 121 22.45 -1.78 1.30
C ILE B 121 21.14 -1.09 1.68
N GLU B 122 20.67 -0.17 0.84
CA GLU B 122 19.43 0.55 1.12
C GLU B 122 18.42 0.46 -0.01
N SER B 123 18.81 -0.09 -1.15
CA SER B 123 17.90 -0.18 -2.29
C SER B 123 18.35 -1.19 -3.34
N ALA B 124 17.48 -1.40 -4.32
CA ALA B 124 17.80 -2.33 -5.40
C ALA B 124 18.97 -1.76 -6.18
N GLU B 125 18.94 -0.45 -6.39
CA GLU B 125 20.01 0.22 -7.11
C GLU B 125 21.34 -0.11 -6.44
N ASP B 126 21.38 0.00 -5.11
CA ASP B 126 22.58 -0.31 -4.35
C ASP B 126 23.09 -1.72 -4.64
N LEU B 127 22.18 -2.69 -4.59
CA LEU B 127 22.56 -4.08 -4.84
C LEU B 127 23.16 -4.24 -6.23
N SER B 128 22.55 -3.59 -7.22
CA SER B 128 22.99 -3.68 -8.61
C SER B 128 24.33 -3.04 -8.92
N LYS B 129 24.77 -2.11 -8.08
CA LYS B 129 26.04 -1.41 -8.31
C LYS B 129 27.22 -1.98 -7.53
N GLN B 130 27.06 -3.19 -7.00
CA GLN B 130 28.13 -3.81 -6.25
C GLN B 130 28.11 -5.32 -6.48
N THR B 131 29.15 -6.01 -6.03
CA THR B 131 29.25 -7.45 -6.21
C THR B 131 29.67 -8.19 -4.94
N GLU B 132 30.02 -7.43 -3.91
CA GLU B 132 30.45 -8.01 -2.64
C GLU B 132 29.32 -8.82 -2.00
N ILE B 133 28.11 -8.29 -2.08
CA ILE B 133 26.95 -8.93 -1.50
C ILE B 133 26.10 -9.63 -2.56
N ALA B 134 25.89 -10.93 -2.39
CA ALA B 134 25.11 -11.72 -3.32
C ALA B 134 23.64 -11.52 -2.98
N TYR B 135 22.76 -11.78 -3.95
CA TYR B 135 21.34 -11.65 -3.71
C TYR B 135 20.56 -12.50 -4.70
N GLY B 136 19.43 -13.03 -4.25
CA GLY B 136 18.61 -13.87 -5.10
C GLY B 136 17.15 -13.88 -4.71
N THR B 137 16.40 -14.82 -5.28
CA THR B 137 14.97 -14.93 -5.03
C THR B 137 14.54 -16.38 -4.87
N LEU B 138 13.24 -16.56 -4.65
CA LEU B 138 12.66 -17.89 -4.52
C LEU B 138 12.57 -18.46 -5.93
N ASP B 139 12.56 -19.79 -6.06
CA ASP B 139 12.44 -20.42 -7.37
C ASP B 139 10.96 -20.72 -7.65
N SER B 140 10.62 -20.83 -8.94
CA SER B 140 9.25 -21.16 -9.35
C SER B 140 8.19 -20.19 -8.81
N GLY B 141 8.53 -18.91 -8.73
CA GLY B 141 7.57 -17.94 -8.23
C GLY B 141 7.47 -16.67 -9.04
N SER B 142 6.61 -15.75 -8.59
CA SER B 142 6.41 -14.51 -9.31
C SER B 142 7.58 -13.53 -9.20
N THR B 143 8.34 -13.61 -8.11
CA THR B 143 9.47 -12.69 -7.95
C THR B 143 10.56 -13.00 -8.98
N LYS B 144 10.84 -14.28 -9.19
CA LYS B 144 11.86 -14.64 -10.17
C LYS B 144 11.42 -14.19 -11.56
N GLU B 145 10.15 -14.42 -11.88
CA GLU B 145 9.60 -14.03 -13.18
C GLU B 145 9.66 -12.51 -13.36
N PHE B 146 9.44 -11.76 -12.29
CA PHE B 146 9.49 -10.31 -12.34
C PHE B 146 10.86 -9.86 -12.87
N PHE B 147 11.93 -10.42 -12.31
CA PHE B 147 13.27 -10.04 -12.75
C PHE B 147 13.58 -10.58 -14.14
N ARG B 148 13.08 -11.78 -14.44
CA ARG B 148 13.33 -12.39 -15.73
C ARG B 148 12.75 -11.57 -16.88
N ARG B 149 11.58 -10.97 -16.66
CA ARG B 149 10.92 -10.19 -17.70
C ARG B 149 11.10 -8.67 -17.63
N SER B 150 11.68 -8.16 -16.55
CA SER B 150 11.83 -6.72 -16.42
C SER B 150 12.69 -6.03 -17.48
N LYS B 151 12.21 -4.88 -17.93
CA LYS B 151 12.91 -4.10 -18.92
C LYS B 151 13.49 -2.86 -18.26
N ILE B 152 13.26 -2.74 -16.96
CA ILE B 152 13.76 -1.60 -16.20
C ILE B 152 15.27 -1.79 -16.00
N ALA B 153 16.03 -0.75 -16.34
CA ALA B 153 17.49 -0.78 -16.25
C ALA B 153 18.09 -1.49 -15.03
N VAL B 154 17.72 -1.05 -13.84
CA VAL B 154 18.25 -1.64 -12.61
C VAL B 154 17.89 -3.10 -12.39
N PHE B 155 16.62 -3.45 -12.64
CA PHE B 155 16.19 -4.83 -12.45
C PHE B 155 16.76 -5.77 -13.51
N ASP B 156 16.96 -5.23 -14.71
CA ASP B 156 17.52 -6.01 -15.81
C ASP B 156 18.97 -6.36 -15.46
N LYS B 157 19.66 -5.40 -14.86
CA LYS B 157 21.05 -5.61 -14.46
C LYS B 157 21.10 -6.67 -13.36
N MET B 158 20.15 -6.58 -12.43
CA MET B 158 20.08 -7.55 -11.33
C MET B 158 19.80 -8.95 -11.86
N TRP B 159 18.93 -9.06 -12.85
CA TRP B 159 18.61 -10.37 -13.42
C TRP B 159 19.83 -10.95 -14.13
N THR B 160 20.52 -10.10 -14.89
CA THR B 160 21.71 -10.55 -15.60
C THR B 160 22.70 -11.18 -14.62
N TYR B 161 22.85 -10.55 -13.46
CA TYR B 161 23.74 -11.07 -12.43
C TYR B 161 23.20 -12.37 -11.81
N MET B 162 21.97 -12.32 -11.33
CA MET B 162 21.39 -13.48 -10.68
C MET B 162 21.27 -14.75 -11.52
N ARG B 163 20.87 -14.60 -12.77
CA ARG B 163 20.68 -15.75 -13.64
C ARG B 163 21.91 -16.65 -13.83
N SER B 164 23.11 -16.08 -13.70
CA SER B 164 24.32 -16.88 -13.89
C SER B 164 25.27 -16.87 -12.70
N ALA B 165 24.82 -16.37 -11.55
CA ALA B 165 25.64 -16.32 -10.36
C ALA B 165 25.90 -17.74 -9.84
N GLU B 166 27.10 -17.95 -9.31
CA GLU B 166 27.51 -19.25 -8.77
C GLU B 166 28.17 -19.05 -7.41
N PRO B 167 27.75 -19.82 -6.39
CA PRO B 167 26.70 -20.85 -6.45
C PRO B 167 25.34 -20.19 -6.64
N SER B 168 24.34 -20.97 -7.02
CA SER B 168 23.00 -20.44 -7.24
C SER B 168 22.54 -19.51 -6.12
N VAL B 169 21.97 -18.37 -6.51
CA VAL B 169 21.47 -17.41 -5.53
C VAL B 169 20.00 -17.65 -5.28
N PHE B 170 19.43 -18.65 -5.95
CA PHE B 170 18.01 -18.95 -5.80
C PHE B 170 17.80 -19.99 -4.70
N VAL B 171 16.65 -19.93 -4.04
CA VAL B 171 16.32 -20.87 -2.96
C VAL B 171 15.00 -21.60 -3.21
N ARG B 172 14.84 -22.73 -2.54
CA ARG B 172 13.65 -23.57 -2.71
C ARG B 172 12.43 -23.07 -1.95
N THR B 173 12.66 -22.46 -0.79
CA THR B 173 11.57 -21.96 0.04
C THR B 173 11.97 -20.66 0.71
N THR B 174 10.98 -19.90 1.16
CA THR B 174 11.23 -18.64 1.83
C THR B 174 12.10 -18.88 3.06
N ALA B 175 11.81 -19.95 3.80
CA ALA B 175 12.59 -20.26 5.00
C ALA B 175 14.08 -20.42 4.66
N GLU B 176 14.36 -21.03 3.51
CA GLU B 176 15.74 -21.24 3.08
C GLU B 176 16.40 -19.90 2.78
N GLY B 177 15.68 -18.99 2.13
CA GLY B 177 16.23 -17.69 1.82
C GLY B 177 16.52 -16.91 3.09
N VAL B 178 15.60 -16.98 4.05
CA VAL B 178 15.75 -16.28 5.32
C VAL B 178 16.96 -16.82 6.09
N ALA B 179 17.07 -18.15 6.16
CA ALA B 179 18.19 -18.77 6.85
C ALA B 179 19.52 -18.39 6.19
N ARG B 180 19.51 -18.27 4.86
CA ARG B 180 20.71 -17.93 4.12
C ARG B 180 21.15 -16.50 4.45
N VAL B 181 20.19 -15.60 4.60
CA VAL B 181 20.51 -14.22 4.96
C VAL B 181 21.13 -14.19 6.35
N ARG B 182 20.49 -14.90 7.28
CA ARG B 182 20.93 -14.96 8.67
C ARG B 182 22.30 -15.59 8.93
N LYS B 183 22.70 -16.53 8.09
CA LYS B 183 23.99 -17.19 8.28
C LYS B 183 25.09 -16.65 7.37
N SER B 184 24.77 -15.65 6.57
CA SER B 184 25.75 -15.12 5.63
C SER B 184 26.58 -13.91 6.07
N LYS B 185 26.42 -13.50 7.32
CA LYS B 185 27.17 -12.36 7.85
C LYS B 185 27.03 -11.12 6.97
N GLY B 186 25.84 -10.93 6.41
CA GLY B 186 25.60 -9.77 5.57
C GLY B 186 26.03 -9.89 4.12
N LYS B 187 26.53 -11.05 3.74
CA LYS B 187 26.98 -11.27 2.37
C LYS B 187 25.91 -11.79 1.42
N TYR B 188 24.68 -11.90 1.91
CA TYR B 188 23.56 -12.35 1.08
C TYR B 188 22.33 -11.56 1.48
N ALA B 189 21.63 -11.03 0.47
CA ALA B 189 20.41 -10.28 0.65
C ALA B 189 19.35 -11.07 -0.11
N TYR B 190 18.14 -11.13 0.44
CA TYR B 190 17.08 -11.89 -0.19
C TYR B 190 15.95 -11.00 -0.70
N LEU B 191 15.53 -11.25 -1.94
CA LEU B 191 14.45 -10.48 -2.55
C LEU B 191 13.18 -11.31 -2.40
N LEU B 192 12.22 -10.77 -1.64
CA LEU B 192 10.99 -11.49 -1.41
C LEU B 192 9.84 -10.50 -1.22
N GLU B 193 8.63 -11.00 -1.20
CA GLU B 193 7.47 -10.14 -1.04
C GLU B 193 7.44 -9.46 0.31
N SER B 194 7.03 -8.19 0.31
CA SER B 194 6.98 -7.36 1.51
C SER B 194 6.23 -7.98 2.68
N THR B 195 5.18 -8.72 2.37
CA THR B 195 4.37 -9.38 3.37
C THR B 195 5.23 -10.35 4.19
N MET B 196 5.97 -11.22 3.52
CA MET B 196 6.84 -12.17 4.23
C MET B 196 7.96 -11.42 4.93
N ASN B 197 8.53 -10.44 4.23
CA ASN B 197 9.63 -9.65 4.79
C ASN B 197 9.22 -9.01 6.12
N GLU B 198 8.09 -8.31 6.11
CA GLU B 198 7.57 -7.64 7.29
C GLU B 198 7.23 -8.59 8.43
N TYR B 199 6.82 -9.81 8.08
CA TYR B 199 6.49 -10.80 9.09
C TYR B 199 7.77 -11.25 9.83
N ILE B 200 8.77 -11.66 9.04
CA ILE B 200 10.04 -12.14 9.57
C ILE B 200 10.77 -11.08 10.39
N GLU B 201 10.62 -9.82 9.98
CA GLU B 201 11.27 -8.71 10.67
C GLU B 201 10.81 -8.64 12.13
N GLN B 202 9.64 -9.21 12.41
CA GLN B 202 9.11 -9.21 13.77
C GLN B 202 9.25 -10.56 14.46
N ARG B 203 10.13 -11.42 13.94
CA ARG B 203 10.34 -12.73 14.54
C ARG B 203 11.77 -12.85 15.08
N LYS B 204 11.93 -13.52 16.21
CA LYS B 204 13.25 -13.71 16.78
C LYS B 204 14.05 -14.53 15.77
N PRO B 205 15.38 -14.37 15.76
CA PRO B 205 16.19 -13.50 16.62
C PRO B 205 16.22 -12.01 16.27
N CYS B 206 15.23 -11.54 15.53
CA CYS B 206 15.15 -10.11 15.17
C CYS B 206 16.46 -9.58 14.58
N ASP B 207 17.01 -10.30 13.62
CA ASP B 207 18.27 -9.88 13.01
C ASP B 207 18.16 -9.51 11.54
N THR B 208 16.93 -9.40 11.03
CA THR B 208 16.75 -9.03 9.64
C THR B 208 15.88 -7.80 9.56
N MET B 209 15.87 -7.17 8.39
CA MET B 209 15.02 -6.02 8.22
C MET B 209 14.81 -5.71 6.75
N LYS B 210 13.69 -5.06 6.48
CA LYS B 210 13.32 -4.67 5.14
C LYS B 210 13.95 -3.31 4.90
N VAL B 211 14.52 -3.11 3.71
CA VAL B 211 15.13 -1.83 3.37
C VAL B 211 14.64 -1.36 2.01
N GLY B 212 14.51 -0.05 1.87
CA GLY B 212 14.06 0.53 0.62
C GLY B 212 12.57 0.34 0.40
N GLY B 213 12.06 0.95 -0.67
CA GLY B 213 10.65 0.81 -0.97
C GLY B 213 10.44 -0.46 -1.76
N ASN B 214 9.18 -0.83 -1.95
CA ASN B 214 8.86 -2.03 -2.73
C ASN B 214 9.16 -1.74 -4.19
N LEU B 215 9.54 -2.78 -4.94
CA LEU B 215 9.87 -2.63 -6.35
C LEU B 215 8.66 -2.64 -7.26
N ASP B 216 7.54 -3.15 -6.76
CA ASP B 216 6.32 -3.19 -7.54
C ASP B 216 5.11 -3.20 -6.62
N SER B 217 3.91 -3.23 -7.19
CA SER B 217 2.70 -3.24 -6.38
C SER B 217 1.72 -4.22 -6.97
N LYS B 218 1.36 -5.23 -6.19
CA LYS B 218 0.44 -6.24 -6.68
C LYS B 218 -0.36 -6.86 -5.55
N GLY B 219 -1.03 -7.97 -5.81
CA GLY B 219 -1.80 -8.58 -4.75
C GLY B 219 -1.95 -10.08 -4.83
N TYR B 220 -2.39 -10.67 -3.72
CA TYR B 220 -2.63 -12.11 -3.65
C TYR B 220 -4.12 -12.29 -3.91
N GLY B 221 -4.45 -13.35 -4.62
CA GLY B 221 -5.84 -13.64 -4.89
C GLY B 221 -6.14 -15.11 -4.66
N ILE B 222 -7.41 -15.41 -4.42
CA ILE B 222 -7.82 -16.79 -4.22
C ILE B 222 -8.05 -17.31 -5.64
N ALA B 223 -7.44 -18.44 -5.97
CA ALA B 223 -7.54 -18.98 -7.32
C ALA B 223 -8.38 -20.25 -7.46
N THR B 224 -9.06 -20.34 -8.60
CA THR B 224 -9.90 -21.48 -8.92
C THR B 224 -9.66 -21.87 -10.37
N PRO B 225 -9.96 -23.12 -10.74
CA PRO B 225 -9.76 -23.55 -12.13
C PRO B 225 -10.71 -22.75 -13.02
N LYS B 226 -10.34 -22.54 -14.28
CA LYS B 226 -11.22 -21.80 -15.17
C LYS B 226 -12.57 -22.51 -15.26
N GLY B 227 -13.64 -21.73 -15.28
CA GLY B 227 -14.97 -22.32 -15.38
C GLY B 227 -15.50 -22.93 -14.10
N SER B 228 -14.80 -22.70 -12.99
CA SER B 228 -15.24 -23.25 -11.72
C SER B 228 -16.53 -22.56 -11.26
N SER B 229 -17.44 -23.33 -10.69
CA SER B 229 -18.69 -22.78 -10.20
C SER B 229 -18.48 -22.03 -8.89
N LEU B 230 -17.26 -22.12 -8.35
CA LEU B 230 -16.93 -21.45 -7.09
C LEU B 230 -16.41 -20.04 -7.28
N GLY B 231 -15.84 -19.77 -8.45
CA GLY B 231 -15.27 -18.46 -8.73
C GLY B 231 -16.07 -17.22 -8.35
N ASN B 232 -17.31 -17.15 -8.82
CA ASN B 232 -18.17 -16.01 -8.52
C ASN B 232 -18.38 -15.76 -7.04
N ALA B 233 -18.82 -16.79 -6.33
CA ALA B 233 -19.09 -16.67 -4.90
C ALA B 233 -17.83 -16.31 -4.10
N VAL B 234 -16.71 -16.90 -4.49
CA VAL B 234 -15.45 -16.63 -3.79
C VAL B 234 -15.01 -15.19 -3.97
N ASN B 235 -15.19 -14.67 -5.18
CA ASN B 235 -14.82 -13.29 -5.46
C ASN B 235 -15.65 -12.34 -4.60
N LEU B 236 -16.97 -12.55 -4.61
CA LEU B 236 -17.86 -11.70 -3.82
C LEU B 236 -17.54 -11.83 -2.33
N ALA B 237 -17.14 -13.03 -1.91
CA ALA B 237 -16.81 -13.26 -0.52
C ALA B 237 -15.60 -12.43 -0.12
N VAL B 238 -14.58 -12.39 -0.98
CA VAL B 238 -13.39 -11.61 -0.68
C VAL B 238 -13.75 -10.14 -0.49
N LEU B 239 -14.60 -9.61 -1.37
CA LEU B 239 -15.02 -8.21 -1.27
C LEU B 239 -15.74 -7.95 0.04
N LYS B 240 -16.60 -8.87 0.45
CA LYS B 240 -17.33 -8.70 1.70
C LYS B 240 -16.38 -8.72 2.90
N LEU B 241 -15.43 -9.66 2.89
CA LEU B 241 -14.48 -9.76 3.98
C LEU B 241 -13.67 -8.48 4.12
N ASN B 242 -13.28 -7.89 2.99
CA ASN B 242 -12.51 -6.66 3.05
C ASN B 242 -13.34 -5.54 3.66
N GLU B 243 -14.55 -5.37 3.16
CA GLU B 243 -15.43 -4.32 3.65
C GLU B 243 -15.87 -4.48 5.10
N GLN B 244 -15.85 -5.71 5.61
CA GLN B 244 -16.23 -5.94 7.00
C GLN B 244 -15.04 -5.74 7.93
N GLY B 245 -13.89 -5.43 7.33
CA GLY B 245 -12.68 -5.21 8.11
C GLY B 245 -12.01 -6.50 8.56
N LEU B 246 -12.53 -7.64 8.10
CA LEU B 246 -11.99 -8.95 8.49
C LEU B 246 -10.55 -9.15 8.02
N LEU B 247 -10.27 -8.83 6.76
CA LEU B 247 -8.92 -9.01 6.24
C LEU B 247 -7.91 -8.19 7.06
N ASP B 248 -8.29 -6.97 7.44
CA ASP B 248 -7.39 -6.13 8.22
C ASP B 248 -7.18 -6.73 9.61
N LYS B 249 -8.24 -7.31 10.17
CA LYS B 249 -8.16 -7.93 11.48
C LYS B 249 -7.20 -9.12 11.43
N LEU B 250 -7.32 -9.94 10.38
CA LEU B 250 -6.45 -11.10 10.24
C LEU B 250 -4.99 -10.70 10.04
N LYS B 251 -4.75 -9.62 9.31
CA LYS B 251 -3.40 -9.13 9.06
C LYS B 251 -2.73 -8.76 10.38
N ASN B 252 -3.44 -7.98 11.18
CA ASN B 252 -2.94 -7.54 12.48
C ASN B 252 -2.71 -8.74 13.40
N LYS B 253 -3.64 -9.68 13.38
CA LYS B 253 -3.55 -10.87 14.22
C LYS B 253 -2.28 -11.68 13.98
N TRP B 254 -1.98 -11.93 12.71
CA TRP B 254 -0.82 -12.75 12.37
C TRP B 254 0.52 -12.06 12.14
N TRP B 255 0.52 -10.74 12.02
CA TRP B 255 1.76 -10.02 11.79
C TRP B 255 2.24 -9.23 13.01
N TYR B 256 1.41 -8.31 13.46
CA TYR B 256 1.73 -7.42 14.58
C TYR B 256 1.43 -7.97 15.97
N ASP B 257 0.26 -8.57 16.15
CA ASP B 257 -0.08 -9.11 17.46
C ASP B 257 0.86 -10.25 17.80
N LYS B 258 1.42 -10.88 16.78
CA LYS B 258 2.34 -11.98 17.00
C LYS B 258 3.77 -11.53 17.18
N GLY B 259 4.03 -10.25 16.88
CA GLY B 259 5.38 -9.70 16.99
C GLY B 259 6.20 -10.17 18.18
N GLU B 260 7.44 -10.53 17.92
CA GLU B 260 8.36 -11.01 18.95
C GLU B 260 9.53 -10.07 19.17
N CYS B 261 9.58 -8.98 18.42
CA CYS B 261 10.67 -8.03 18.53
C CYS B 261 10.25 -6.69 19.12
N LYS C 4 46.58 -46.42 -40.89
CA LYS C 4 46.91 -45.13 -41.56
C LYS C 4 47.76 -44.25 -40.66
N THR C 5 48.60 -43.43 -41.27
CA THR C 5 49.46 -42.52 -40.52
C THR C 5 48.59 -41.41 -39.94
N VAL C 6 48.67 -41.23 -38.62
CA VAL C 6 47.90 -40.23 -37.92
C VAL C 6 48.46 -38.83 -38.12
N VAL C 7 47.63 -37.91 -38.60
CA VAL C 7 48.07 -36.54 -38.80
C VAL C 7 47.89 -35.78 -37.48
N VAL C 8 49.01 -35.31 -36.94
CA VAL C 8 49.00 -34.59 -35.68
C VAL C 8 49.15 -33.10 -35.92
N THR C 9 48.23 -32.29 -35.39
CA THR C 9 48.37 -30.85 -35.54
C THR C 9 48.95 -30.33 -34.23
N THR C 10 49.91 -29.43 -34.33
CA THR C 10 50.52 -28.88 -33.14
C THR C 10 50.90 -27.45 -33.46
N ILE C 11 51.53 -26.77 -32.51
CA ILE C 11 51.88 -25.38 -32.71
C ILE C 11 53.31 -25.09 -32.27
N LEU C 12 54.00 -24.20 -32.99
CA LEU C 12 55.36 -23.83 -32.60
C LEU C 12 55.24 -22.90 -31.42
N GLU C 13 55.52 -23.45 -30.25
CA GLU C 13 55.43 -22.72 -28.98
C GLU C 13 56.46 -23.34 -28.06
N SER C 14 57.44 -22.56 -27.61
CA SER C 14 58.47 -23.08 -26.72
C SER C 14 57.92 -23.29 -25.32
N PRO C 15 58.31 -24.39 -24.64
CA PRO C 15 59.23 -25.43 -25.09
C PRO C 15 58.49 -26.70 -25.53
N TYR C 16 57.25 -26.54 -25.97
CA TYR C 16 56.42 -27.69 -26.39
C TYR C 16 56.86 -28.26 -27.74
N VAL C 17 57.00 -27.39 -28.74
CA VAL C 17 57.43 -27.79 -30.07
C VAL C 17 58.31 -26.67 -30.60
N MET C 18 59.57 -27.00 -30.88
CA MET C 18 60.52 -26.03 -31.38
C MET C 18 61.32 -26.66 -32.52
N MET C 19 61.80 -25.84 -33.45
CA MET C 19 62.61 -26.36 -34.54
C MET C 19 63.99 -26.63 -33.98
N LYS C 20 64.55 -27.80 -34.27
CA LYS C 20 65.89 -28.13 -33.79
C LYS C 20 66.90 -27.18 -34.41
N LYS C 21 68.02 -26.98 -33.71
CA LYS C 21 69.04 -26.09 -34.22
C LYS C 21 69.39 -26.34 -35.68
N ASN C 22 69.68 -27.60 -36.01
CA ASN C 22 70.02 -27.95 -37.38
C ASN C 22 68.86 -28.59 -38.13
N HIS C 23 67.66 -28.04 -37.94
CA HIS C 23 66.45 -28.56 -38.59
C HIS C 23 66.54 -28.58 -40.11
N GLU C 24 67.26 -27.62 -40.69
CA GLU C 24 67.39 -27.56 -42.13
C GLU C 24 67.90 -28.83 -42.78
N MET C 25 68.65 -29.62 -42.03
CA MET C 25 69.23 -30.87 -42.54
C MET C 25 68.40 -32.09 -42.14
N LEU C 26 67.26 -31.85 -41.51
CA LEU C 26 66.41 -32.94 -41.05
C LEU C 26 65.08 -33.00 -41.80
N GLU C 27 64.38 -34.12 -41.69
CA GLU C 27 63.11 -34.25 -42.37
C GLU C 27 62.01 -34.81 -41.47
N GLY C 28 60.77 -34.53 -41.84
CA GLY C 28 59.64 -35.03 -41.08
C GLY C 28 59.65 -34.65 -39.61
N ASN C 29 59.23 -35.58 -38.76
CA ASN C 29 59.17 -35.33 -37.31
C ASN C 29 60.51 -35.00 -36.68
N GLU C 30 61.60 -35.44 -37.31
CA GLU C 30 62.94 -35.19 -36.78
C GLU C 30 63.33 -33.71 -36.73
N ARG C 31 62.60 -32.87 -37.46
CA ARG C 31 62.89 -31.44 -37.48
C ARG C 31 62.54 -30.75 -36.18
N TYR C 32 61.69 -31.38 -35.39
CA TYR C 32 61.21 -30.79 -34.14
C TYR C 32 61.65 -31.46 -32.84
N GLU C 33 61.59 -30.68 -31.76
CA GLU C 33 61.94 -31.16 -30.43
C GLU C 33 61.12 -30.37 -29.42
N GLY C 34 60.95 -30.92 -28.23
CA GLY C 34 60.18 -30.24 -27.21
C GLY C 34 59.32 -31.19 -26.42
N TYR C 35 58.67 -30.66 -25.39
CA TYR C 35 57.82 -31.46 -24.52
C TYR C 35 56.74 -32.22 -25.27
N CYS C 36 56.02 -31.55 -26.17
CA CYS C 36 54.96 -32.20 -26.93
C CYS C 36 55.50 -33.14 -28.01
N VAL C 37 56.73 -32.92 -28.44
CA VAL C 37 57.33 -33.80 -29.44
C VAL C 37 57.60 -35.12 -28.72
N ASP C 38 58.11 -35.02 -27.49
CA ASP C 38 58.39 -36.20 -26.69
C ASP C 38 57.08 -36.89 -26.30
N LEU C 39 56.08 -36.09 -25.94
CA LEU C 39 54.78 -36.65 -25.54
C LEU C 39 54.13 -37.39 -26.72
N ALA C 40 54.17 -36.78 -27.91
CA ALA C 40 53.59 -37.39 -29.10
C ALA C 40 54.20 -38.77 -29.34
N ALA C 41 55.51 -38.86 -29.21
CA ALA C 41 56.21 -40.12 -29.42
C ALA C 41 55.75 -41.18 -28.42
N GLU C 42 55.58 -40.77 -27.17
CA GLU C 42 55.14 -41.68 -26.12
C GLU C 42 53.70 -42.14 -26.36
N ILE C 43 52.82 -41.19 -26.66
CA ILE C 43 51.42 -41.51 -26.91
C ILE C 43 51.30 -42.46 -28.09
N ALA C 44 52.03 -42.18 -29.16
CA ALA C 44 51.98 -43.04 -30.35
C ALA C 44 52.49 -44.45 -30.03
N LYS C 45 53.54 -44.53 -29.23
CA LYS C 45 54.11 -45.82 -28.87
C LYS C 45 53.08 -46.67 -28.13
N HIS C 46 52.46 -46.08 -27.10
CA HIS C 46 51.47 -46.79 -26.30
C HIS C 46 50.16 -47.08 -27.02
N CYS C 47 49.79 -46.25 -27.98
CA CYS C 47 48.55 -46.45 -28.73
C CYS C 47 48.76 -47.24 -30.01
N GLY C 48 50.02 -47.48 -30.34
CA GLY C 48 50.35 -48.26 -31.53
C GLY C 48 50.06 -47.65 -32.89
N PHE C 49 50.39 -46.37 -33.08
CA PHE C 49 50.17 -45.77 -34.38
C PHE C 49 51.38 -44.97 -34.87
N LYS C 50 51.49 -44.83 -36.18
CA LYS C 50 52.56 -44.05 -36.78
C LYS C 50 51.95 -42.67 -36.97
N TYR C 51 52.77 -41.62 -36.96
CA TYR C 51 52.23 -40.28 -37.09
C TYR C 51 53.14 -39.30 -37.82
N LYS C 52 52.56 -38.17 -38.19
CA LYS C 52 53.27 -37.09 -38.85
C LYS C 52 52.91 -35.79 -38.15
N LEU C 53 53.93 -35.10 -37.64
CA LEU C 53 53.71 -33.82 -36.97
C LEU C 53 53.52 -32.72 -38.01
N THR C 54 52.49 -31.91 -37.84
CA THR C 54 52.23 -30.81 -38.76
C THR C 54 51.95 -29.56 -37.95
N ILE C 55 52.54 -28.45 -38.35
CA ILE C 55 52.34 -27.19 -37.64
C ILE C 55 51.06 -26.52 -38.13
N VAL C 56 50.16 -26.24 -37.19
CA VAL C 56 48.88 -25.61 -37.51
C VAL C 56 49.04 -24.47 -38.53
N GLY C 57 48.29 -24.58 -39.61
CA GLY C 57 48.36 -23.59 -40.68
C GLY C 57 48.29 -22.12 -40.33
N ASP C 58 47.35 -21.73 -39.49
CA ASP C 58 47.20 -20.33 -39.13
C ASP C 58 47.91 -19.91 -37.85
N GLY C 59 48.69 -20.83 -37.27
CA GLY C 59 49.43 -20.55 -36.06
C GLY C 59 48.64 -20.19 -34.82
N LYS C 60 47.36 -20.55 -34.80
CA LYS C 60 46.48 -20.24 -33.68
C LYS C 60 46.05 -21.47 -32.90
N TYR C 61 45.64 -21.26 -31.65
CA TYR C 61 45.19 -22.36 -30.81
C TYR C 61 43.77 -22.77 -31.20
N GLY C 62 42.87 -21.80 -31.24
CA GLY C 62 41.51 -22.11 -31.62
C GLY C 62 40.41 -21.28 -30.99
N ALA C 63 39.65 -20.59 -31.82
CA ALA C 63 38.54 -19.77 -31.36
C ALA C 63 37.48 -19.80 -32.44
N ARG C 64 36.23 -19.56 -32.04
CA ARG C 64 35.12 -19.57 -32.99
C ARG C 64 34.70 -18.15 -33.35
N ASP C 65 34.60 -17.89 -34.64
CA ASP C 65 34.19 -16.59 -35.15
C ASP C 65 32.74 -16.35 -34.74
N ALA C 66 32.50 -15.27 -33.99
CA ALA C 66 31.17 -14.93 -33.51
C ALA C 66 30.13 -14.72 -34.59
N ASP C 67 30.56 -14.44 -35.81
CA ASP C 67 29.63 -14.19 -36.91
C ASP C 67 29.41 -15.37 -37.85
N THR C 68 30.49 -16.01 -38.28
CA THR C 68 30.38 -17.14 -39.19
C THR C 68 30.30 -18.46 -38.42
N LYS C 69 30.70 -18.41 -37.15
CA LYS C 69 30.71 -19.60 -36.29
C LYS C 69 31.75 -20.60 -36.77
N ILE C 70 32.72 -20.13 -37.54
CA ILE C 70 33.79 -21.00 -38.05
C ILE C 70 34.97 -21.03 -37.08
N TRP C 71 35.46 -22.24 -36.79
CA TRP C 71 36.60 -22.42 -35.88
C TRP C 71 37.94 -22.32 -36.60
N ASN C 72 38.90 -21.64 -35.97
CA ASN C 72 40.23 -21.52 -36.54
C ASN C 72 41.22 -22.30 -35.67
N GLY C 73 42.50 -22.17 -35.96
CA GLY C 73 43.53 -22.84 -35.18
C GLY C 73 43.51 -24.34 -35.20
N MET C 74 44.15 -24.94 -34.19
CA MET C 74 44.20 -26.40 -34.10
C MET C 74 42.80 -26.99 -33.90
N VAL C 75 41.94 -26.27 -33.18
CA VAL C 75 40.58 -26.74 -32.95
C VAL C 75 39.88 -26.87 -34.30
N GLY C 76 40.05 -25.85 -35.14
CA GLY C 76 39.44 -25.87 -36.45
C GLY C 76 39.97 -27.01 -37.30
N GLU C 77 41.27 -27.28 -37.22
CA GLU C 77 41.84 -28.37 -38.01
C GLU C 77 41.21 -29.71 -37.63
N LEU C 78 40.88 -29.88 -36.34
CA LEU C 78 40.24 -31.12 -35.92
C LEU C 78 38.78 -31.14 -36.35
N VAL C 79 38.09 -30.03 -36.09
CA VAL C 79 36.68 -29.88 -36.43
C VAL C 79 36.36 -30.13 -37.91
N TYR C 80 37.22 -29.63 -38.79
CA TYR C 80 36.99 -29.77 -40.22
C TYR C 80 37.73 -30.93 -40.88
N GLY C 81 38.28 -31.82 -40.05
CA GLY C 81 38.97 -33.00 -40.56
C GLY C 81 40.31 -32.83 -41.23
N LYS C 82 41.05 -31.78 -40.90
CA LYS C 82 42.35 -31.55 -41.50
C LYS C 82 43.44 -32.28 -40.70
N ALA C 83 43.13 -32.62 -39.45
CA ALA C 83 44.06 -33.32 -38.58
C ALA C 83 43.30 -34.37 -37.78
N ASP C 84 44.00 -35.42 -37.37
CA ASP C 84 43.37 -36.50 -36.60
C ASP C 84 43.50 -36.33 -35.09
N ILE C 85 44.47 -35.53 -34.66
CA ILE C 85 44.69 -35.36 -33.24
C ILE C 85 45.55 -34.13 -33.03
N ALA C 86 45.37 -33.46 -31.89
CA ALA C 86 46.15 -32.28 -31.55
C ALA C 86 46.94 -32.60 -30.28
N ILE C 87 48.26 -32.50 -30.38
CA ILE C 87 49.12 -32.74 -29.24
C ILE C 87 49.90 -31.44 -29.05
N ALA C 88 49.39 -30.61 -28.16
CA ALA C 88 49.99 -29.30 -27.90
C ALA C 88 49.43 -28.74 -26.60
N PRO C 89 49.89 -27.55 -26.18
CA PRO C 89 49.38 -26.96 -24.93
C PRO C 89 48.01 -26.35 -25.20
N LEU C 90 47.05 -27.22 -25.52
CA LEU C 90 45.68 -26.80 -25.83
C LEU C 90 44.83 -26.90 -24.56
N THR C 91 44.36 -25.75 -24.10
CA THR C 91 43.56 -25.69 -22.89
C THR C 91 42.16 -26.27 -23.01
N ILE C 92 41.81 -27.11 -22.04
CA ILE C 92 40.50 -27.74 -22.01
C ILE C 92 39.49 -26.67 -21.56
N THR C 93 38.52 -26.37 -22.43
CA THR C 93 37.51 -25.38 -22.10
C THR C 93 36.14 -25.93 -22.51
N LEU C 94 35.10 -25.36 -21.90
CA LEU C 94 33.74 -25.78 -22.19
C LEU C 94 33.36 -25.62 -23.65
N VAL C 95 33.58 -24.45 -24.23
CA VAL C 95 33.20 -24.23 -25.62
C VAL C 95 33.91 -25.17 -26.58
N ARG C 96 35.13 -25.58 -26.26
CA ARG C 96 35.86 -26.50 -27.11
C ARG C 96 35.37 -27.93 -26.91
N GLU C 97 35.11 -28.29 -25.66
CA GLU C 97 34.64 -29.63 -25.30
C GLU C 97 33.33 -29.93 -26.01
N GLU C 98 32.63 -28.87 -26.40
CA GLU C 98 31.36 -29.01 -27.11
C GLU C 98 31.51 -29.42 -28.58
N VAL C 99 32.69 -29.18 -29.16
CA VAL C 99 32.93 -29.53 -30.56
C VAL C 99 34.05 -30.56 -30.79
N ILE C 100 34.92 -30.74 -29.80
CA ILE C 100 35.99 -31.73 -29.91
C ILE C 100 36.12 -32.49 -28.60
N ASP C 101 36.87 -33.59 -28.60
CA ASP C 101 37.07 -34.38 -27.39
C ASP C 101 38.44 -34.10 -26.81
N PHE C 102 38.54 -34.16 -25.49
CA PHE C 102 39.79 -33.92 -24.77
C PHE C 102 40.13 -35.10 -23.86
N SER C 103 41.40 -35.45 -23.79
CA SER C 103 41.86 -36.51 -22.91
C SER C 103 41.89 -35.86 -21.53
N LYS C 104 42.11 -36.66 -20.49
CA LYS C 104 42.24 -36.09 -19.17
C LYS C 104 43.48 -35.19 -19.33
N PRO C 105 43.60 -34.14 -18.52
CA PRO C 105 44.76 -33.24 -18.63
C PRO C 105 46.13 -33.85 -18.38
N PHE C 106 47.12 -33.45 -19.19
CA PHE C 106 48.48 -33.96 -19.03
C PHE C 106 49.38 -32.93 -18.35
N MET C 107 48.88 -31.70 -18.20
CA MET C 107 49.65 -30.63 -17.55
C MET C 107 48.70 -29.62 -16.95
N SER C 108 49.04 -29.11 -15.78
CA SER C 108 48.22 -28.11 -15.10
C SER C 108 48.76 -26.70 -15.37
N LEU C 109 47.88 -25.71 -15.32
CA LEU C 109 48.28 -24.34 -15.53
C LEU C 109 47.19 -23.39 -15.09
N GLY C 110 47.53 -22.10 -15.08
CA GLY C 110 46.59 -21.07 -14.70
C GLY C 110 47.06 -19.80 -15.37
N ILE C 111 46.14 -18.86 -15.60
CA ILE C 111 46.52 -17.60 -16.22
C ILE C 111 47.40 -16.88 -15.20
N SER C 112 48.46 -16.23 -15.69
CA SER C 112 49.39 -15.54 -14.80
C SER C 112 49.86 -14.24 -15.43
N ILE C 113 50.62 -13.47 -14.66
CA ILE C 113 51.13 -12.17 -15.12
C ILE C 113 52.64 -12.18 -15.32
N MET C 114 53.08 -11.74 -16.49
CA MET C 114 54.52 -11.65 -16.80
C MET C 114 54.93 -10.19 -16.85
N ILE C 115 55.93 -9.83 -16.05
CA ILE C 115 56.41 -8.46 -16.04
C ILE C 115 57.92 -8.39 -16.29
N LYS C 116 58.36 -7.22 -16.73
CA LYS C 116 59.79 -6.98 -16.92
C LYS C 116 60.25 -6.78 -15.49
N LYS C 117 61.36 -7.40 -15.10
CA LYS C 117 61.83 -7.25 -13.72
C LYS C 117 61.86 -5.79 -13.29
N GLY C 118 61.37 -5.54 -12.07
CA GLY C 118 61.35 -4.18 -11.55
C GLY C 118 60.02 -3.49 -11.71
N THR C 119 59.16 -4.02 -12.57
CA THR C 119 57.85 -3.41 -12.79
C THR C 119 57.04 -3.39 -11.50
N PRO C 120 56.51 -2.21 -11.13
CA PRO C 120 55.70 -1.99 -9.93
C PRO C 120 54.33 -2.66 -9.96
N ILE C 121 54.29 -3.96 -10.23
CA ILE C 121 53.02 -4.70 -10.27
C ILE C 121 53.18 -6.02 -9.54
N GLU C 122 52.23 -6.34 -8.67
CA GLU C 122 52.29 -7.58 -7.91
C GLU C 122 51.06 -8.46 -8.10
N SER C 123 50.04 -7.95 -8.78
CA SER C 123 48.81 -8.71 -8.98
C SER C 123 47.92 -8.14 -10.07
N ALA C 124 46.85 -8.87 -10.39
CA ALA C 124 45.89 -8.44 -11.39
C ALA C 124 45.23 -7.17 -10.87
N GLU C 125 44.91 -7.16 -9.59
CA GLU C 125 44.28 -6.01 -8.95
C GLU C 125 45.12 -4.76 -9.21
N ASP C 126 46.45 -4.90 -9.10
CA ASP C 126 47.36 -3.78 -9.33
C ASP C 126 47.25 -3.25 -10.75
N LEU C 127 47.25 -4.15 -11.73
CA LEU C 127 47.15 -3.73 -13.13
C LEU C 127 45.87 -2.94 -13.41
N SER C 128 44.76 -3.36 -12.81
CA SER C 128 43.48 -2.69 -13.03
C SER C 128 43.38 -1.31 -12.41
N LYS C 129 44.10 -1.08 -11.31
CA LYS C 129 44.05 0.22 -10.62
C LYS C 129 44.94 1.29 -11.24
N GLN C 130 45.57 1.00 -12.36
CA GLN C 130 46.44 1.98 -13.02
C GLN C 130 46.38 1.90 -14.54
N THR C 131 47.00 2.88 -15.21
CA THR C 131 46.98 2.90 -16.65
C THR C 131 48.31 3.22 -17.31
N GLU C 132 49.32 3.52 -16.50
CA GLU C 132 50.64 3.84 -17.03
C GLU C 132 51.27 2.59 -17.66
N ILE C 133 50.93 1.43 -17.10
CA ILE C 133 51.45 0.17 -17.60
C ILE C 133 50.36 -0.56 -18.38
N ALA C 134 50.58 -0.73 -19.67
CA ALA C 134 49.61 -1.42 -20.51
C ALA C 134 49.76 -2.92 -20.34
N TYR C 135 48.69 -3.66 -20.62
CA TYR C 135 48.72 -5.12 -20.50
C TYR C 135 47.70 -5.74 -21.46
N GLY C 136 48.03 -6.91 -21.98
CA GLY C 136 47.14 -7.58 -22.90
C GLY C 136 47.32 -9.09 -22.87
N THR C 137 46.68 -9.78 -23.81
CA THR C 137 46.76 -11.23 -23.88
C THR C 137 46.97 -11.69 -25.31
N LEU C 138 47.03 -13.00 -25.49
CA LEU C 138 47.19 -13.63 -26.79
C LEU C 138 45.84 -13.60 -27.49
N ASP C 139 45.85 -13.64 -28.82
CA ASP C 139 44.62 -13.66 -29.60
C ASP C 139 44.19 -15.09 -29.90
N SER C 140 42.90 -15.27 -30.16
CA SER C 140 42.34 -16.59 -30.50
C SER C 140 42.66 -17.68 -29.50
N GLY C 141 42.77 -17.33 -28.22
CA GLY C 141 43.09 -18.32 -27.21
C GLY C 141 42.16 -18.32 -26.01
N SER C 142 42.39 -19.25 -25.09
CA SER C 142 41.56 -19.37 -23.90
C SER C 142 41.74 -18.22 -22.90
N THR C 143 42.91 -17.59 -22.89
CA THR C 143 43.14 -16.49 -21.97
C THR C 143 42.29 -15.27 -22.33
N LYS C 144 42.20 -14.95 -23.61
CA LYS C 144 41.39 -13.82 -24.04
C LYS C 144 39.93 -14.09 -23.70
N GLU C 145 39.47 -15.31 -23.95
CA GLU C 145 38.08 -15.67 -23.66
C GLU C 145 37.80 -15.53 -22.17
N PHE C 146 38.77 -15.89 -21.33
CA PHE C 146 38.63 -15.80 -19.88
C PHE C 146 38.23 -14.38 -19.46
N PHE C 147 38.94 -13.39 -19.99
CA PHE C 147 38.67 -12.01 -19.64
C PHE C 147 37.38 -11.50 -20.28
N ARG C 148 37.12 -11.92 -21.50
CA ARG C 148 35.91 -11.49 -22.20
C ARG C 148 34.63 -11.95 -21.49
N ARG C 149 34.68 -13.11 -20.83
CA ARG C 149 33.51 -13.64 -20.16
C ARG C 149 33.55 -13.58 -18.63
N SER C 150 34.59 -12.97 -18.06
CA SER C 150 34.70 -12.90 -16.60
C SER C 150 33.73 -11.93 -15.96
N LYS C 151 33.11 -12.37 -14.87
CA LYS C 151 32.17 -11.53 -14.15
C LYS C 151 32.83 -10.92 -12.94
N ILE C 152 34.02 -11.40 -12.62
CA ILE C 152 34.76 -10.90 -11.47
C ILE C 152 35.12 -9.44 -11.71
N ALA C 153 34.86 -8.60 -10.70
CA ALA C 153 35.14 -7.18 -10.81
C ALA C 153 36.48 -6.79 -11.41
N VAL C 154 37.56 -7.28 -10.82
CA VAL C 154 38.89 -6.96 -11.29
C VAL C 154 39.11 -7.35 -12.75
N PHE C 155 38.81 -8.59 -13.09
CA PHE C 155 38.99 -9.07 -14.45
C PHE C 155 38.06 -8.41 -15.44
N ASP C 156 36.86 -8.05 -14.98
CA ASP C 156 35.89 -7.40 -15.84
C ASP C 156 36.41 -6.01 -16.22
N LYS C 157 37.02 -5.34 -15.25
CA LYS C 157 37.56 -4.00 -15.47
C LYS C 157 38.75 -4.09 -16.43
N MET C 158 39.59 -5.10 -16.24
CA MET C 158 40.75 -5.30 -17.10
C MET C 158 40.33 -5.49 -18.55
N TRP C 159 39.29 -6.29 -18.77
CA TRP C 159 38.81 -6.54 -20.13
C TRP C 159 38.29 -5.26 -20.78
N THR C 160 37.53 -4.48 -20.04
CA THR C 160 36.99 -3.23 -20.56
C THR C 160 38.14 -2.37 -21.09
N TYR C 161 39.26 -2.40 -20.38
CA TYR C 161 40.44 -1.64 -20.77
C TYR C 161 41.11 -2.23 -22.02
N MET C 162 41.40 -3.53 -21.95
CA MET C 162 42.08 -4.21 -23.05
C MET C 162 41.31 -4.16 -24.37
N ARG C 163 40.03 -4.48 -24.33
CA ARG C 163 39.20 -4.50 -25.53
C ARG C 163 39.16 -3.16 -26.28
N SER C 164 39.40 -2.07 -25.57
CA SER C 164 39.37 -0.75 -26.19
C SER C 164 40.71 -0.03 -26.22
N ALA C 165 41.74 -0.65 -25.65
CA ALA C 165 43.08 -0.07 -25.62
C ALA C 165 43.63 0.26 -27.00
N GLU C 166 44.29 1.41 -27.10
CA GLU C 166 44.88 1.84 -28.36
C GLU C 166 46.22 2.50 -28.13
N PRO C 167 47.31 2.01 -28.76
CA PRO C 167 47.37 0.87 -29.67
C PRO C 167 46.88 -0.43 -29.02
N SER C 168 46.61 -1.43 -29.84
CA SER C 168 46.13 -2.72 -29.35
C SER C 168 47.13 -3.34 -28.38
N VAL C 169 46.61 -3.98 -27.33
CA VAL C 169 47.45 -4.64 -26.34
C VAL C 169 47.51 -6.14 -26.57
N PHE C 170 46.80 -6.61 -27.59
CA PHE C 170 46.77 -8.04 -27.89
C PHE C 170 47.91 -8.42 -28.83
N VAL C 171 48.33 -9.69 -28.77
CA VAL C 171 49.42 -10.17 -29.60
C VAL C 171 49.04 -11.44 -30.37
N ARG C 172 49.71 -11.67 -31.49
CA ARG C 172 49.43 -12.83 -32.33
C ARG C 172 50.05 -14.13 -31.83
N THR C 173 51.20 -14.02 -31.17
CA THR C 173 51.87 -15.20 -30.63
C THR C 173 52.47 -14.89 -29.26
N THR C 174 52.74 -15.94 -28.50
CA THR C 174 53.33 -15.78 -27.18
C THR C 174 54.66 -15.06 -27.33
N ALA C 175 55.43 -15.45 -28.34
CA ALA C 175 56.74 -14.85 -28.59
C ALA C 175 56.61 -13.33 -28.71
N GLU C 176 55.56 -12.88 -29.41
CA GLU C 176 55.32 -11.45 -29.60
C GLU C 176 55.04 -10.77 -28.27
N GLY C 177 54.27 -11.45 -27.41
CA GLY C 177 53.96 -10.89 -26.11
C GLY C 177 55.19 -10.77 -25.25
N VAL C 178 56.03 -11.80 -25.25
CA VAL C 178 57.25 -11.79 -24.45
C VAL C 178 58.20 -10.69 -24.92
N ALA C 179 58.35 -10.58 -26.24
CA ALA C 179 59.24 -9.57 -26.80
C ALA C 179 58.74 -8.18 -26.44
N ARG C 180 57.42 -8.00 -26.44
CA ARG C 180 56.84 -6.71 -26.10
C ARG C 180 57.14 -6.32 -24.67
N VAL C 181 57.10 -7.30 -23.76
CA VAL C 181 57.39 -7.02 -22.36
C VAL C 181 58.86 -6.62 -22.21
N ARG C 182 59.74 -7.38 -22.86
CA ARG C 182 61.17 -7.14 -22.77
C ARG C 182 61.64 -5.79 -23.34
N LYS C 183 60.93 -5.27 -24.33
CA LYS C 183 61.32 -4.01 -24.95
C LYS C 183 60.53 -2.79 -24.48
N SER C 184 59.48 -3.01 -23.69
CA SER C 184 58.65 -1.91 -23.21
C SER C 184 59.13 -1.21 -21.95
N LYS C 185 60.36 -1.51 -21.54
CA LYS C 185 60.95 -0.89 -20.36
C LYS C 185 60.01 -0.87 -19.15
N GLY C 186 59.24 -1.95 -18.98
CA GLY C 186 58.33 -2.05 -17.86
C GLY C 186 56.98 -1.39 -18.04
N LYS C 187 56.68 -0.92 -19.24
CA LYS C 187 55.41 -0.26 -19.50
C LYS C 187 54.36 -1.21 -20.07
N TYR C 188 54.71 -2.49 -20.16
CA TYR C 188 53.79 -3.50 -20.67
C TYR C 188 53.92 -4.79 -19.87
N ALA C 189 52.78 -5.32 -19.44
CA ALA C 189 52.73 -6.56 -18.70
C ALA C 189 51.94 -7.51 -19.59
N TYR C 190 52.28 -8.78 -19.58
CA TYR C 190 51.61 -9.76 -20.43
C TYR C 190 50.90 -10.84 -19.62
N LEU C 191 49.65 -11.09 -19.97
CA LEU C 191 48.86 -12.11 -19.30
C LEU C 191 48.95 -13.39 -20.12
N LEU C 192 49.52 -14.43 -19.52
CA LEU C 192 49.69 -15.70 -20.21
C LEU C 192 49.66 -16.86 -19.24
N GLU C 193 49.57 -18.07 -19.76
CA GLU C 193 49.51 -19.24 -18.91
C GLU C 193 50.82 -19.46 -18.13
N SER C 194 50.67 -19.83 -16.86
CA SER C 194 51.78 -20.06 -15.93
C SER C 194 52.91 -20.91 -16.49
N THR C 195 52.55 -21.90 -17.28
CA THR C 195 53.50 -22.81 -17.91
C THR C 195 54.48 -22.06 -18.80
N MET C 196 53.97 -21.26 -19.73
CA MET C 196 54.83 -20.48 -20.62
C MET C 196 55.62 -19.45 -19.80
N ASN C 197 54.94 -18.82 -18.84
CA ASN C 197 55.55 -17.80 -18.00
C ASN C 197 56.76 -18.35 -17.24
N GLU C 198 56.58 -19.50 -16.58
CA GLU C 198 57.67 -20.10 -15.82
C GLU C 198 58.82 -20.58 -16.69
N TYR C 199 58.53 -20.96 -17.93
CA TYR C 199 59.57 -21.40 -18.86
C TYR C 199 60.44 -20.19 -19.22
N ILE C 200 59.79 -19.12 -19.66
CA ILE C 200 60.50 -17.91 -20.09
C ILE C 200 61.31 -17.28 -18.96
N GLU C 201 60.80 -17.40 -17.74
CA GLU C 201 61.47 -16.87 -16.55
C GLU C 201 62.85 -17.51 -16.37
N GLN C 202 63.03 -18.72 -16.91
CA GLN C 202 64.30 -19.42 -16.80
C GLN C 202 65.15 -19.37 -18.07
N ARG C 203 64.89 -18.38 -18.91
CA ARG C 203 65.66 -18.24 -20.14
C ARG C 203 66.29 -16.86 -20.26
N LYS C 204 67.49 -16.81 -20.82
CA LYS C 204 68.20 -15.54 -21.01
C LYS C 204 67.32 -14.64 -21.88
N PRO C 205 67.43 -13.32 -21.71
CA PRO C 205 68.33 -12.63 -20.78
C PRO C 205 67.88 -12.58 -19.31
N CYS C 206 66.96 -13.47 -18.93
CA CYS C 206 66.48 -13.52 -17.55
C CYS C 206 66.01 -12.16 -17.05
N ASP C 207 65.20 -11.47 -17.86
CA ASP C 207 64.71 -10.15 -17.49
C ASP C 207 63.21 -10.09 -17.24
N THR C 208 62.57 -11.25 -17.15
CA THR C 208 61.14 -11.30 -16.90
C THR C 208 60.86 -12.18 -15.70
N MET C 209 59.68 -12.02 -15.12
CA MET C 209 59.31 -12.86 -13.99
C MET C 209 57.80 -12.95 -13.85
N LYS C 210 57.37 -14.03 -13.21
CA LYS C 210 55.97 -14.27 -12.95
C LYS C 210 55.63 -13.64 -11.60
N VAL C 211 54.56 -12.85 -11.55
CA VAL C 211 54.18 -12.21 -10.30
C VAL C 211 52.73 -12.51 -9.92
N GLY C 212 52.48 -12.65 -8.63
CA GLY C 212 51.15 -12.93 -8.15
C GLY C 212 50.77 -14.38 -8.36
N GLY C 213 49.60 -14.76 -7.84
CA GLY C 213 49.15 -16.13 -7.98
C GLY C 213 48.40 -16.29 -9.29
N ASN C 214 48.14 -17.53 -9.68
CA ASN C 214 47.42 -17.79 -10.92
C ASN C 214 45.98 -17.33 -10.77
N LEU C 215 45.38 -16.89 -11.87
CA LEU C 215 44.00 -16.38 -11.87
C LEU C 215 42.96 -17.49 -11.91
N ASP C 216 43.38 -18.67 -12.36
CA ASP C 216 42.49 -19.82 -12.44
C ASP C 216 43.30 -21.10 -12.39
N SER C 217 42.60 -22.22 -12.47
CA SER C 217 43.24 -23.53 -12.43
C SER C 217 42.61 -24.42 -13.49
N LYS C 218 43.41 -24.84 -14.45
CA LYS C 218 42.90 -25.68 -15.53
C LYS C 218 43.99 -26.57 -16.08
N GLY C 219 43.76 -27.14 -17.25
CA GLY C 219 44.77 -28.01 -17.79
C GLY C 219 44.77 -28.17 -19.29
N TYR C 220 45.86 -28.73 -19.81
CA TYR C 220 45.98 -28.99 -21.24
C TYR C 220 45.59 -30.43 -21.47
N GLY C 221 44.89 -30.67 -22.58
CA GLY C 221 44.49 -32.03 -22.90
C GLY C 221 44.79 -32.34 -24.35
N ILE C 222 44.94 -33.62 -24.67
CA ILE C 222 45.19 -34.04 -26.05
C ILE C 222 43.79 -34.10 -26.66
N ALA C 223 43.61 -33.43 -27.80
CA ALA C 223 42.31 -33.37 -28.44
C ALA C 223 42.16 -34.18 -29.71
N THR C 224 40.96 -34.72 -29.90
CA THR C 224 40.62 -35.52 -31.07
C THR C 224 39.25 -35.06 -31.57
N PRO C 225 38.93 -35.33 -32.85
CA PRO C 225 37.61 -34.92 -33.33
C PRO C 225 36.53 -35.71 -32.61
N LYS C 226 35.36 -35.09 -32.44
CA LYS C 226 34.25 -35.74 -31.75
C LYS C 226 33.98 -37.13 -32.31
N GLY C 227 33.96 -38.12 -31.42
CA GLY C 227 33.70 -39.49 -31.84
C GLY C 227 34.89 -40.25 -32.41
N SER C 228 36.07 -39.64 -32.38
CA SER C 228 37.27 -40.31 -32.90
C SER C 228 37.55 -41.64 -32.21
N SER C 229 38.00 -42.62 -32.99
CA SER C 229 38.30 -43.94 -32.46
C SER C 229 39.60 -43.93 -31.65
N LEU C 230 40.35 -42.84 -31.76
CA LEU C 230 41.62 -42.69 -31.04
C LEU C 230 41.43 -42.16 -29.62
N GLY C 231 40.32 -41.46 -29.41
CA GLY C 231 40.05 -40.88 -28.11
C GLY C 231 40.26 -41.76 -26.89
N ASN C 232 39.67 -42.96 -26.91
CA ASN C 232 39.80 -43.87 -25.78
C ASN C 232 41.24 -44.21 -25.44
N ALA C 233 41.98 -44.73 -26.42
CA ALA C 233 43.36 -45.13 -26.20
C ALA C 233 44.24 -43.96 -25.75
N VAL C 234 44.08 -42.81 -26.39
CA VAL C 234 44.87 -41.63 -26.05
C VAL C 234 44.68 -41.26 -24.59
N ASN C 235 43.42 -41.25 -24.14
CA ASN C 235 43.12 -40.90 -22.77
C ASN C 235 43.80 -41.85 -21.79
N LEU C 236 43.67 -43.16 -22.03
CA LEU C 236 44.29 -44.14 -21.13
C LEU C 236 45.81 -43.99 -21.16
N ALA C 237 46.35 -43.63 -22.33
CA ALA C 237 47.78 -43.45 -22.47
C ALA C 237 48.26 -42.28 -21.60
N VAL C 238 47.48 -41.20 -21.55
CA VAL C 238 47.85 -40.04 -20.74
C VAL C 238 47.88 -40.44 -19.27
N LEU C 239 46.88 -41.20 -18.83
CA LEU C 239 46.83 -41.63 -17.44
C LEU C 239 48.02 -42.50 -17.11
N LYS C 240 48.39 -43.39 -18.03
CA LYS C 240 49.53 -44.28 -17.81
C LYS C 240 50.83 -43.49 -17.70
N LEU C 241 51.04 -42.55 -18.62
CA LEU C 241 52.25 -41.74 -18.60
C LEU C 241 52.36 -40.91 -17.32
N ASN C 242 51.24 -40.41 -16.84
CA ASN C 242 51.30 -39.62 -15.62
C ASN C 242 51.67 -40.49 -14.44
N GLU C 243 51.05 -41.67 -14.37
CA GLU C 243 51.33 -42.60 -13.28
C GLU C 243 52.73 -43.18 -13.29
N GLN C 244 53.36 -43.22 -14.47
CA GLN C 244 54.72 -43.73 -14.58
C GLN C 244 55.71 -42.65 -14.16
N GLY C 245 55.22 -41.41 -14.10
CA GLY C 245 56.08 -40.28 -13.74
C GLY C 245 56.76 -39.68 -14.96
N LEU C 246 56.36 -40.14 -16.14
CA LEU C 246 56.94 -39.66 -17.39
C LEU C 246 56.59 -38.20 -17.65
N LEU C 247 55.35 -37.81 -17.35
CA LEU C 247 54.95 -36.42 -17.59
C LEU C 247 55.77 -35.47 -16.71
N ASP C 248 56.01 -35.86 -15.46
CA ASP C 248 56.80 -35.01 -14.57
C ASP C 248 58.24 -34.96 -15.06
N LYS C 249 58.73 -36.07 -15.60
CA LYS C 249 60.09 -36.14 -16.11
C LYS C 249 60.25 -35.17 -17.28
N LEU C 250 59.31 -35.20 -18.22
CA LEU C 250 59.35 -34.31 -19.38
C LEU C 250 59.24 -32.84 -18.97
N LYS C 251 58.44 -32.56 -17.95
CA LYS C 251 58.30 -31.19 -17.47
C LYS C 251 59.64 -30.67 -16.98
N ASN C 252 60.33 -31.47 -16.17
CA ASN C 252 61.62 -31.04 -15.65
C ASN C 252 62.67 -30.93 -16.75
N LYS C 253 62.60 -31.85 -17.71
CA LYS C 253 63.54 -31.87 -18.82
C LYS C 253 63.51 -30.59 -19.66
N TRP C 254 62.31 -30.10 -19.96
CA TRP C 254 62.17 -28.92 -20.80
C TRP C 254 62.05 -27.57 -20.10
N TRP C 255 61.73 -27.58 -18.82
CA TRP C 255 61.57 -26.33 -18.07
C TRP C 255 62.76 -25.95 -17.20
N TYR C 256 63.12 -26.84 -16.28
CA TYR C 256 64.20 -26.55 -15.36
C TYR C 256 65.53 -27.18 -15.70
N ASP C 257 65.51 -28.38 -16.27
CA ASP C 257 66.75 -29.02 -16.69
C ASP C 257 67.21 -28.15 -17.85
N LYS C 258 68.45 -27.70 -17.81
CA LYS C 258 68.94 -26.84 -18.88
C LYS C 258 68.49 -25.41 -18.75
N GLY C 259 67.99 -25.04 -17.57
CA GLY C 259 67.56 -23.66 -17.36
C GLY C 259 68.75 -22.74 -17.60
N GLU C 260 68.51 -21.55 -18.12
CA GLU C 260 69.59 -20.61 -18.41
C GLU C 260 69.82 -19.50 -17.41
N CYS C 261 69.02 -19.45 -16.35
CA CYS C 261 69.16 -18.39 -15.35
C CYS C 261 69.60 -18.93 -13.99
N LYS D 4 -39.66 20.43 -12.66
CA LYS D 4 -38.71 19.70 -11.78
C LYS D 4 -37.92 20.66 -10.92
N THR D 5 -37.04 21.44 -11.55
CA THR D 5 -36.22 22.40 -10.83
C THR D 5 -37.11 23.49 -10.22
N VAL D 6 -36.99 23.66 -8.91
CA VAL D 6 -37.79 24.65 -8.19
C VAL D 6 -37.21 26.05 -8.35
N VAL D 7 -38.02 26.97 -8.85
CA VAL D 7 -37.58 28.34 -9.02
C VAL D 7 -37.72 29.08 -7.70
N VAL D 8 -36.61 29.57 -7.18
CA VAL D 8 -36.60 30.29 -5.91
C VAL D 8 -36.44 31.77 -6.15
N THR D 9 -37.37 32.56 -5.62
CA THR D 9 -37.23 34.00 -5.77
C THR D 9 -36.64 34.52 -4.46
N THR D 10 -35.69 35.44 -4.58
CA THR D 10 -35.06 36.02 -3.42
C THR D 10 -34.69 37.47 -3.74
N ILE D 11 -34.05 38.15 -2.80
CA ILE D 11 -33.71 39.54 -3.03
C ILE D 11 -32.28 39.86 -2.62
N LEU D 12 -31.63 40.76 -3.35
CA LEU D 12 -30.26 41.14 -3.04
C LEU D 12 -30.31 42.08 -1.85
N GLU D 13 -30.17 41.50 -0.67
CA GLU D 13 -30.23 42.22 0.60
C GLU D 13 -29.15 41.63 1.50
N SER D 14 -28.17 42.43 1.90
CA SER D 14 -27.10 41.91 2.77
C SER D 14 -27.61 41.72 4.19
N PRO D 15 -27.18 40.64 4.87
CA PRO D 15 -26.27 39.58 4.43
C PRO D 15 -27.01 38.32 3.99
N TYR D 16 -28.26 38.49 3.57
CA TYR D 16 -29.09 37.36 3.17
C TYR D 16 -28.67 36.76 1.82
N VAL D 17 -28.52 37.64 0.84
CA VAL D 17 -28.10 37.22 -0.51
C VAL D 17 -27.22 38.33 -1.06
N MET D 18 -26.00 37.97 -1.44
CA MET D 18 -25.05 38.94 -1.97
C MET D 18 -24.31 38.32 -3.15
N MET D 19 -23.81 39.17 -4.05
CA MET D 19 -23.05 38.67 -5.19
C MET D 19 -21.65 38.32 -4.71
N LYS D 20 -21.14 37.16 -5.08
CA LYS D 20 -19.79 36.79 -4.70
C LYS D 20 -18.85 37.72 -5.44
N LYS D 21 -17.71 38.05 -4.84
CA LYS D 21 -16.77 38.94 -5.49
C LYS D 21 -16.43 38.51 -6.90
N ASN D 22 -16.32 37.20 -7.10
CA ASN D 22 -15.96 36.64 -8.40
C ASN D 22 -17.14 35.98 -9.11
N HIS D 23 -18.34 36.48 -8.88
CA HIS D 23 -19.55 35.90 -9.49
C HIS D 23 -19.52 35.82 -11.01
N GLU D 24 -18.85 36.77 -11.65
CA GLU D 24 -18.78 36.78 -13.12
C GLU D 24 -18.18 35.50 -13.70
N MET D 25 -17.35 34.83 -12.92
CA MET D 25 -16.72 33.60 -13.38
C MET D 25 -17.38 32.34 -12.84
N LEU D 26 -18.54 32.52 -12.19
CA LEU D 26 -19.27 31.40 -11.63
C LEU D 26 -20.63 31.27 -12.33
N GLU D 27 -21.28 30.13 -12.14
CA GLU D 27 -22.57 29.89 -12.80
C GLU D 27 -23.71 29.55 -11.83
N GLY D 28 -24.92 29.86 -12.25
CA GLY D 28 -26.10 29.56 -11.45
C GLY D 28 -26.08 29.96 -9.99
N ASN D 29 -26.49 29.03 -9.13
CA ASN D 29 -26.54 29.29 -7.70
C ASN D 29 -25.20 29.65 -7.08
N GLU D 30 -24.11 29.25 -7.73
CA GLU D 30 -22.77 29.53 -7.23
C GLU D 30 -22.38 31.01 -7.26
N ARG D 31 -23.16 31.82 -7.97
CA ARG D 31 -22.88 33.26 -8.07
C ARG D 31 -23.20 34.03 -6.78
N TYR D 32 -24.01 33.43 -5.93
CA TYR D 32 -24.46 34.08 -4.70
C TYR D 32 -23.96 33.48 -3.39
N GLU D 33 -23.96 34.30 -2.35
CA GLU D 33 -23.57 33.86 -1.01
C GLU D 33 -24.39 34.63 0.02
N GLY D 34 -24.53 34.06 1.20
CA GLY D 34 -25.29 34.73 2.25
C GLY D 34 -26.12 33.77 3.07
N TYR D 35 -26.76 34.32 4.10
CA TYR D 35 -27.60 33.53 5.00
C TYR D 35 -28.71 32.77 4.26
N CYS D 36 -29.44 33.45 3.38
CA CYS D 36 -30.51 32.79 2.65
C CYS D 36 -30.02 31.85 1.56
N VAL D 37 -28.80 32.05 1.11
CA VAL D 37 -28.22 31.16 0.10
C VAL D 37 -27.90 29.86 0.84
N ASP D 38 -27.35 29.99 2.04
CA ASP D 38 -27.02 28.81 2.86
C ASP D 38 -28.31 28.09 3.27
N LEU D 39 -29.34 28.87 3.62
CA LEU D 39 -30.61 28.26 4.04
C LEU D 39 -31.31 27.54 2.88
N ALA D 40 -31.28 28.15 1.70
CA ALA D 40 -31.93 27.55 0.52
C ALA D 40 -31.35 26.19 0.21
N ALA D 41 -30.02 26.07 0.28
CA ALA D 41 -29.35 24.81 0.00
C ALA D 41 -29.82 23.74 0.99
N GLU D 42 -29.94 24.11 2.26
CA GLU D 42 -30.38 23.20 3.30
C GLU D 42 -31.86 22.81 3.13
N ILE D 43 -32.71 23.79 2.89
CA ILE D 43 -34.13 23.51 2.69
C ILE D 43 -34.31 22.55 1.53
N ALA D 44 -33.58 22.80 0.44
CA ALA D 44 -33.67 21.96 -0.74
C ALA D 44 -33.19 20.54 -0.47
N LYS D 45 -32.09 20.42 0.28
CA LYS D 45 -31.54 19.11 0.62
C LYS D 45 -32.52 18.29 1.45
N HIS D 46 -33.13 18.94 2.45
CA HIS D 46 -34.07 18.28 3.33
C HIS D 46 -35.42 17.97 2.72
N CYS D 47 -35.81 18.73 1.71
CA CYS D 47 -37.10 18.51 1.05
C CYS D 47 -36.92 17.70 -0.22
N GLY D 48 -35.66 17.47 -0.57
CA GLY D 48 -35.33 16.67 -1.74
C GLY D 48 -35.63 17.25 -3.11
N PHE D 49 -35.31 18.52 -3.33
CA PHE D 49 -35.55 19.11 -4.64
C PHE D 49 -34.37 19.91 -5.16
N LYS D 50 -34.29 20.02 -6.47
CA LYS D 50 -33.24 20.80 -7.13
C LYS D 50 -33.85 22.18 -7.27
N TYR D 51 -33.02 23.22 -7.26
CA TYR D 51 -33.54 24.57 -7.35
C TYR D 51 -32.65 25.53 -8.11
N LYS D 52 -33.22 26.67 -8.44
CA LYS D 52 -32.52 27.73 -9.16
C LYS D 52 -32.84 29.05 -8.48
N LEU D 53 -31.82 29.71 -7.94
CA LEU D 53 -32.02 30.99 -7.28
C LEU D 53 -32.20 32.08 -8.34
N THR D 54 -33.17 32.95 -8.12
CA THR D 54 -33.42 34.06 -9.04
C THR D 54 -33.70 35.30 -8.21
N ILE D 55 -33.11 36.42 -8.62
CA ILE D 55 -33.30 37.68 -7.91
C ILE D 55 -34.57 38.35 -8.42
N VAL D 56 -35.47 38.68 -7.50
CA VAL D 56 -36.73 39.32 -7.85
C VAL D 56 -36.50 40.47 -8.84
N GLY D 57 -37.24 40.43 -9.95
CA GLY D 57 -37.11 41.42 -11.00
C GLY D 57 -37.20 42.89 -10.62
N ASP D 58 -38.21 43.26 -9.83
CA ASP D 58 -38.37 44.66 -9.45
C ASP D 58 -37.66 45.04 -8.16
N GLY D 59 -36.88 44.11 -7.62
CA GLY D 59 -36.12 44.37 -6.40
C GLY D 59 -36.93 44.74 -5.18
N LYS D 60 -38.21 44.36 -5.16
CA LYS D 60 -39.09 44.68 -4.04
C LYS D 60 -39.52 43.45 -3.24
N TYR D 61 -39.96 43.68 -2.00
CA TYR D 61 -40.40 42.59 -1.14
C TYR D 61 -41.81 42.14 -1.50
N GLY D 62 -42.75 43.08 -1.55
CA GLY D 62 -44.10 42.71 -1.90
C GLY D 62 -45.18 43.53 -1.24
N ALA D 63 -45.98 44.19 -2.07
CA ALA D 63 -47.08 45.01 -1.59
C ALA D 63 -48.16 44.99 -2.66
N ARG D 64 -49.41 45.17 -2.25
CA ARG D 64 -50.53 45.17 -3.17
C ARG D 64 -50.90 46.60 -3.52
N ASP D 65 -50.75 46.97 -4.78
CA ASP D 65 -51.06 48.32 -5.24
C ASP D 65 -52.53 48.64 -5.03
N ALA D 66 -52.79 49.80 -4.43
CA ALA D 66 -54.16 50.25 -4.19
C ALA D 66 -54.67 50.80 -5.52
N ASP D 67 -55.64 50.12 -6.10
CA ASP D 67 -56.19 50.55 -7.37
C ASP D 67 -56.11 49.44 -8.40
N THR D 68 -54.89 49.03 -8.73
CA THR D 68 -54.68 47.95 -9.70
C THR D 68 -54.83 46.61 -8.99
N LYS D 69 -54.65 46.63 -7.67
CA LYS D 69 -54.78 45.42 -6.85
C LYS D 69 -53.73 44.37 -7.22
N ILE D 70 -52.70 44.80 -7.93
CA ILE D 70 -51.65 43.89 -8.36
C ILE D 70 -50.52 43.84 -7.32
N TRP D 71 -50.02 42.64 -7.07
CA TRP D 71 -48.93 42.45 -6.12
C TRP D 71 -47.58 42.56 -6.83
N ASN D 72 -46.64 43.26 -6.22
CA ASN D 72 -45.31 43.38 -6.81
C ASN D 72 -44.32 42.62 -5.94
N GLY D 73 -43.03 42.73 -6.25
CA GLY D 73 -42.01 42.07 -5.46
C GLY D 73 -42.04 40.55 -5.47
N MET D 74 -41.40 39.95 -4.46
CA MET D 74 -41.34 38.50 -4.35
C MET D 74 -42.72 37.89 -4.15
N VAL D 75 -43.59 38.59 -3.44
CA VAL D 75 -44.95 38.11 -3.22
C VAL D 75 -45.62 37.98 -4.58
N GLY D 76 -45.48 39.01 -5.41
CA GLY D 76 -46.06 38.97 -6.74
C GLY D 76 -45.54 37.81 -7.57
N GLU D 77 -44.25 37.53 -7.45
CA GLU D 77 -43.65 36.44 -8.21
C GLU D 77 -44.33 35.11 -7.83
N LEU D 78 -44.68 34.96 -6.56
CA LEU D 78 -45.33 33.74 -6.11
C LEU D 78 -46.81 33.72 -6.52
N VAL D 79 -47.48 34.85 -6.32
CA VAL D 79 -48.90 34.97 -6.64
C VAL D 79 -49.22 34.74 -8.12
N TYR D 80 -48.35 35.24 -9.00
CA TYR D 80 -48.58 35.09 -10.43
C TYR D 80 -47.88 33.91 -11.07
N GLY D 81 -47.30 33.04 -10.24
CA GLY D 81 -46.65 31.84 -10.72
C GLY D 81 -45.31 31.96 -11.42
N LYS D 82 -44.54 33.00 -11.11
CA LYS D 82 -43.24 33.19 -11.73
C LYS D 82 -42.19 32.42 -10.93
N ALA D 83 -42.46 32.21 -9.66
CA ALA D 83 -41.54 31.48 -8.79
C ALA D 83 -42.34 30.46 -7.98
N ASP D 84 -41.67 29.39 -7.55
CA ASP D 84 -42.32 28.34 -6.78
C ASP D 84 -42.15 28.50 -5.28
N ILE D 85 -41.19 29.33 -4.89
CA ILE D 85 -40.91 29.52 -3.46
C ILE D 85 -40.04 30.76 -3.27
N ALA D 86 -40.17 31.40 -2.11
CA ALA D 86 -39.38 32.57 -1.80
C ALA D 86 -38.62 32.28 -0.52
N ILE D 87 -37.30 32.37 -0.62
CA ILE D 87 -36.42 32.14 0.51
C ILE D 87 -35.65 33.45 0.67
N ALA D 88 -36.14 34.30 1.56
CA ALA D 88 -35.56 35.62 1.78
C ALA D 88 -36.10 36.20 3.08
N PRO D 89 -35.62 37.40 3.47
CA PRO D 89 -36.10 38.01 4.72
C PRO D 89 -37.49 38.60 4.46
N LEU D 90 -38.44 37.71 4.15
CA LEU D 90 -39.81 38.11 3.86
C LEU D 90 -40.65 38.02 5.12
N THR D 91 -41.15 39.17 5.58
CA THR D 91 -41.94 39.24 6.80
C THR D 91 -43.33 38.63 6.70
N ILE D 92 -43.67 37.80 7.68
CA ILE D 92 -44.98 37.17 7.74
C ILE D 92 -45.98 38.23 8.20
N THR D 93 -46.95 38.55 7.34
CA THR D 93 -47.96 39.55 7.66
C THR D 93 -49.33 39.00 7.27
N LEU D 94 -50.38 39.52 7.89
CA LEU D 94 -51.73 39.07 7.61
C LEU D 94 -52.13 39.23 6.14
N VAL D 95 -51.94 40.42 5.59
CA VAL D 95 -52.33 40.65 4.20
C VAL D 95 -51.64 39.70 3.23
N ARG D 96 -50.41 39.32 3.55
CA ARG D 96 -49.67 38.39 2.70
C ARG D 96 -50.13 36.95 2.90
N GLU D 97 -50.38 36.58 4.16
CA GLU D 97 -50.82 35.22 4.48
C GLU D 97 -52.16 34.93 3.82
N GLU D 98 -52.86 35.99 3.41
CA GLU D 98 -54.15 35.83 2.75
C GLU D 98 -54.02 35.39 1.29
N VAL D 99 -52.86 35.65 0.68
CA VAL D 99 -52.64 35.27 -0.72
C VAL D 99 -51.53 34.23 -0.94
N ILE D 100 -50.65 34.06 0.04
CA ILE D 100 -49.57 33.08 -0.07
C ILE D 100 -49.43 32.33 1.25
N ASP D 101 -48.69 31.22 1.23
CA ASP D 101 -48.46 30.45 2.45
C ASP D 101 -47.07 30.72 3.00
N PHE D 102 -46.97 30.74 4.33
CA PHE D 102 -45.71 30.98 5.03
C PHE D 102 -45.39 29.80 5.93
N SER D 103 -44.10 29.46 6.03
CA SER D 103 -43.66 28.41 6.93
C SER D 103 -43.61 29.06 8.31
N LYS D 104 -43.38 28.27 9.34
CA LYS D 104 -43.22 28.84 10.66
C LYS D 104 -41.98 29.73 10.49
N PRO D 105 -41.82 30.77 11.31
CA PRO D 105 -40.68 31.68 11.20
C PRO D 105 -39.30 31.04 11.37
N PHE D 106 -38.34 31.47 10.55
CA PHE D 106 -36.97 30.96 10.66
C PHE D 106 -36.06 32.01 11.31
N MET D 107 -36.57 33.23 11.47
CA MET D 107 -35.80 34.31 12.09
C MET D 107 -36.76 35.34 12.70
N SER D 108 -36.43 35.83 13.89
CA SER D 108 -37.27 36.81 14.57
C SER D 108 -36.70 38.21 14.32
N LEU D 109 -37.57 39.21 14.38
CA LEU D 109 -37.16 40.59 14.19
C LEU D 109 -38.26 41.53 14.63
N GLY D 110 -37.93 42.82 14.67
CA GLY D 110 -38.89 43.83 15.04
C GLY D 110 -38.45 45.12 14.37
N ILE D 111 -39.37 46.04 14.12
CA ILE D 111 -38.99 47.30 13.51
C ILE D 111 -38.12 48.02 14.54
N SER D 112 -37.07 48.70 14.07
CA SER D 112 -36.15 49.37 14.96
C SER D 112 -35.65 50.68 14.38
N ILE D 113 -34.89 51.43 15.18
CA ILE D 113 -34.36 52.71 14.75
C ILE D 113 -32.85 52.67 14.54
N MET D 114 -32.42 53.12 13.37
CA MET D 114 -31.00 53.20 13.06
C MET D 114 -30.60 54.67 13.02
N ILE D 115 -29.61 55.04 13.81
CA ILE D 115 -29.15 56.42 13.82
C ILE D 115 -27.66 56.50 13.56
N LYS D 116 -27.21 57.68 13.16
CA LYS D 116 -25.79 57.95 12.96
C LYS D 116 -25.34 58.11 14.41
N LYS D 117 -24.20 57.54 14.77
CA LYS D 117 -23.71 57.65 16.14
C LYS D 117 -23.71 59.10 16.60
N GLY D 118 -24.22 59.34 17.81
CA GLY D 118 -24.25 60.68 18.36
C GLY D 118 -25.58 61.38 18.20
N THR D 119 -26.47 60.83 17.38
CA THR D 119 -27.78 61.45 17.16
C THR D 119 -28.57 61.44 18.46
N PRO D 120 -29.09 62.60 18.88
CA PRO D 120 -29.88 62.71 20.12
C PRO D 120 -31.27 62.10 20.04
N ILE D 121 -31.33 60.81 19.75
CA ILE D 121 -32.58 60.07 19.65
C ILE D 121 -32.41 58.73 20.37
N GLU D 122 -33.37 58.36 21.19
CA GLU D 122 -33.30 57.11 21.94
C GLU D 122 -34.55 56.25 21.80
N SER D 123 -35.57 56.75 21.13
CA SER D 123 -36.82 56.01 20.97
C SER D 123 -37.70 56.56 19.86
N ALA D 124 -38.78 55.84 19.55
CA ALA D 124 -39.71 56.29 18.53
C ALA D 124 -40.43 57.51 19.07
N GLU D 125 -40.76 57.49 20.36
CA GLU D 125 -41.43 58.62 20.99
C GLU D 125 -40.55 59.86 20.77
N ASP D 126 -39.25 59.70 20.95
CA ASP D 126 -38.32 60.82 20.74
C ASP D 126 -38.44 61.38 19.33
N LEU D 127 -38.42 60.50 18.33
CA LEU D 127 -38.54 60.94 16.95
C LEU D 127 -39.85 61.68 16.70
N SER D 128 -40.94 61.15 17.26
CA SER D 128 -42.25 61.75 17.07
C SER D 128 -42.43 63.13 17.71
N LYS D 129 -41.65 63.41 18.76
CA LYS D 129 -41.76 64.69 19.46
C LYS D 129 -40.89 65.81 18.92
N GLN D 130 -40.15 65.54 17.84
CA GLN D 130 -39.27 66.55 17.26
C GLN D 130 -39.37 66.61 15.74
N THR D 131 -38.67 67.55 15.13
CA THR D 131 -38.72 67.67 13.68
C THR D 131 -37.40 68.00 13.00
N GLU D 132 -36.36 68.29 13.78
CA GLU D 132 -35.06 68.62 13.21
C GLU D 132 -34.47 67.40 12.50
N ILE D 133 -34.73 66.22 13.06
CA ILE D 133 -34.23 64.97 12.51
C ILE D 133 -35.34 64.28 11.72
N ALA D 134 -35.12 64.12 10.42
CA ALA D 134 -36.09 63.46 9.56
C ALA D 134 -35.94 61.96 9.71
N TYR D 135 -36.98 61.22 9.35
CA TYR D 135 -36.94 59.77 9.44
C TYR D 135 -37.90 59.15 8.44
N GLY D 136 -37.56 57.95 7.97
CA GLY D 136 -38.40 57.28 7.00
C GLY D 136 -38.21 55.78 7.01
N THR D 137 -38.84 55.11 6.05
CA THR D 137 -38.78 53.65 5.95
C THR D 137 -38.54 53.21 4.51
N LEU D 138 -38.41 51.90 4.32
CA LEU D 138 -38.25 51.35 2.97
C LEU D 138 -39.58 51.71 2.30
N ASP D 139 -39.49 52.37 1.15
CA ASP D 139 -40.66 52.84 0.39
C ASP D 139 -41.74 51.80 0.15
N SER D 140 -41.36 50.53 0.13
CA SER D 140 -42.32 49.46 -0.10
C SER D 140 -41.90 48.28 0.78
N GLY D 141 -42.82 47.83 1.64
CA GLY D 141 -42.52 46.71 2.52
C GLY D 141 -43.41 46.66 3.74
N SER D 142 -43.13 45.71 4.62
CA SER D 142 -43.93 45.53 5.83
C SER D 142 -43.79 46.67 6.83
N THR D 143 -42.64 47.33 6.85
CA THR D 143 -42.42 48.42 7.78
C THR D 143 -43.31 49.62 7.43
N LYS D 144 -43.33 50.00 6.15
CA LYS D 144 -44.16 51.13 5.74
C LYS D 144 -45.61 50.82 6.10
N GLU D 145 -46.05 49.60 5.82
CA GLU D 145 -47.43 49.19 6.13
C GLU D 145 -47.73 49.22 7.62
N PHE D 146 -46.73 48.92 8.44
CA PHE D 146 -46.91 48.93 9.89
C PHE D 146 -47.38 50.32 10.32
N PHE D 147 -46.66 51.34 9.87
CA PHE D 147 -46.98 52.72 10.22
C PHE D 147 -48.28 53.19 9.59
N ARG D 148 -48.50 52.82 8.33
CA ARG D 148 -49.71 53.21 7.62
C ARG D 148 -50.98 52.73 8.34
N ARG D 149 -50.93 51.54 8.91
CA ARG D 149 -52.10 50.97 9.58
C ARG D 149 -52.15 51.10 11.09
N SER D 150 -51.05 51.56 11.71
CA SER D 150 -51.02 51.67 13.16
C SER D 150 -52.06 52.60 13.79
N LYS D 151 -52.66 52.15 14.88
CA LYS D 151 -53.66 52.93 15.60
C LYS D 151 -53.05 53.41 16.90
N ILE D 152 -51.77 53.12 17.09
CA ILE D 152 -51.04 53.53 18.28
C ILE D 152 -50.63 54.99 18.09
N ALA D 153 -50.98 55.83 19.06
CA ALA D 153 -50.68 57.26 19.00
C ALA D 153 -49.31 57.66 18.49
N VAL D 154 -48.26 57.18 19.13
CA VAL D 154 -46.89 57.51 18.72
C VAL D 154 -46.61 57.19 17.27
N PHE D 155 -47.00 55.99 16.84
CA PHE D 155 -46.76 55.57 15.47
C PHE D 155 -47.66 56.28 14.47
N ASP D 156 -48.89 56.58 14.88
CA ASP D 156 -49.80 57.29 14.01
C ASP D 156 -49.21 58.67 13.74
N LYS D 157 -48.65 59.27 14.79
CA LYS D 157 -48.03 60.59 14.69
C LYS D 157 -46.86 60.53 13.71
N MET D 158 -46.06 59.48 13.83
CA MET D 158 -44.91 59.30 12.94
C MET D 158 -45.36 59.11 11.49
N TRP D 159 -46.41 58.34 11.28
CA TRP D 159 -46.90 58.11 9.92
C TRP D 159 -47.41 59.41 9.31
N THR D 160 -48.15 60.18 10.10
CA THR D 160 -48.69 61.44 9.61
C THR D 160 -47.56 62.33 9.09
N TYR D 161 -46.42 62.29 9.78
CA TYR D 161 -45.26 63.07 9.38
C TYR D 161 -44.60 62.50 8.13
N MET D 162 -44.24 61.22 8.18
CA MET D 162 -43.57 60.58 7.06
C MET D 162 -44.31 60.62 5.73
N ARG D 163 -45.61 60.35 5.75
CA ARG D 163 -46.39 60.34 4.52
C ARG D 163 -46.47 61.68 3.82
N SER D 164 -46.23 62.77 4.55
CA SER D 164 -46.31 64.11 3.96
C SER D 164 -44.98 64.84 3.89
N ALA D 165 -43.93 64.25 4.43
CA ALA D 165 -42.62 64.89 4.42
C ALA D 165 -42.09 65.12 3.00
N GLU D 166 -41.49 66.28 2.78
CA GLU D 166 -40.92 66.64 1.49
C GLU D 166 -39.56 67.29 1.71
N PRO D 167 -38.52 66.80 1.00
CA PRO D 167 -38.58 65.70 0.04
C PRO D 167 -38.90 64.37 0.73
N SER D 168 -39.26 63.37 -0.06
CA SER D 168 -39.61 62.05 0.47
C SER D 168 -38.58 61.50 1.44
N VAL D 169 -39.08 60.87 2.50
CA VAL D 169 -38.21 60.26 3.50
C VAL D 169 -38.15 58.76 3.28
N PHE D 170 -38.80 58.28 2.22
CA PHE D 170 -38.80 56.86 1.92
C PHE D 170 -37.66 56.52 0.96
N VAL D 171 -37.17 55.29 1.05
CA VAL D 171 -36.07 54.86 0.19
C VAL D 171 -36.43 53.58 -0.58
N ARG D 172 -35.78 53.36 -1.71
CA ARG D 172 -36.04 52.20 -2.56
C ARG D 172 -35.42 50.90 -2.04
N THR D 173 -34.27 51.02 -1.37
CA THR D 173 -33.58 49.84 -0.83
C THR D 173 -32.99 50.14 0.53
N THR D 174 -32.73 49.09 1.30
CA THR D 174 -32.13 49.25 2.62
C THR D 174 -30.81 49.99 2.49
N ALA D 175 -30.02 49.63 1.49
CA ALA D 175 -28.73 50.26 1.26
C ALA D 175 -28.88 51.77 1.13
N GLU D 176 -29.91 52.20 0.39
CA GLU D 176 -30.17 53.63 0.20
C GLU D 176 -30.45 54.29 1.54
N GLY D 177 -31.21 53.62 2.39
CA GLY D 177 -31.54 54.16 3.70
C GLY D 177 -30.30 54.29 4.57
N VAL D 178 -29.48 53.25 4.58
CA VAL D 178 -28.25 53.26 5.37
C VAL D 178 -27.34 54.39 4.91
N ALA D 179 -27.17 54.52 3.59
CA ALA D 179 -26.32 55.57 3.03
C ALA D 179 -26.85 56.95 3.45
N ARG D 180 -28.16 57.11 3.43
CA ARG D 180 -28.77 58.38 3.80
C ARG D 180 -28.44 58.73 5.26
N VAL D 181 -28.56 57.75 6.15
CA VAL D 181 -28.24 57.97 7.55
C VAL D 181 -26.78 58.40 7.69
N ARG D 182 -25.90 57.66 7.02
CA ARG D 182 -24.47 57.93 7.08
C ARG D 182 -24.01 59.27 6.52
N LYS D 183 -24.75 59.80 5.55
CA LYS D 183 -24.37 61.07 4.93
C LYS D 183 -25.17 62.28 5.40
N SER D 184 -26.12 62.08 6.31
CA SER D 184 -26.95 63.18 6.79
C SER D 184 -26.52 63.88 8.07
N LYS D 185 -25.29 63.61 8.52
CA LYS D 185 -24.75 64.24 9.72
C LYS D 185 -25.68 64.18 10.93
N GLY D 186 -26.43 63.08 11.03
CA GLY D 186 -27.34 62.91 12.15
C GLY D 186 -28.72 63.53 11.98
N LYS D 187 -29.01 64.03 10.78
CA LYS D 187 -30.30 64.67 10.51
C LYS D 187 -31.33 63.73 9.87
N TYR D 188 -30.98 62.45 9.77
CA TYR D 188 -31.88 61.45 9.21
C TYR D 188 -31.70 60.16 9.98
N ALA D 189 -32.82 59.60 10.45
CA ALA D 189 -32.82 58.34 11.18
C ALA D 189 -33.61 57.39 10.29
N TYR D 190 -33.24 56.11 10.29
CA TYR D 190 -33.92 55.16 9.42
C TYR D 190 -34.64 54.06 10.22
N LEU D 191 -35.89 53.82 9.87
CA LEU D 191 -36.68 52.78 10.53
C LEU D 191 -36.59 51.53 9.67
N LEU D 192 -36.05 50.46 10.23
CA LEU D 192 -35.89 49.21 9.50
C LEU D 192 -35.91 48.04 10.47
N GLU D 193 -35.98 46.84 9.93
CA GLU D 193 -36.03 45.65 10.79
C GLU D 193 -34.72 45.46 11.56
N SER D 194 -34.86 45.06 12.82
CA SER D 194 -33.73 44.86 13.72
C SER D 194 -32.62 44.02 13.14
N THR D 195 -32.98 43.02 12.35
CA THR D 195 -32.02 42.13 11.71
C THR D 195 -31.05 42.88 10.80
N MET D 196 -31.58 43.73 9.92
CA MET D 196 -30.72 44.51 9.04
C MET D 196 -29.94 45.53 9.87
N ASN D 197 -30.63 46.15 10.84
CA ASN D 197 -30.01 47.15 11.70
C ASN D 197 -28.79 46.58 12.42
N GLU D 198 -28.97 45.44 13.06
CA GLU D 198 -27.89 44.78 13.80
C GLU D 198 -26.73 44.35 12.90
N TYR D 199 -27.04 44.01 11.65
CA TYR D 199 -26.01 43.61 10.70
C TYR D 199 -25.14 44.82 10.33
N ILE D 200 -25.79 45.90 9.94
CA ILE D 200 -25.09 47.13 9.54
C ILE D 200 -24.26 47.71 10.69
N GLU D 201 -24.72 47.49 11.91
CA GLU D 201 -24.05 47.97 13.11
C GLU D 201 -22.65 47.36 13.23
N GLN D 202 -22.48 46.17 12.63
CA GLN D 202 -21.18 45.50 12.67
C GLN D 202 -20.40 45.61 11.37
N ARG D 203 -20.73 46.62 10.57
CA ARG D 203 -20.05 46.83 9.30
C ARG D 203 -19.35 48.18 9.28
N LYS D 204 -18.14 48.24 8.72
CA LYS D 204 -17.42 49.49 8.64
C LYS D 204 -18.25 50.42 7.77
N PRO D 205 -18.14 51.75 7.98
CA PRO D 205 -17.30 52.45 8.95
C PRO D 205 -17.74 52.44 10.42
N CYS D 206 -18.64 51.53 10.78
CA CYS D 206 -19.11 51.42 12.17
C CYS D 206 -19.59 52.78 12.70
N ASP D 207 -20.38 53.48 11.90
CA ASP D 207 -20.88 54.80 12.29
C ASP D 207 -22.38 54.85 12.56
N THR D 208 -23.02 53.70 12.62
CA THR D 208 -24.46 53.63 12.89
C THR D 208 -24.70 52.72 14.07
N MET D 209 -25.88 52.84 14.66
CA MET D 209 -26.25 51.98 15.76
C MET D 209 -27.75 51.90 15.93
N LYS D 210 -28.20 50.79 16.51
CA LYS D 210 -29.60 50.56 16.78
C LYS D 210 -29.91 51.15 18.15
N VAL D 211 -30.94 51.98 18.25
CA VAL D 211 -31.31 52.57 19.52
C VAL D 211 -32.77 52.30 19.88
N GLY D 212 -33.03 52.17 21.17
CA GLY D 212 -34.38 51.90 21.64
C GLY D 212 -34.76 50.44 21.45
N GLY D 213 -35.92 50.06 21.97
CA GLY D 213 -36.37 48.69 21.82
C GLY D 213 -37.09 48.56 20.49
N ASN D 214 -37.41 47.34 20.09
CA ASN D 214 -38.12 47.14 18.83
C ASN D 214 -39.56 47.60 18.99
N LEU D 215 -40.16 48.05 17.90
CA LEU D 215 -41.53 48.55 17.91
C LEU D 215 -42.55 47.42 17.86
N ASP D 216 -42.15 46.27 17.33
CA ASP D 216 -43.03 45.12 17.26
C ASP D 216 -42.22 43.82 17.31
N SER D 217 -42.90 42.68 17.20
CA SER D 217 -42.23 41.38 17.25
C SER D 217 -42.87 40.48 16.21
N LYS D 218 -42.06 40.04 15.25
CA LYS D 218 -42.59 39.19 14.20
C LYS D 218 -41.48 38.33 13.64
N GLY D 219 -41.70 37.73 12.47
CA GLY D 219 -40.67 36.88 11.92
C GLY D 219 -40.70 36.73 10.42
N TYR D 220 -39.62 36.16 9.88
CA TYR D 220 -39.53 35.91 8.45
C TYR D 220 -39.93 34.47 8.24
N GLY D 221 -40.61 34.20 7.14
CA GLY D 221 -41.02 32.85 6.84
C GLY D 221 -40.72 32.51 5.40
N ILE D 222 -40.57 31.22 5.09
CA ILE D 222 -40.33 30.82 3.70
C ILE D 222 -41.72 30.76 3.08
N ALA D 223 -41.90 31.45 1.96
CA ALA D 223 -43.21 31.51 1.33
C ALA D 223 -43.38 30.68 0.08
N THR D 224 -44.59 30.14 -0.09
CA THR D 224 -44.94 29.34 -1.26
C THR D 224 -46.32 29.76 -1.76
N PRO D 225 -46.63 29.46 -3.03
CA PRO D 225 -47.94 29.83 -3.57
C PRO D 225 -49.03 29.09 -2.80
N LYS D 226 -50.18 29.73 -2.60
CA LYS D 226 -51.27 29.13 -1.87
C LYS D 226 -51.58 27.73 -2.40
N GLY D 227 -51.58 26.74 -1.51
CA GLY D 227 -51.87 25.38 -1.91
C GLY D 227 -50.71 24.58 -2.48
N SER D 228 -49.52 25.19 -2.52
CA SER D 228 -48.35 24.50 -3.05
C SER D 228 -48.09 23.17 -2.35
N SER D 229 -47.61 22.19 -3.10
CA SER D 229 -47.31 20.88 -2.54
C SER D 229 -46.01 20.90 -1.76
N LEU D 230 -45.25 21.98 -1.90
CA LEU D 230 -43.97 22.12 -1.20
C LEU D 230 -44.12 22.66 0.21
N GLY D 231 -45.21 23.38 0.46
CA GLY D 231 -45.46 23.96 1.77
C GLY D 231 -45.21 23.11 3.00
N ASN D 232 -45.82 21.93 3.04
CA ASN D 232 -45.66 21.05 4.20
C ASN D 232 -44.22 20.67 4.52
N ALA D 233 -43.50 20.13 3.53
CA ALA D 233 -42.12 19.73 3.74
C ALA D 233 -41.23 20.90 4.13
N VAL D 234 -41.43 22.03 3.48
CA VAL D 234 -40.64 23.22 3.79
C VAL D 234 -40.81 23.61 5.25
N ASN D 235 -42.06 23.59 5.72
CA ASN D 235 -42.35 23.95 7.11
C ASN D 235 -41.65 22.99 8.07
N LEU D 236 -41.72 21.69 7.80
CA LEU D 236 -41.08 20.71 8.64
C LEU D 236 -39.56 20.88 8.65
N ALA D 237 -39.01 21.27 7.50
CA ALA D 237 -37.57 21.46 7.39
C ALA D 237 -37.12 22.65 8.24
N VAL D 238 -37.92 23.71 8.25
CA VAL D 238 -37.57 24.88 9.06
C VAL D 238 -37.55 24.51 10.54
N LEU D 239 -38.55 23.75 10.99
CA LEU D 239 -38.61 23.34 12.38
C LEU D 239 -37.43 22.45 12.74
N LYS D 240 -37.08 21.54 11.84
CA LYS D 240 -35.96 20.65 12.06
C LYS D 240 -34.64 21.42 12.13
N LEU D 241 -34.43 22.33 11.19
CA LEU D 241 -33.21 23.10 11.17
C LEU D 241 -33.07 24.00 12.39
N ASN D 242 -34.19 24.50 12.90
CA ASN D 242 -34.11 25.34 14.08
C ASN D 242 -33.74 24.48 15.29
N GLU D 243 -34.42 23.34 15.42
CA GLU D 243 -34.16 22.44 16.53
C GLU D 243 -32.74 21.87 16.53
N GLN D 244 -32.15 21.74 15.35
CA GLN D 244 -30.79 21.21 15.23
C GLN D 244 -29.75 22.32 15.44
N GLY D 245 -30.22 23.54 15.67
CA GLY D 245 -29.31 24.66 15.91
C GLY D 245 -28.70 25.30 14.68
N LEU D 246 -29.09 24.86 13.48
CA LEU D 246 -28.55 25.43 12.26
C LEU D 246 -28.88 26.92 12.05
N LEU D 247 -30.13 27.29 12.31
CA LEU D 247 -30.53 28.68 12.11
C LEU D 247 -29.69 29.64 12.96
N ASP D 248 -29.47 29.29 14.22
CA ASP D 248 -28.68 30.15 15.11
C ASP D 248 -27.24 30.21 14.62
N LYS D 249 -26.74 29.08 14.14
CA LYS D 249 -25.38 28.99 13.62
C LYS D 249 -25.21 29.90 12.41
N LEU D 250 -26.18 29.86 11.49
CA LEU D 250 -26.10 30.68 10.29
C LEU D 250 -26.21 32.16 10.60
N LYS D 251 -27.00 32.53 11.60
CA LYS D 251 -27.10 33.94 11.92
C LYS D 251 -25.76 34.44 12.48
N ASN D 252 -25.14 33.66 13.35
CA ASN D 252 -23.87 34.05 13.91
C ASN D 252 -22.80 34.16 12.83
N LYS D 253 -22.87 33.25 11.86
CA LYS D 253 -21.92 33.22 10.75
C LYS D 253 -21.96 34.47 9.90
N TRP D 254 -23.17 34.92 9.55
CA TRP D 254 -23.32 36.09 8.69
C TRP D 254 -23.45 37.44 9.37
N TRP D 255 -23.71 37.45 10.68
CA TRP D 255 -23.88 38.70 11.42
C TRP D 255 -22.71 39.08 12.31
N TYR D 256 -22.26 38.13 13.12
CA TYR D 256 -21.21 38.43 14.08
C TYR D 256 -19.84 37.83 13.84
N ASP D 257 -19.77 36.59 13.36
CA ASP D 257 -18.46 35.97 13.11
C ASP D 257 -17.65 36.80 12.12
N LYS D 258 -18.34 37.47 11.21
CA LYS D 258 -17.65 38.29 10.23
C LYS D 258 -17.79 39.77 10.48
N GLY D 259 -18.13 40.14 11.72
CA GLY D 259 -18.28 41.54 12.07
C GLY D 259 -16.98 42.29 11.84
N GLU D 260 -17.09 43.54 11.38
CA GLU D 260 -15.92 44.36 11.08
C GLU D 260 -15.67 45.45 12.12
N CYS D 261 -16.47 45.45 13.19
CA CYS D 261 -16.35 46.46 14.23
C CYS D 261 -15.97 45.87 15.58
N ASN E 3 -16.88 -3.80 -35.63
CA ASN E 3 -16.26 -2.98 -34.55
C ASN E 3 -16.91 -1.60 -34.50
N LYS E 4 -17.12 -1.09 -33.28
CA LYS E 4 -17.72 0.21 -33.09
C LYS E 4 -16.92 1.02 -32.09
N THR E 5 -17.11 2.33 -32.08
CA THR E 5 -16.39 3.20 -31.15
C THR E 5 -16.92 2.97 -29.74
N VAL E 6 -16.02 2.62 -28.83
CA VAL E 6 -16.36 2.37 -27.44
C VAL E 6 -16.61 3.67 -26.67
N VAL E 7 -17.78 3.77 -26.04
CA VAL E 7 -18.11 4.96 -25.27
C VAL E 7 -17.55 4.80 -23.86
N VAL E 8 -16.57 5.63 -23.52
CA VAL E 8 -15.95 5.59 -22.20
C VAL E 8 -16.52 6.66 -21.30
N THR E 9 -17.02 6.26 -20.14
CA THR E 9 -17.53 7.24 -19.19
C THR E 9 -16.44 7.46 -18.15
N THR E 10 -16.21 8.71 -17.79
CA THR E 10 -15.21 9.03 -16.79
C THR E 10 -15.68 10.26 -16.04
N ILE E 11 -14.87 10.77 -15.13
CA ILE E 11 -15.28 11.91 -14.34
C ILE E 11 -14.17 12.96 -14.23
N LEU E 12 -14.56 14.24 -14.20
CA LEU E 12 -13.58 15.32 -14.07
C LEU E 12 -13.09 15.36 -12.64
N GLU E 13 -11.96 14.70 -12.40
CA GLU E 13 -11.36 14.60 -11.08
C GLU E 13 -9.86 14.64 -11.27
N SER E 14 -9.20 15.64 -10.68
CA SER E 14 -7.76 15.76 -10.82
C SER E 14 -7.05 14.74 -9.94
N PRO E 15 -5.94 14.15 -10.44
CA PRO E 15 -5.29 14.34 -11.74
C PRO E 15 -5.67 13.23 -12.74
N TYR E 16 -6.83 12.63 -12.53
CA TYR E 16 -7.28 11.54 -13.40
C TYR E 16 -7.73 12.01 -14.77
N VAL E 17 -8.65 12.97 -14.80
CA VAL E 17 -9.15 13.54 -16.04
C VAL E 17 -9.35 15.03 -15.79
N MET E 18 -8.65 15.85 -16.58
CA MET E 18 -8.71 17.28 -16.44
C MET E 18 -8.81 17.95 -17.79
N MET E 19 -9.55 19.05 -17.84
CA MET E 19 -9.71 19.80 -19.09
C MET E 19 -8.41 20.57 -19.32
N LYS E 20 -7.78 20.34 -20.47
CA LYS E 20 -6.55 21.04 -20.78
C LYS E 20 -6.89 22.53 -20.83
N LYS E 21 -5.95 23.37 -20.40
CA LYS E 21 -6.18 24.81 -20.41
C LYS E 21 -6.61 25.30 -21.80
N ASN E 22 -7.69 26.05 -21.82
CA ASN E 22 -8.24 26.62 -23.05
C ASN E 22 -8.72 25.64 -24.11
N HIS E 23 -9.08 24.43 -23.71
CA HIS E 23 -9.55 23.43 -24.68
C HIS E 23 -11.06 23.21 -24.65
N GLU E 24 -11.77 24.02 -23.87
CA GLU E 24 -13.22 23.88 -23.74
C GLU E 24 -13.98 23.87 -25.07
N MET E 25 -13.49 24.63 -26.04
CA MET E 25 -14.16 24.71 -27.34
C MET E 25 -13.65 23.75 -28.40
N LEU E 26 -12.64 22.95 -28.06
CA LEU E 26 -12.11 21.97 -29.01
C LEU E 26 -13.00 20.74 -28.97
N GLU E 27 -12.64 19.71 -29.74
CA GLU E 27 -13.44 18.51 -29.75
C GLU E 27 -12.65 17.22 -29.64
N GLY E 28 -13.33 16.15 -29.24
CA GLY E 28 -12.67 14.87 -29.13
C GLY E 28 -11.88 14.65 -27.85
N ASN E 29 -11.16 13.54 -27.81
CA ASN E 29 -10.37 13.17 -26.65
C ASN E 29 -9.18 14.08 -26.37
N GLU E 30 -8.75 14.84 -27.38
CA GLU E 30 -7.60 15.73 -27.24
C GLU E 30 -7.81 16.82 -26.19
N ARG E 31 -9.06 17.08 -25.84
CA ARG E 31 -9.38 18.10 -24.83
C ARG E 31 -8.90 17.75 -23.43
N TYR E 32 -8.84 16.46 -23.14
CA TYR E 32 -8.49 16.00 -21.80
C TYR E 32 -7.08 15.46 -21.60
N GLU E 33 -6.60 15.54 -20.36
CA GLU E 33 -5.29 15.04 -19.99
C GLU E 33 -5.40 14.45 -18.58
N GLY E 34 -4.49 13.55 -18.24
CA GLY E 34 -4.52 12.97 -16.91
C GLY E 34 -4.20 11.49 -16.85
N TYR E 35 -4.07 10.98 -15.63
CA TYR E 35 -3.75 9.58 -15.41
C TYR E 35 -4.73 8.65 -16.14
N CYS E 36 -6.02 8.91 -15.99
CA CYS E 36 -7.00 8.05 -16.63
C CYS E 36 -7.10 8.25 -18.13
N VAL E 37 -6.67 9.41 -18.62
CA VAL E 37 -6.68 9.65 -20.05
C VAL E 37 -5.56 8.81 -20.66
N ASP E 38 -4.40 8.80 -19.99
CA ASP E 38 -3.26 8.01 -20.44
C ASP E 38 -3.58 6.52 -20.30
N LEU E 39 -4.27 6.15 -19.23
CA LEU E 39 -4.64 4.76 -19.01
C LEU E 39 -5.60 4.29 -20.09
N ALA E 40 -6.59 5.12 -20.42
CA ALA E 40 -7.56 4.75 -21.45
C ALA E 40 -6.85 4.49 -22.79
N ALA E 41 -5.87 5.33 -23.13
CA ALA E 41 -5.14 5.16 -24.37
C ALA E 41 -4.42 3.82 -24.43
N GLU E 42 -3.81 3.43 -23.31
CA GLU E 42 -3.08 2.17 -23.25
C GLU E 42 -4.04 0.98 -23.28
N ILE E 43 -5.14 1.07 -22.56
CA ILE E 43 -6.11 -0.01 -22.53
C ILE E 43 -6.68 -0.24 -23.93
N ALA E 44 -7.04 0.85 -24.59
CA ALA E 44 -7.61 0.75 -25.94
C ALA E 44 -6.59 0.17 -26.92
N LYS E 45 -5.33 0.55 -26.76
CA LYS E 45 -4.27 0.07 -27.65
C LYS E 45 -4.09 -1.44 -27.48
N HIS E 46 -4.01 -1.87 -26.22
CA HIS E 46 -3.82 -3.29 -25.95
C HIS E 46 -5.02 -4.16 -26.30
N CYS E 47 -6.23 -3.59 -26.19
CA CYS E 47 -7.45 -4.34 -26.49
C CYS E 47 -7.90 -4.18 -27.93
N GLY E 48 -7.27 -3.25 -28.65
CA GLY E 48 -7.60 -3.03 -30.04
C GLY E 48 -8.93 -2.36 -30.36
N PHE E 49 -9.30 -1.32 -29.62
CA PHE E 49 -10.56 -0.64 -29.91
C PHE E 49 -10.41 0.89 -29.96
N LYS E 50 -11.32 1.52 -30.68
CA LYS E 50 -11.35 2.98 -30.79
C LYS E 50 -12.33 3.42 -29.73
N TYR E 51 -12.14 4.61 -29.18
CA TYR E 51 -13.01 5.08 -28.11
C TYR E 51 -13.25 6.58 -28.08
N LYS E 52 -14.29 6.97 -27.35
CA LYS E 52 -14.66 8.36 -27.18
C LYS E 52 -14.80 8.63 -25.69
N LEU E 53 -14.03 9.58 -25.17
CA LEU E 53 -14.12 9.92 -23.76
C LEU E 53 -15.33 10.82 -23.53
N THR E 54 -16.16 10.47 -22.56
CA THR E 54 -17.33 11.27 -22.22
C THR E 54 -17.37 11.46 -20.71
N ILE E 55 -17.73 12.65 -20.26
CA ILE E 55 -17.79 12.92 -18.83
C ILE E 55 -19.19 12.58 -18.32
N VAL E 56 -19.24 11.78 -17.26
CA VAL E 56 -20.51 11.38 -16.67
C VAL E 56 -21.44 12.57 -16.49
N GLY E 57 -22.65 12.42 -17.03
CA GLY E 57 -23.64 13.47 -16.99
C GLY E 57 -23.96 14.12 -15.65
N ASP E 58 -24.14 13.32 -14.60
CA ASP E 58 -24.48 13.88 -13.30
C ASP E 58 -23.29 14.15 -12.39
N GLY E 59 -22.08 13.95 -12.94
CA GLY E 59 -20.85 14.20 -12.19
C GLY E 59 -20.62 13.37 -10.94
N LYS E 60 -21.25 12.21 -10.86
CA LYS E 60 -21.11 11.33 -9.69
C LYS E 60 -20.45 9.99 -10.00
N TYR E 61 -19.93 9.35 -8.97
CA TYR E 61 -19.27 8.07 -9.13
C TYR E 61 -20.30 6.94 -9.29
N GLY E 62 -21.25 6.89 -8.37
CA GLY E 62 -22.27 5.85 -8.49
C GLY E 62 -22.78 5.26 -7.19
N ALA E 63 -24.07 5.44 -6.96
CA ALA E 63 -24.73 4.90 -5.76
C ALA E 63 -26.14 4.54 -6.14
N ARG E 64 -26.72 3.59 -5.41
CA ARG E 64 -28.09 3.17 -5.68
C ARG E 64 -29.04 3.86 -4.71
N ASP E 65 -30.01 4.58 -5.24
CA ASP E 65 -30.99 5.29 -4.41
C ASP E 65 -31.82 4.28 -3.62
N ALA E 66 -31.94 4.52 -2.31
CA ALA E 66 -32.69 3.63 -1.43
C ALA E 66 -34.16 3.51 -1.82
N ASP E 67 -34.74 4.60 -2.30
CA ASP E 67 -36.13 4.59 -2.68
C ASP E 67 -36.41 4.02 -4.07
N THR E 68 -35.91 4.71 -5.09
CA THR E 68 -36.11 4.28 -6.48
C THR E 68 -35.27 3.06 -6.88
N LYS E 69 -34.19 2.80 -6.15
CA LYS E 69 -33.32 1.67 -6.43
C LYS E 69 -32.57 1.89 -7.74
N ILE E 70 -32.57 3.14 -8.21
CA ILE E 70 -31.90 3.51 -9.45
C ILE E 70 -30.45 3.92 -9.22
N TRP E 71 -29.55 3.44 -10.07
CA TRP E 71 -28.13 3.77 -9.96
C TRP E 71 -27.81 5.07 -10.68
N ASN E 72 -27.04 5.94 -10.03
CA ASN E 72 -26.64 7.19 -10.68
C ASN E 72 -25.15 7.12 -11.01
N GLY E 73 -24.59 8.24 -11.43
CA GLY E 73 -23.18 8.31 -11.74
C GLY E 73 -22.67 7.39 -12.83
N MET E 74 -21.36 7.14 -12.82
CA MET E 74 -20.74 6.29 -13.82
C MET E 74 -21.29 4.87 -13.76
N VAL E 75 -21.58 4.38 -12.56
CA VAL E 75 -22.13 3.04 -12.42
C VAL E 75 -23.45 2.99 -13.16
N GLY E 76 -24.28 4.00 -12.95
CA GLY E 76 -25.57 4.06 -13.63
C GLY E 76 -25.42 4.07 -15.14
N GLU E 77 -24.48 4.85 -15.66
CA GLU E 77 -24.30 4.89 -17.10
C GLU E 77 -23.99 3.50 -17.67
N LEU E 78 -23.27 2.67 -16.92
CA LEU E 78 -22.95 1.33 -17.38
C LEU E 78 -24.17 0.43 -17.25
N VAL E 79 -24.82 0.48 -16.09
CA VAL E 79 -26.00 -0.34 -15.81
C VAL E 79 -27.14 -0.13 -16.81
N TYR E 80 -27.37 1.11 -17.21
CA TYR E 80 -28.45 1.39 -18.15
C TYR E 80 -28.07 1.46 -19.61
N GLY E 81 -26.83 1.06 -19.90
CA GLY E 81 -26.36 1.02 -21.28
C GLY E 81 -25.99 2.34 -21.95
N LYS E 82 -25.69 3.36 -21.14
CA LYS E 82 -25.32 4.66 -21.70
C LYS E 82 -23.83 4.73 -22.04
N ALA E 83 -23.04 3.86 -21.42
CA ALA E 83 -21.60 3.80 -21.67
C ALA E 83 -21.16 2.34 -21.74
N ASP E 84 -20.06 2.09 -22.44
CA ASP E 84 -19.55 0.72 -22.62
C ASP E 84 -18.48 0.35 -21.60
N ILE E 85 -17.85 1.37 -21.01
CA ILE E 85 -16.79 1.10 -20.05
C ILE E 85 -16.54 2.37 -19.25
N ALA E 86 -16.09 2.20 -18.01
CA ALA E 86 -15.77 3.33 -17.14
C ALA E 86 -14.29 3.23 -16.80
N ILE E 87 -13.54 4.26 -17.15
CA ILE E 87 -12.12 4.30 -16.87
C ILE E 87 -11.93 5.56 -16.03
N ALA E 88 -11.91 5.37 -14.72
CA ALA E 88 -11.83 6.47 -13.76
C ALA E 88 -11.44 5.94 -12.38
N PRO E 89 -11.29 6.85 -11.39
CA PRO E 89 -10.94 6.37 -10.05
C PRO E 89 -12.21 5.81 -9.39
N LEU E 90 -12.73 4.74 -9.98
CA LEU E 90 -13.94 4.08 -9.49
C LEU E 90 -13.58 2.94 -8.56
N THR E 91 -13.95 3.08 -7.30
CA THR E 91 -13.62 2.09 -6.28
C THR E 91 -14.37 0.77 -6.42
N ILE E 92 -13.63 -0.33 -6.36
CA ILE E 92 -14.24 -1.66 -6.43
C ILE E 92 -14.92 -1.93 -5.09
N THR E 93 -16.23 -2.13 -5.12
CA THR E 93 -17.00 -2.42 -3.91
C THR E 93 -17.96 -3.58 -4.19
N LEU E 94 -18.39 -4.25 -3.14
CA LEU E 94 -19.30 -5.37 -3.26
C LEU E 94 -20.62 -5.00 -3.95
N VAL E 95 -21.30 -3.97 -3.47
CA VAL E 95 -22.57 -3.60 -4.08
C VAL E 95 -22.44 -3.27 -5.56
N ARG E 96 -21.28 -2.75 -5.96
CA ARG E 96 -21.09 -2.44 -7.36
C ARG E 96 -20.77 -3.69 -8.18
N GLU E 97 -19.91 -4.55 -7.66
CA GLU E 97 -19.55 -5.76 -8.39
C GLU E 97 -20.77 -6.65 -8.59
N GLU E 98 -21.81 -6.43 -7.79
CA GLU E 98 -23.02 -7.22 -7.95
C GLU E 98 -23.80 -6.80 -9.21
N VAL E 99 -23.56 -5.58 -9.71
CA VAL E 99 -24.26 -5.10 -10.90
C VAL E 99 -23.38 -4.80 -12.13
N ILE E 100 -22.08 -4.60 -11.91
CA ILE E 100 -21.17 -4.36 -13.03
C ILE E 100 -19.92 -5.20 -12.82
N ASP E 101 -19.09 -5.32 -13.85
CA ASP E 101 -17.85 -6.08 -13.74
C ASP E 101 -16.67 -5.14 -13.54
N PHE E 102 -15.69 -5.57 -12.74
CA PHE E 102 -14.49 -4.77 -12.48
C PHE E 102 -13.27 -5.57 -12.88
N SER E 103 -12.27 -4.88 -13.42
CA SER E 103 -11.01 -5.52 -13.77
C SER E 103 -10.27 -5.63 -12.45
N LYS E 104 -9.13 -6.31 -12.45
CA LYS E 104 -8.31 -6.38 -11.24
C LYS E 104 -7.96 -4.90 -11.03
N PRO E 105 -7.67 -4.49 -9.79
CA PRO E 105 -7.34 -3.08 -9.52
C PRO E 105 -6.08 -2.55 -10.19
N PHE E 106 -6.15 -1.30 -10.64
CA PHE E 106 -5.00 -0.67 -11.29
C PHE E 106 -4.32 0.34 -10.37
N MET E 107 -4.93 0.61 -9.22
CA MET E 107 -4.36 1.56 -8.26
C MET E 107 -4.90 1.24 -6.87
N SER E 108 -4.02 1.32 -5.87
CA SER E 108 -4.42 1.05 -4.51
C SER E 108 -4.73 2.35 -3.79
N LEU E 109 -5.62 2.28 -2.80
CA LEU E 109 -5.98 3.46 -2.03
C LEU E 109 -6.70 3.07 -0.75
N GLY E 110 -6.88 4.05 0.13
CA GLY E 110 -7.58 3.84 1.37
C GLY E 110 -8.18 5.17 1.78
N ILE E 111 -9.26 5.14 2.54
CA ILE E 111 -9.86 6.38 3.00
C ILE E 111 -8.84 7.03 3.93
N SER E 112 -8.69 8.35 3.82
CA SER E 112 -7.72 9.06 4.63
C SER E 112 -8.27 10.41 5.09
N ILE E 113 -7.51 11.09 5.94
CA ILE E 113 -7.92 12.39 6.45
C ILE E 113 -7.09 13.53 5.89
N MET E 114 -7.79 14.56 5.41
CA MET E 114 -7.12 15.76 4.89
C MET E 114 -7.42 16.90 5.87
N ILE E 115 -6.39 17.60 6.31
CA ILE E 115 -6.58 18.72 7.20
C ILE E 115 -5.87 19.96 6.68
N LYS E 116 -6.27 21.11 7.17
CA LYS E 116 -5.61 22.36 6.81
C LYS E 116 -4.39 22.29 7.73
N LYS E 117 -3.21 22.62 7.23
CA LYS E 117 -2.01 22.53 8.08
C LYS E 117 -2.21 23.24 9.41
N GLY E 118 -1.78 22.59 10.49
CA GLY E 118 -1.92 23.19 11.82
C GLY E 118 -3.11 22.68 12.61
N THR E 119 -4.02 21.99 11.93
CA THR E 119 -5.20 21.45 12.61
C THR E 119 -4.77 20.38 13.63
N PRO E 120 -5.23 20.52 14.89
CA PRO E 120 -4.88 19.56 15.94
C PRO E 120 -5.63 18.24 15.84
N ILE E 121 -5.36 17.50 14.77
CA ILE E 121 -5.98 16.21 14.50
C ILE E 121 -4.93 15.30 13.88
N GLU E 122 -4.81 14.09 14.39
CA GLU E 122 -3.83 13.14 13.86
C GLU E 122 -4.44 11.81 13.42
N SER E 123 -5.71 11.58 13.73
CA SER E 123 -6.34 10.32 13.38
C SER E 123 -7.85 10.39 13.39
N ALA E 124 -8.49 9.31 12.94
CA ALA E 124 -9.94 9.23 12.93
C ALA E 124 -10.43 9.26 14.37
N GLU E 125 -9.70 8.55 15.24
CA GLU E 125 -10.07 8.50 16.64
C GLU E 125 -10.15 9.93 17.18
N ASP E 126 -9.13 10.73 16.85
CA ASP E 126 -9.09 12.14 17.29
C ASP E 126 -10.35 12.89 16.86
N LEU E 127 -10.71 12.76 15.59
CA LEU E 127 -11.90 13.44 15.07
C LEU E 127 -13.15 13.02 15.83
N SER E 128 -13.27 11.72 16.11
CA SER E 128 -14.44 11.18 16.80
C SER E 128 -14.59 11.59 18.26
N LYS E 129 -13.49 11.99 18.89
CA LYS E 129 -13.53 12.38 20.31
C LYS E 129 -13.65 13.87 20.56
N GLN E 130 -14.02 14.62 19.52
CA GLN E 130 -14.16 16.06 19.66
C GLN E 130 -15.30 16.55 18.77
N THR E 131 -15.69 17.82 18.95
CA THR E 131 -16.79 18.38 18.16
C THR E 131 -16.47 19.76 17.61
N GLU E 132 -15.32 20.31 18.02
CA GLU E 132 -14.90 21.63 17.57
C GLU E 132 -14.70 21.65 16.06
N ILE E 133 -14.09 20.59 15.54
CA ILE E 133 -13.78 20.47 14.12
C ILE E 133 -14.79 19.56 13.42
N ALA E 134 -15.45 20.09 12.40
CA ALA E 134 -16.43 19.32 11.63
C ALA E 134 -15.68 18.50 10.60
N TYR E 135 -16.31 17.44 10.11
CA TYR E 135 -15.69 16.60 9.11
C TYR E 135 -16.76 15.85 8.33
N GLY E 136 -16.49 15.62 7.05
CA GLY E 136 -17.45 14.93 6.21
C GLY E 136 -16.80 14.22 5.04
N THR E 137 -17.63 13.77 4.10
CA THR E 137 -17.15 13.05 2.93
C THR E 137 -17.88 13.49 1.66
N LEU E 138 -17.50 12.88 0.55
CA LEU E 138 -18.12 13.15 -0.74
C LEU E 138 -19.48 12.45 -0.72
N ASP E 139 -20.43 12.94 -1.51
CA ASP E 139 -21.75 12.31 -1.60
C ASP E 139 -21.76 11.30 -2.74
N SER E 140 -22.67 10.33 -2.67
CA SER E 140 -22.82 9.32 -3.71
C SER E 140 -21.54 8.53 -4.04
N GLY E 141 -20.72 8.27 -3.03
CA GLY E 141 -19.50 7.54 -3.26
C GLY E 141 -19.23 6.41 -2.29
N SER E 142 -18.10 5.74 -2.47
CA SER E 142 -17.74 4.61 -1.61
C SER E 142 -17.33 5.03 -0.19
N THR E 143 -16.79 6.24 -0.03
CA THR E 143 -16.37 6.68 1.29
C THR E 143 -17.58 6.88 2.20
N LYS E 144 -18.65 7.47 1.67
CA LYS E 144 -19.83 7.69 2.48
C LYS E 144 -20.42 6.34 2.87
N GLU E 145 -20.48 5.41 1.93
CA GLU E 145 -21.00 4.07 2.18
C GLU E 145 -20.16 3.34 3.23
N PHE E 146 -18.85 3.55 3.20
CA PHE E 146 -17.96 2.92 4.18
C PHE E 146 -18.40 3.29 5.60
N PHE E 147 -18.63 4.57 5.83
CA PHE E 147 -19.04 5.00 7.16
C PHE E 147 -20.47 4.59 7.49
N ARG E 148 -21.33 4.57 6.48
CA ARG E 148 -22.73 4.18 6.68
C ARG E 148 -22.86 2.74 7.14
N ARG E 149 -22.01 1.87 6.60
CA ARG E 149 -22.08 0.44 6.95
C ARG E 149 -21.08 -0.05 8.00
N SER E 150 -20.13 0.79 8.39
CA SER E 150 -19.14 0.35 9.36
C SER E 150 -19.66 -0.05 10.73
N LYS E 151 -19.12 -1.15 11.25
CA LYS E 151 -19.50 -1.65 12.56
C LYS E 151 -18.37 -1.39 13.53
N ILE E 152 -17.29 -0.79 13.04
CA ILE E 152 -16.14 -0.46 13.88
C ILE E 152 -16.51 0.72 14.77
N ALA E 153 -16.28 0.55 16.07
CA ALA E 153 -16.60 1.58 17.07
C ALA E 153 -16.35 3.04 16.67
N VAL E 154 -15.11 3.35 16.31
CA VAL E 154 -14.75 4.72 15.94
C VAL E 154 -15.46 5.24 14.69
N PHE E 155 -15.53 4.42 13.65
CA PHE E 155 -16.18 4.85 12.41
C PHE E 155 -17.69 4.96 12.57
N ASP E 156 -18.26 4.11 13.43
CA ASP E 156 -19.70 4.12 13.68
C ASP E 156 -20.05 5.43 14.39
N LYS E 157 -19.17 5.84 15.31
CA LYS E 157 -19.38 7.09 16.04
C LYS E 157 -19.29 8.26 15.07
N MET E 158 -18.32 8.20 14.15
CA MET E 158 -18.15 9.25 13.16
C MET E 158 -19.38 9.34 12.25
N TRP E 159 -19.93 8.20 11.86
CA TRP E 159 -21.11 8.20 10.99
C TRP E 159 -22.30 8.80 11.73
N THR E 160 -22.47 8.41 12.99
CA THR E 160 -23.58 8.94 13.79
C THR E 160 -23.54 10.45 13.79
N TYR E 161 -22.33 11.01 13.92
CA TYR E 161 -22.18 12.46 13.92
C TYR E 161 -22.43 13.06 12.54
N MET E 162 -21.74 12.54 11.52
CA MET E 162 -21.88 13.07 10.17
C MET E 162 -23.28 13.02 9.57
N ARG E 163 -23.98 11.90 9.77
CA ARG E 163 -25.31 11.73 9.18
C ARG E 163 -26.33 12.80 9.56
N SER E 164 -26.18 13.41 10.73
CA SER E 164 -27.14 14.42 11.16
C SER E 164 -26.52 15.79 11.47
N ALA E 165 -25.27 15.99 11.09
CA ALA E 165 -24.59 17.26 11.33
C ALA E 165 -25.21 18.36 10.48
N GLU E 166 -25.29 19.56 11.04
CA GLU E 166 -25.86 20.72 10.35
C GLU E 166 -24.91 21.90 10.52
N PRO E 167 -24.57 22.60 9.43
CA PRO E 167 -25.02 22.35 8.05
C PRO E 167 -24.38 21.06 7.55
N SER E 168 -24.91 20.50 6.46
CA SER E 168 -24.38 19.26 5.91
C SER E 168 -22.85 19.26 5.80
N VAL E 169 -22.25 18.17 6.24
CA VAL E 169 -20.80 18.03 6.19
C VAL E 169 -20.39 17.33 4.90
N PHE E 170 -21.38 16.96 4.08
CA PHE E 170 -21.10 16.28 2.82
C PHE E 170 -20.93 17.27 1.67
N VAL E 171 -20.12 16.91 0.68
CA VAL E 171 -19.88 17.78 -0.47
C VAL E 171 -20.20 17.09 -1.79
N ARG E 172 -20.42 17.89 -2.83
CA ARG E 172 -20.78 17.37 -4.15
C ARG E 172 -19.60 16.83 -4.95
N THR E 173 -18.43 17.45 -4.77
CA THR E 173 -17.23 17.05 -5.49
C THR E 173 -16.00 17.16 -4.61
N THR E 174 -14.94 16.48 -4.99
CA THR E 174 -13.71 16.51 -4.22
C THR E 174 -13.21 17.95 -4.14
N ALA E 175 -13.29 18.69 -5.24
CA ALA E 175 -12.84 20.08 -5.26
C ALA E 175 -13.57 20.89 -4.19
N GLU E 176 -14.85 20.62 -4.00
CA GLU E 176 -15.66 21.33 -3.01
C GLU E 176 -15.16 21.01 -1.60
N GLY E 177 -14.86 19.75 -1.36
CA GLY E 177 -14.37 19.36 -0.05
C GLY E 177 -13.04 20.00 0.25
N VAL E 178 -12.16 20.03 -0.76
CA VAL E 178 -10.84 20.62 -0.61
C VAL E 178 -10.95 22.13 -0.32
N ALA E 179 -11.79 22.81 -1.10
CA ALA E 179 -11.99 24.25 -0.90
C ALA E 179 -12.56 24.52 0.50
N ARG E 180 -13.42 23.63 0.98
CA ARG E 180 -14.02 23.80 2.29
C ARG E 180 -12.98 23.69 3.39
N VAL E 181 -12.04 22.76 3.22
CA VAL E 181 -10.98 22.61 4.20
C VAL E 181 -10.12 23.87 4.22
N ARG E 182 -9.75 24.33 3.03
CA ARG E 182 -8.91 25.51 2.88
C ARG E 182 -9.49 26.84 3.38
N LYS E 183 -10.80 26.98 3.35
CA LYS E 183 -11.43 28.22 3.79
C LYS E 183 -12.01 28.13 5.20
N SER E 184 -11.85 26.98 5.85
CA SER E 184 -12.42 26.81 7.18
C SER E 184 -11.52 27.10 8.37
N LYS E 185 -10.32 27.60 8.13
CA LYS E 185 -9.41 27.94 9.22
C LYS E 185 -9.19 26.77 10.17
N GLY E 186 -9.15 25.56 9.61
CA GLY E 186 -8.93 24.38 10.42
C GLY E 186 -10.15 23.80 11.12
N LYS E 187 -11.33 24.39 10.86
CA LYS E 187 -12.55 23.92 11.49
C LYS E 187 -13.29 22.84 10.70
N TYR E 188 -12.71 22.41 9.58
CA TYR E 188 -13.30 21.35 8.77
C TYR E 188 -12.19 20.45 8.25
N ALA E 189 -12.38 19.14 8.41
CA ALA E 189 -11.43 18.13 7.95
C ALA E 189 -12.23 17.31 6.93
N TYR E 190 -11.58 16.90 5.86
CA TYR E 190 -12.25 16.14 4.81
C TYR E 190 -11.75 14.70 4.71
N LEU E 191 -12.68 13.75 4.67
CA LEU E 191 -12.36 12.34 4.56
C LEU E 191 -12.46 11.97 3.09
N LEU E 192 -11.33 11.59 2.50
CA LEU E 192 -11.30 11.24 1.09
C LEU E 192 -10.23 10.20 0.83
N GLU E 193 -10.23 9.63 -0.37
CA GLU E 193 -9.26 8.60 -0.70
C GLU E 193 -7.84 9.14 -0.73
N SER E 194 -6.92 8.33 -0.22
CA SER E 194 -5.50 8.69 -0.11
C SER E 194 -4.87 9.20 -1.40
N THR E 195 -5.32 8.64 -2.52
CA THR E 195 -4.82 9.03 -3.82
C THR E 195 -5.08 10.52 -4.07
N MET E 196 -6.33 10.95 -3.88
CA MET E 196 -6.66 12.37 -4.08
C MET E 196 -5.95 13.21 -3.02
N ASN E 197 -5.96 12.73 -1.78
CA ASN E 197 -5.33 13.45 -0.68
C ASN E 197 -3.86 13.74 -0.97
N GLU E 198 -3.12 12.70 -1.35
CA GLU E 198 -1.70 12.82 -1.66
C GLU E 198 -1.43 13.72 -2.88
N TYR E 199 -2.37 13.76 -3.80
CA TYR E 199 -2.20 14.60 -4.98
C TYR E 199 -2.31 16.07 -4.58
N ILE E 200 -3.39 16.41 -3.88
CA ILE E 200 -3.64 17.78 -3.44
C ILE E 200 -2.55 18.32 -2.51
N GLU E 201 -1.99 17.43 -1.70
CA GLU E 201 -0.94 17.80 -0.76
C GLU E 201 0.27 18.39 -1.50
N GLN E 202 0.39 18.04 -2.78
CA GLN E 202 1.51 18.55 -3.58
C GLN E 202 1.08 19.65 -4.55
N ARG E 203 -0.07 20.27 -4.28
CA ARG E 203 -0.56 21.35 -5.15
C ARG E 203 -0.61 22.65 -4.37
N LYS E 204 -0.28 23.75 -5.03
CA LYS E 204 -0.33 25.06 -4.38
C LYS E 204 -1.79 25.30 -4.00
N PRO E 205 -2.03 26.10 -2.95
CA PRO E 205 -1.06 26.78 -2.10
C PRO E 205 -0.35 25.94 -1.03
N CYS E 206 -0.32 24.63 -1.21
CA CYS E 206 0.37 23.76 -0.26
C CYS E 206 -0.04 23.99 1.18
N ASP E 207 -1.34 24.07 1.44
CA ASP E 207 -1.82 24.32 2.79
C ASP E 207 -2.59 23.16 3.40
N THR E 208 -2.58 22.00 2.75
CA THR E 208 -3.29 20.85 3.29
C THR E 208 -2.33 19.71 3.45
N MET E 209 -2.73 18.70 4.21
CA MET E 209 -1.90 17.55 4.38
C MET E 209 -2.69 16.35 4.87
N LYS E 210 -2.17 15.18 4.56
CA LYS E 210 -2.78 13.93 4.96
C LYS E 210 -2.23 13.60 6.34
N VAL E 211 -3.10 13.15 7.24
CA VAL E 211 -2.66 12.77 8.58
C VAL E 211 -3.20 11.39 8.96
N GLY E 212 -2.41 10.66 9.74
CA GLY E 212 -2.81 9.34 10.16
C GLY E 212 -2.71 8.31 9.06
N GLY E 213 -2.95 7.06 9.40
CA GLY E 213 -2.88 6.00 8.39
C GLY E 213 -4.22 5.92 7.69
N ASN E 214 -4.30 5.14 6.62
CA ASN E 214 -5.54 4.96 5.89
C ASN E 214 -6.48 4.11 6.74
N LEU E 215 -7.78 4.34 6.60
CA LEU E 215 -8.78 3.61 7.37
C LEU E 215 -9.12 2.25 6.78
N ASP E 216 -8.82 2.07 5.50
CA ASP E 216 -9.07 0.80 4.85
C ASP E 216 -8.11 0.61 3.70
N SER E 217 -8.24 -0.52 3.00
CA SER E 217 -7.35 -0.80 1.87
C SER E 217 -8.17 -1.38 0.74
N LYS E 218 -8.19 -0.70 -0.39
CA LYS E 218 -8.95 -1.17 -1.53
C LYS E 218 -8.33 -0.70 -2.84
N GLY E 219 -9.07 -0.84 -3.93
CA GLY E 219 -8.51 -0.41 -5.20
C GLY E 219 -9.51 0.09 -6.22
N TYR E 220 -8.99 0.75 -7.25
CA TYR E 220 -9.81 1.25 -8.34
C TYR E 220 -9.73 0.20 -9.44
N GLY E 221 -10.85 0.01 -10.12
CA GLY E 221 -10.89 -0.95 -11.20
C GLY E 221 -11.58 -0.36 -12.41
N ILE E 222 -11.29 -0.91 -13.58
CA ILE E 222 -11.95 -0.47 -14.80
C ILE E 222 -13.23 -1.28 -14.84
N ALA E 223 -14.36 -0.59 -15.01
CA ALA E 223 -15.65 -1.27 -15.01
C ALA E 223 -16.36 -1.37 -16.35
N THR E 224 -17.06 -2.49 -16.54
CA THR E 224 -17.82 -2.73 -17.76
C THR E 224 -19.16 -3.32 -17.36
N PRO E 225 -20.17 -3.21 -18.25
CA PRO E 225 -21.50 -3.76 -17.94
C PRO E 225 -21.36 -5.27 -17.83
N LYS E 226 -22.22 -5.92 -17.05
CA LYS E 226 -22.15 -7.36 -16.94
C LYS E 226 -22.34 -7.99 -18.32
N GLY E 227 -21.57 -9.04 -18.59
CA GLY E 227 -21.68 -9.71 -19.87
C GLY E 227 -21.03 -8.98 -21.03
N SER E 228 -20.26 -7.94 -20.74
CA SER E 228 -19.60 -7.20 -21.79
C SER E 228 -18.49 -8.05 -22.42
N SER E 229 -18.36 -7.94 -23.73
CA SER E 229 -17.33 -8.69 -24.45
C SER E 229 -15.96 -8.05 -24.24
N LEU E 230 -15.94 -6.89 -23.59
CA LEU E 230 -14.70 -6.17 -23.32
C LEU E 230 -14.05 -6.55 -22.01
N GLY E 231 -14.85 -7.04 -21.08
CA GLY E 231 -14.33 -7.40 -19.76
C GLY E 231 -13.05 -8.22 -19.68
N ASN E 232 -13.02 -9.34 -20.38
CA ASN E 232 -11.85 -10.22 -20.36
C ASN E 232 -10.58 -9.52 -20.83
N ALA E 233 -10.62 -8.94 -22.02
CA ALA E 233 -9.45 -8.26 -22.57
C ALA E 233 -8.98 -7.10 -21.71
N VAL E 234 -9.92 -6.35 -21.15
CA VAL E 234 -9.57 -5.22 -20.29
C VAL E 234 -8.87 -5.67 -19.02
N ASN E 235 -9.35 -6.77 -18.44
CA ASN E 235 -8.75 -7.29 -17.23
C ASN E 235 -7.31 -7.71 -17.50
N LEU E 236 -7.11 -8.48 -18.57
CA LEU E 236 -5.76 -8.93 -18.92
C LEU E 236 -4.87 -7.75 -19.24
N ALA E 237 -5.45 -6.69 -19.83
CA ALA E 237 -4.69 -5.51 -20.18
C ALA E 237 -4.17 -4.83 -18.91
N VAL E 238 -5.03 -4.72 -17.90
CA VAL E 238 -4.60 -4.09 -16.65
C VAL E 238 -3.42 -4.86 -16.05
N LEU E 239 -3.49 -6.18 -16.06
CA LEU E 239 -2.40 -6.99 -15.50
C LEU E 239 -1.10 -6.75 -16.26
N LYS E 240 -1.20 -6.67 -17.58
CA LYS E 240 0.00 -6.42 -18.40
C LYS E 240 0.59 -5.05 -18.11
N LEU E 241 -0.26 -4.03 -18.02
CA LEU E 241 0.21 -2.69 -17.74
C LEU E 241 0.92 -2.62 -16.39
N ASN E 242 0.41 -3.33 -15.40
CA ASN E 242 1.05 -3.32 -14.10
C ASN E 242 2.43 -3.96 -14.19
N GLU E 243 2.50 -5.13 -14.79
CA GLU E 243 3.76 -5.86 -14.91
C GLU E 243 4.80 -5.16 -15.78
N GLN E 244 4.37 -4.30 -16.69
CA GLN E 244 5.29 -3.58 -17.55
C GLN E 244 5.78 -2.31 -16.85
N GLY E 245 5.26 -2.07 -15.65
CA GLY E 245 5.65 -0.89 -14.90
C GLY E 245 4.96 0.38 -15.37
N LEU E 246 4.02 0.25 -16.31
CA LEU E 246 3.31 1.40 -16.86
C LEU E 246 2.47 2.14 -15.80
N LEU E 247 1.72 1.39 -15.02
CA LEU E 247 0.89 2.02 -14.00
C LEU E 247 1.75 2.83 -13.02
N ASP E 248 2.91 2.29 -12.64
CA ASP E 248 3.78 3.01 -11.73
C ASP E 248 4.32 4.27 -12.38
N LYS E 249 4.62 4.18 -13.67
CA LYS E 249 5.14 5.33 -14.42
C LYS E 249 4.08 6.43 -14.46
N LEU E 250 2.83 6.05 -14.72
CA LEU E 250 1.75 7.03 -14.78
C LEU E 250 1.48 7.69 -13.42
N LYS E 251 1.61 6.91 -12.34
CA LYS E 251 1.40 7.42 -11.00
C LYS E 251 2.41 8.53 -10.72
N ASN E 252 3.67 8.23 -10.98
CA ASN E 252 4.76 9.18 -10.75
C ASN E 252 4.59 10.42 -11.63
N LYS E 253 4.20 10.22 -12.88
CA LYS E 253 4.00 11.31 -13.82
C LYS E 253 2.97 12.33 -13.34
N TRP E 254 1.82 11.84 -12.89
CA TRP E 254 0.75 12.74 -12.47
C TRP E 254 0.69 13.16 -11.00
N TRP E 255 1.46 12.50 -10.14
CA TRP E 255 1.46 12.86 -8.73
C TRP E 255 2.70 13.60 -8.27
N TYR E 256 3.85 12.95 -8.44
CA TYR E 256 5.14 13.48 -8.00
C TYR E 256 5.86 14.39 -8.98
N ASP E 257 5.90 14.00 -10.26
CA ASP E 257 6.57 14.83 -11.25
C ASP E 257 5.83 16.15 -11.40
N LYS E 258 4.53 16.15 -11.07
CA LYS E 258 3.75 17.37 -11.18
C LYS E 258 3.80 18.21 -9.91
N GLY E 259 4.35 17.63 -8.85
CA GLY E 259 4.44 18.34 -7.57
C GLY E 259 4.78 19.82 -7.65
N GLU E 260 4.04 20.62 -6.90
CA GLU E 260 4.22 22.07 -6.87
C GLU E 260 4.70 22.57 -5.51
N CYS E 261 4.86 21.66 -4.56
CA CYS E 261 5.27 22.03 -3.21
C CYS E 261 6.67 21.55 -2.87
N LYS F 4 -71.38 24.70 17.08
CA LYS F 4 -71.11 23.93 18.33
C LYS F 4 -70.11 24.67 19.21
N THR F 5 -70.23 24.48 20.51
CA THR F 5 -69.32 25.12 21.46
C THR F 5 -67.96 24.44 21.35
N VAL F 6 -66.93 25.24 21.11
CA VAL F 6 -65.57 24.75 20.96
C VAL F 6 -64.94 24.38 22.30
N VAL F 7 -64.49 23.14 22.43
CA VAL F 7 -63.83 22.71 23.66
C VAL F 7 -62.36 23.10 23.60
N VAL F 8 -61.95 23.97 24.52
CA VAL F 8 -60.58 24.43 24.58
C VAL F 8 -59.81 23.73 25.70
N THR F 9 -58.68 23.13 25.37
CA THR F 9 -57.89 22.50 26.42
C THR F 9 -56.76 23.48 26.75
N THR F 10 -56.50 23.65 28.02
CA THR F 10 -55.43 24.54 28.44
C THR F 10 -54.83 23.98 29.71
N ILE F 11 -53.87 24.69 30.27
CA ILE F 11 -53.19 24.19 31.46
C ILE F 11 -53.05 25.27 32.52
N LEU F 12 -53.16 24.89 33.79
CA LEU F 12 -53.01 25.86 34.88
C LEU F 12 -51.52 26.12 35.01
N GLU F 13 -51.10 27.28 34.49
CA GLU F 13 -49.70 27.69 34.49
C GLU F 13 -49.72 29.21 34.56
N SER F 14 -49.13 29.79 35.60
CA SER F 14 -49.11 31.24 35.73
C SER F 14 -48.10 31.85 34.77
N PRO F 15 -48.43 33.00 34.16
CA PRO F 15 -49.68 33.77 34.30
C PRO F 15 -50.62 33.56 33.11
N TYR F 16 -50.51 32.40 32.46
CA TYR F 16 -51.34 32.10 31.29
C TYR F 16 -52.79 31.79 31.67
N VAL F 17 -52.96 30.88 32.62
CA VAL F 17 -54.29 30.51 33.10
C VAL F 17 -54.18 30.26 34.59
N MET F 18 -54.91 31.03 35.37
CA MET F 18 -54.89 30.93 36.82
C MET F 18 -56.30 31.01 37.36
N MET F 19 -56.55 30.38 38.49
CA MET F 19 -57.89 30.46 39.09
C MET F 19 -58.02 31.82 39.74
N LYS F 20 -59.13 32.51 39.49
CA LYS F 20 -59.35 33.82 40.09
C LYS F 20 -59.42 33.68 41.61
N LYS F 21 -59.09 34.76 42.31
CA LYS F 21 -59.13 34.73 43.76
C LYS F 21 -60.42 34.15 44.30
N ASN F 22 -61.55 34.66 43.83
CA ASN F 22 -62.85 34.19 44.29
C ASN F 22 -63.50 33.24 43.29
N HIS F 23 -62.70 32.34 42.72
CA HIS F 23 -63.20 31.37 41.74
C HIS F 23 -64.31 30.48 42.26
N GLU F 24 -64.30 30.18 43.56
CA GLU F 24 -65.32 29.33 44.14
C GLU F 24 -66.74 29.80 43.92
N MET F 25 -66.91 31.11 43.73
CA MET F 25 -68.23 31.69 43.51
C MET F 25 -68.53 31.94 42.04
N LEU F 26 -67.64 31.49 41.16
CA LEU F 26 -67.80 31.70 39.74
C LEU F 26 -68.02 30.38 38.99
N GLU F 27 -68.49 30.48 37.75
CA GLU F 27 -68.74 29.28 36.97
C GLU F 27 -68.19 29.36 35.56
N GLY F 28 -67.95 28.21 34.96
CA GLY F 28 -67.44 28.17 33.60
C GLY F 28 -66.14 28.94 33.38
N ASN F 29 -66.03 29.59 32.24
CA ASN F 29 -64.83 30.35 31.89
C ASN F 29 -64.51 31.48 32.87
N GLU F 30 -65.52 31.98 33.56
CA GLU F 30 -65.32 33.07 34.52
C GLU F 30 -64.42 32.72 35.69
N ARG F 31 -64.22 31.43 35.94
CA ARG F 31 -63.38 30.99 37.05
C ARG F 31 -61.90 31.28 36.81
N TYR F 32 -61.53 31.50 35.56
CA TYR F 32 -60.13 31.71 35.20
C TYR F 32 -59.75 33.09 34.69
N GLU F 33 -58.46 33.39 34.80
CA GLU F 33 -57.90 34.65 34.33
C GLU F 33 -56.46 34.42 33.91
N GLY F 34 -55.92 35.29 33.07
CA GLY F 34 -54.56 35.12 32.63
C GLY F 34 -54.39 35.48 31.18
N TYR F 35 -53.14 35.47 30.72
CA TYR F 35 -52.81 35.80 29.35
C TYR F 35 -53.58 34.96 28.33
N CYS F 36 -53.60 33.64 28.52
CA CYS F 36 -54.30 32.76 27.59
C CYS F 36 -55.81 32.83 27.72
N VAL F 37 -56.29 33.27 28.88
CA VAL F 37 -57.73 33.42 29.08
C VAL F 37 -58.15 34.62 28.22
N ASP F 38 -57.34 35.67 28.26
CA ASP F 38 -57.61 36.86 27.47
C ASP F 38 -57.44 36.55 25.98
N LEU F 39 -56.40 35.79 25.64
CA LEU F 39 -56.16 35.42 24.24
C LEU F 39 -57.30 34.58 23.69
N ALA F 40 -57.77 33.61 24.47
CA ALA F 40 -58.87 32.75 24.05
C ALA F 40 -60.11 33.58 23.69
N ALA F 41 -60.40 34.56 24.53
CA ALA F 41 -61.56 35.43 24.31
C ALA F 41 -61.41 36.21 23.01
N GLU F 42 -60.21 36.70 22.75
CA GLU F 42 -59.93 37.46 21.54
C GLU F 42 -60.03 36.57 20.30
N ILE F 43 -59.41 35.41 20.35
CA ILE F 43 -59.44 34.48 19.24
C ILE F 43 -60.87 34.08 18.92
N ALA F 44 -61.64 33.75 19.96
CA ALA F 44 -63.03 33.35 19.76
C ALA F 44 -63.85 34.47 19.14
N LYS F 45 -63.61 35.69 19.59
CA LYS F 45 -64.33 36.85 19.08
C LYS F 45 -64.09 37.03 17.58
N HIS F 46 -62.82 37.00 17.18
CA HIS F 46 -62.45 37.17 15.78
C HIS F 46 -62.82 35.99 14.88
N CYS F 47 -62.87 34.79 15.44
CA CYS F 47 -63.21 33.59 14.67
C CYS F 47 -64.70 33.27 14.72
N GLY F 48 -65.42 33.99 15.58
CA GLY F 48 -66.86 33.79 15.70
C GLY F 48 -67.37 32.50 16.31
N PHE F 49 -66.76 32.05 17.40
CA PHE F 49 -67.23 30.82 18.03
C PHE F 49 -67.35 30.96 19.53
N LYS F 50 -68.24 30.15 20.12
CA LYS F 50 -68.43 30.14 21.56
C LYS F 50 -67.51 29.03 22.04
N TYR F 51 -67.04 29.11 23.28
CA TYR F 51 -66.12 28.11 23.78
C TYR F 51 -66.22 27.83 25.27
N LYS F 52 -65.60 26.73 25.67
CA LYS F 52 -65.57 26.30 27.06
C LYS F 52 -64.13 25.95 27.41
N LEU F 53 -63.57 26.64 28.39
CA LEU F 53 -62.20 26.37 28.82
C LEU F 53 -62.19 25.12 29.70
N THR F 54 -61.27 24.20 29.43
CA THR F 54 -61.16 22.98 30.21
C THR F 54 -59.68 22.77 30.53
N ILE F 55 -59.39 22.42 31.78
CA ILE F 55 -58.02 22.20 32.21
C ILE F 55 -57.60 20.77 31.87
N VAL F 56 -56.52 20.65 31.11
CA VAL F 56 -56.01 19.34 30.68
C VAL F 56 -56.04 18.33 31.83
N GLY F 57 -56.69 17.19 31.56
CA GLY F 57 -56.83 16.15 32.55
C GLY F 57 -55.60 15.70 33.32
N ASP F 58 -54.51 15.43 32.62
CA ASP F 58 -53.30 14.95 33.29
C ASP F 58 -52.29 16.04 33.65
N GLY F 59 -52.68 17.30 33.43
CA GLY F 59 -51.82 18.43 33.77
C GLY F 59 -50.50 18.53 33.03
N LYS F 60 -50.40 17.86 31.89
CA LYS F 60 -49.16 17.86 31.11
C LYS F 60 -49.29 18.60 29.78
N TYR F 61 -48.16 19.03 29.24
CA TYR F 61 -48.17 19.73 27.96
C TYR F 61 -48.34 18.74 26.82
N GLY F 62 -47.50 17.72 26.79
CA GLY F 62 -47.63 16.73 25.75
C GLY F 62 -46.35 16.05 25.27
N ALA F 63 -46.31 14.74 25.44
CA ALA F 63 -45.17 13.96 25.01
C ALA F 63 -45.68 12.59 24.57
N ARG F 64 -44.93 11.93 23.70
CA ARG F 64 -45.33 10.62 23.19
C ARG F 64 -44.54 9.51 23.89
N ASP F 65 -45.28 8.53 24.39
CA ASP F 65 -44.69 7.38 25.07
C ASP F 65 -43.86 6.59 24.05
N ALA F 66 -42.57 6.44 24.32
CA ALA F 66 -41.66 5.74 23.42
C ALA F 66 -42.03 4.29 23.15
N ASP F 67 -42.83 3.68 24.02
CA ASP F 67 -43.22 2.28 23.86
C ASP F 67 -44.60 2.06 23.26
N THR F 68 -45.60 2.76 23.77
CA THR F 68 -46.96 2.62 23.26
C THR F 68 -47.25 3.61 22.14
N LYS F 69 -46.41 4.65 22.05
CA LYS F 69 -46.56 5.70 21.05
C LYS F 69 -47.83 6.51 21.31
N ILE F 70 -48.32 6.46 22.55
CA ILE F 70 -49.53 7.20 22.93
C ILE F 70 -49.16 8.59 23.45
N TRP F 71 -49.86 9.62 22.95
CA TRP F 71 -49.63 11.00 23.37
C TRP F 71 -50.41 11.37 24.62
N ASN F 72 -49.77 12.11 25.53
CA ASN F 72 -50.43 12.56 26.74
C ASN F 72 -50.57 14.09 26.68
N GLY F 73 -51.02 14.68 27.78
CA GLY F 73 -51.15 16.12 27.85
C GLY F 73 -52.15 16.76 26.89
N MET F 74 -51.99 18.05 26.66
CA MET F 74 -52.88 18.76 25.76
C MET F 74 -52.77 18.25 24.34
N VAL F 75 -51.58 17.82 23.94
CA VAL F 75 -51.36 17.29 22.60
C VAL F 75 -52.23 16.05 22.45
N GLY F 76 -52.20 15.19 23.46
CA GLY F 76 -53.00 13.98 23.43
C GLY F 76 -54.49 14.28 23.35
N GLU F 77 -54.94 15.29 24.10
CA GLU F 77 -56.35 15.64 24.08
C GLU F 77 -56.80 16.04 22.67
N LEU F 78 -55.92 16.70 21.92
CA LEU F 78 -56.25 17.10 20.56
C LEU F 78 -56.18 15.88 19.64
N VAL F 79 -55.11 15.11 19.76
CA VAL F 79 -54.89 13.93 18.94
C VAL F 79 -56.03 12.91 19.03
N TYR F 80 -56.55 12.68 20.23
CA TYR F 80 -57.61 11.71 20.43
C TYR F 80 -59.03 12.28 20.43
N GLY F 81 -59.15 13.53 20.01
CA GLY F 81 -60.45 14.17 19.92
C GLY F 81 -61.18 14.56 21.19
N LYS F 82 -60.45 14.78 22.28
CA LYS F 82 -61.06 15.17 23.55
C LYS F 82 -61.24 16.68 23.62
N ALA F 83 -60.49 17.40 22.79
CA ALA F 83 -60.57 18.86 22.75
C ALA F 83 -60.48 19.32 21.29
N ASP F 84 -61.04 20.49 21.00
CA ASP F 84 -61.04 21.02 19.65
C ASP F 84 -59.89 21.98 19.37
N ILE F 85 -59.30 22.53 20.43
CA ILE F 85 -58.23 23.49 20.25
C ILE F 85 -57.50 23.66 21.58
N ALA F 86 -56.21 23.97 21.49
CA ALA F 86 -55.40 24.17 22.69
C ALA F 86 -54.91 25.60 22.66
N ILE F 87 -55.23 26.35 23.69
CA ILE F 87 -54.79 27.74 23.80
C ILE F 87 -54.02 27.80 25.11
N ALA F 88 -52.71 27.67 24.99
CA ALA F 88 -51.82 27.66 26.14
C ALA F 88 -50.39 27.87 25.69
N PRO F 89 -49.43 27.93 26.63
CA PRO F 89 -48.03 28.12 26.25
C PRO F 89 -47.47 26.80 25.72
N LEU F 90 -48.01 26.35 24.60
CA LEU F 90 -47.61 25.08 23.98
C LEU F 90 -46.56 25.36 22.91
N THR F 91 -45.36 24.86 23.16
CA THR F 91 -44.24 25.07 22.24
C THR F 91 -44.36 24.34 20.92
N ILE F 92 -44.12 25.08 19.83
CA ILE F 92 -44.17 24.51 18.50
C ILE F 92 -42.90 23.68 18.30
N THR F 93 -43.07 22.38 18.07
CA THR F 93 -41.94 21.49 17.86
C THR F 93 -42.23 20.58 16.66
N LEU F 94 -41.16 20.03 16.09
CA LEU F 94 -41.30 19.15 14.93
C LEU F 94 -42.14 17.91 15.21
N VAL F 95 -41.84 17.20 16.30
CA VAL F 95 -42.60 15.98 16.59
C VAL F 95 -44.08 16.25 16.80
N ARG F 96 -44.43 17.42 17.34
CA ARG F 96 -45.83 17.75 17.55
C ARG F 96 -46.49 18.18 16.23
N GLU F 97 -45.75 18.96 15.44
CA GLU F 97 -46.25 19.46 14.16
C GLU F 97 -46.62 18.29 13.25
N GLU F 98 -46.04 17.12 13.54
CA GLU F 98 -46.30 15.92 12.76
C GLU F 98 -47.66 15.27 13.08
N VAL F 99 -48.22 15.58 14.25
CA VAL F 99 -49.52 15.00 14.64
C VAL F 99 -50.63 16.03 14.87
N ILE F 100 -50.27 17.30 15.07
CA ILE F 100 -51.27 18.35 15.25
C ILE F 100 -50.85 19.58 14.44
N ASP F 101 -51.76 20.54 14.31
CA ASP F 101 -51.46 21.77 13.57
C ASP F 101 -51.22 22.91 14.55
N PHE F 102 -50.33 23.82 14.16
CA PHE F 102 -49.98 24.99 14.99
C PHE F 102 -50.19 26.28 14.21
N SER F 103 -50.69 27.30 14.88
CA SER F 103 -50.87 28.60 14.27
C SER F 103 -49.47 29.21 14.26
N LYS F 104 -49.31 30.35 13.60
CA LYS F 104 -48.03 31.02 13.64
C LYS F 104 -47.88 31.34 15.12
N PRO F 105 -46.64 31.46 15.61
CA PRO F 105 -46.43 31.76 17.04
C PRO F 105 -47.00 33.08 17.56
N PHE F 106 -47.57 33.04 18.77
CA PHE F 106 -48.13 34.23 19.37
C PHE F 106 -47.21 34.81 20.45
N MET F 107 -46.18 34.05 20.81
CA MET F 107 -45.22 34.50 21.82
C MET F 107 -43.88 33.80 21.60
N SER F 108 -42.80 34.55 21.80
CA SER F 108 -41.46 34.01 21.62
C SER F 108 -40.87 33.60 22.97
N LEU F 109 -39.97 32.62 22.94
CA LEU F 109 -39.32 32.16 24.15
C LEU F 109 -38.11 31.32 23.83
N GLY F 110 -37.35 31.00 24.87
CA GLY F 110 -36.18 30.16 24.73
C GLY F 110 -35.93 29.50 26.06
N ILE F 111 -35.26 28.36 26.06
CA ILE F 111 -34.97 27.68 27.32
C ILE F 111 -34.01 28.57 28.08
N SER F 112 -34.21 28.68 29.40
CA SER F 112 -33.36 29.53 30.23
C SER F 112 -33.08 28.89 31.57
N ILE F 113 -32.22 29.53 32.35
CA ILE F 113 -31.83 29.04 33.66
C ILE F 113 -32.37 29.89 34.80
N MET F 114 -33.04 29.25 35.76
CA MET F 114 -33.57 29.95 36.94
C MET F 114 -32.74 29.56 38.16
N ILE F 115 -32.21 30.56 38.85
CA ILE F 115 -31.43 30.29 40.05
C ILE F 115 -31.94 31.08 41.24
N LYS F 116 -31.62 30.59 42.43
CA LYS F 116 -31.97 31.29 43.66
C LYS F 116 -30.91 32.41 43.66
N LYS F 117 -31.32 33.64 43.95
CA LYS F 117 -30.37 34.75 43.95
C LYS F 117 -29.11 34.41 44.74
N GLY F 118 -27.96 34.74 44.17
CA GLY F 118 -26.70 34.47 44.84
C GLY F 118 -26.01 33.21 44.37
N THR F 119 -26.76 32.34 43.70
CA THR F 119 -26.19 31.09 43.21
C THR F 119 -25.04 31.35 42.24
N PRO F 120 -23.88 30.72 42.49
CA PRO F 120 -22.67 30.86 41.66
C PRO F 120 -22.77 30.23 40.27
N ILE F 121 -23.79 30.60 39.52
CA ILE F 121 -23.98 30.07 38.17
C ILE F 121 -24.37 31.21 37.23
N GLU F 122 -23.72 31.27 36.07
CA GLU F 122 -24.00 32.32 35.10
C GLU F 122 -24.38 31.78 33.73
N SER F 123 -24.27 30.46 33.54
CA SER F 123 -24.60 29.87 32.25
C SER F 123 -24.78 28.36 32.31
N ALA F 124 -25.21 27.79 31.18
CA ALA F 124 -25.40 26.35 31.08
C ALA F 124 -24.03 25.69 31.23
N GLU F 125 -23.02 26.29 30.61
CA GLU F 125 -21.66 25.78 30.68
C GLU F 125 -21.25 25.62 32.14
N ASP F 126 -21.60 26.61 32.96
CA ASP F 126 -21.27 26.58 34.39
C ASP F 126 -21.91 25.39 35.10
N LEU F 127 -23.19 25.16 34.84
CA LEU F 127 -23.90 24.05 35.46
C LEU F 127 -23.26 22.69 35.14
N SER F 128 -22.82 22.53 33.89
CA SER F 128 -22.21 21.28 33.46
C SER F 128 -20.83 21.00 34.06
N LYS F 129 -20.09 22.05 34.37
CA LYS F 129 -18.75 21.90 34.94
C LYS F 129 -18.71 21.62 36.43
N GLN F 130 -19.87 21.46 37.05
CA GLN F 130 -19.92 21.19 38.49
C GLN F 130 -21.04 20.24 38.88
N THR F 131 -21.04 19.80 40.14
CA THR F 131 -22.06 18.88 40.59
C THR F 131 -22.66 19.19 41.94
N GLU F 132 -22.15 20.22 42.62
CA GLU F 132 -22.65 20.61 43.92
C GLU F 132 -24.07 21.18 43.78
N ILE F 133 -24.34 21.79 42.65
CA ILE F 133 -25.65 22.36 42.39
C ILE F 133 -26.40 21.49 41.39
N ALA F 134 -27.50 20.90 41.84
CA ALA F 134 -28.30 20.04 40.98
C ALA F 134 -29.19 20.89 40.09
N TYR F 135 -29.60 20.34 38.96
CA TYR F 135 -30.47 21.05 38.03
C TYR F 135 -31.29 20.06 37.21
N GLY F 136 -32.52 20.46 36.88
CA GLY F 136 -33.39 19.59 36.12
C GLY F 136 -34.39 20.38 35.29
N THR F 137 -35.35 19.67 34.69
CA THR F 137 -36.36 20.29 33.87
C THR F 137 -37.74 19.74 34.19
N LEU F 138 -38.74 20.23 33.46
CA LEU F 138 -40.12 19.79 33.61
C LEU F 138 -40.26 18.46 32.86
N ASP F 139 -41.24 17.66 33.26
CA ASP F 139 -41.49 16.37 32.62
C ASP F 139 -42.53 16.53 31.51
N SER F 140 -42.50 15.59 30.55
CA SER F 140 -43.45 15.58 29.44
C SER F 140 -43.54 16.90 28.67
N GLY F 141 -42.42 17.61 28.57
CA GLY F 141 -42.42 18.88 27.86
C GLY F 141 -41.32 19.03 26.83
N SER F 142 -41.32 20.15 26.12
CA SER F 142 -40.34 20.41 25.08
C SER F 142 -38.93 20.65 25.61
N THR F 143 -38.81 21.15 26.82
CA THR F 143 -37.49 21.40 27.39
C THR F 143 -36.74 20.10 27.65
N LYS F 144 -37.43 19.10 28.19
CA LYS F 144 -36.79 17.82 28.47
C LYS F 144 -36.34 17.19 27.14
N GLU F 145 -37.20 17.27 26.13
CA GLU F 145 -36.87 16.71 24.82
C GLU F 145 -35.64 17.39 24.24
N PHE F 146 -35.54 18.71 24.45
CA PHE F 146 -34.40 19.47 23.95
C PHE F 146 -33.07 18.87 24.41
N PHE F 147 -32.99 18.57 25.70
CA PHE F 147 -31.77 18.02 26.27
C PHE F 147 -31.55 16.57 25.86
N ARG F 148 -32.64 15.80 25.80
CA ARG F 148 -32.56 14.40 25.42
C ARG F 148 -32.02 14.20 24.00
N ARG F 149 -32.32 15.15 23.11
CA ARG F 149 -31.87 15.04 21.73
C ARG F 149 -30.75 16.00 21.31
N SER F 150 -30.23 16.78 22.26
CA SER F 150 -29.17 17.73 21.92
C SER F 150 -27.82 17.07 21.63
N LYS F 151 -27.18 17.55 20.57
CA LYS F 151 -25.88 17.02 20.19
C LYS F 151 -24.78 17.94 20.67
N ILE F 152 -25.17 19.13 21.12
CA ILE F 152 -24.21 20.11 21.61
C ILE F 152 -23.52 19.57 22.86
N ALA F 153 -22.20 19.67 22.88
CA ALA F 153 -21.41 19.16 23.99
C ALA F 153 -21.93 19.49 25.39
N VAL F 154 -22.10 20.78 25.66
CA VAL F 154 -22.57 21.22 26.97
C VAL F 154 -23.93 20.61 27.34
N PHE F 155 -24.90 20.75 26.45
CA PHE F 155 -26.23 20.22 26.71
C PHE F 155 -26.27 18.69 26.76
N ASP F 156 -25.40 18.05 25.99
CA ASP F 156 -25.34 16.60 25.98
C ASP F 156 -24.84 16.11 27.34
N LYS F 157 -23.87 16.82 27.88
CA LYS F 157 -23.30 16.47 29.17
C LYS F 157 -24.34 16.67 30.26
N MET F 158 -25.07 17.77 30.18
CA MET F 158 -26.12 18.08 31.15
C MET F 158 -27.17 16.98 31.19
N TRP F 159 -27.59 16.51 30.02
CA TRP F 159 -28.59 15.46 29.94
C TRP F 159 -28.10 14.16 30.58
N THR F 160 -26.86 13.79 30.29
CA THR F 160 -26.28 12.57 30.85
C THR F 160 -26.39 12.61 32.37
N TYR F 161 -26.20 13.81 32.93
CA TYR F 161 -26.29 14.00 34.37
C TYR F 161 -27.72 13.91 34.86
N MET F 162 -28.60 14.71 34.25
CA MET F 162 -30.00 14.75 34.65
C MET F 162 -30.72 13.40 34.54
N ARG F 163 -30.56 12.72 33.42
CA ARG F 163 -31.22 11.45 33.19
C ARG F 163 -30.88 10.38 34.22
N SER F 164 -29.72 10.51 34.86
CA SER F 164 -29.28 9.53 35.85
C SER F 164 -29.20 10.08 37.28
N ALA F 165 -29.46 11.36 37.44
CA ALA F 165 -29.39 12.00 38.75
C ALA F 165 -30.31 11.36 39.80
N GLU F 166 -29.80 11.23 41.02
CA GLU F 166 -30.57 10.64 42.09
C GLU F 166 -30.32 11.37 43.40
N PRO F 167 -31.36 11.90 44.06
CA PRO F 167 -32.78 11.86 43.67
C PRO F 167 -33.03 12.51 42.32
N SER F 168 -34.21 12.25 41.75
CA SER F 168 -34.56 12.80 40.46
C SER F 168 -34.54 14.32 40.47
N VAL F 169 -34.06 14.92 39.37
CA VAL F 169 -34.00 16.36 39.26
C VAL F 169 -35.16 16.90 38.43
N PHE F 170 -36.02 16.00 37.94
CA PHE F 170 -37.16 16.41 37.13
C PHE F 170 -38.37 16.75 38.00
N VAL F 171 -39.25 17.59 37.49
CA VAL F 171 -40.44 17.99 38.23
C VAL F 171 -41.72 17.80 37.41
N ARG F 172 -42.84 17.64 38.09
CA ARG F 172 -44.12 17.43 37.43
C ARG F 172 -44.77 18.71 36.91
N THR F 173 -44.52 19.82 37.58
CA THR F 173 -45.08 21.10 37.16
C THR F 173 -44.05 22.21 37.35
N THR F 174 -44.27 23.32 36.65
CA THR F 174 -43.37 24.46 36.76
C THR F 174 -43.35 24.93 38.21
N ALA F 175 -44.52 24.97 38.84
CA ALA F 175 -44.63 25.40 40.22
C ALA F 175 -43.70 24.58 41.11
N GLU F 176 -43.64 23.27 40.87
CA GLU F 176 -42.79 22.38 41.64
C GLU F 176 -41.31 22.74 41.45
N GLY F 177 -40.95 23.06 40.22
CA GLY F 177 -39.57 23.43 39.93
C GLY F 177 -39.19 24.72 40.63
N VAL F 178 -40.08 25.72 40.57
CA VAL F 178 -39.82 27.01 41.20
C VAL F 178 -39.68 26.85 42.72
N ALA F 179 -40.59 26.09 43.31
CA ALA F 179 -40.56 25.86 44.76
C ALA F 179 -39.27 25.17 45.15
N ARG F 180 -38.82 24.24 44.31
CA ARG F 180 -37.59 23.52 44.60
C ARG F 180 -36.38 24.44 44.60
N VAL F 181 -36.36 25.40 43.68
CA VAL F 181 -35.25 26.35 43.63
C VAL F 181 -35.26 27.23 44.88
N ARG F 182 -36.44 27.72 45.24
CA ARG F 182 -36.59 28.60 46.39
C ARG F 182 -36.24 27.98 47.74
N LYS F 183 -36.43 26.67 47.86
CA LYS F 183 -36.15 25.99 49.13
C LYS F 183 -34.82 25.24 49.18
N SER F 184 -34.13 25.15 48.05
CA SER F 184 -32.86 24.44 47.99
C SER F 184 -31.63 25.24 48.37
N LYS F 185 -31.84 26.42 48.94
CA LYS F 185 -30.74 27.28 49.37
C LYS F 185 -29.63 27.42 48.34
N GLY F 186 -30.02 27.48 47.07
CA GLY F 186 -29.05 27.64 46.00
C GLY F 186 -28.40 26.36 45.49
N LYS F 187 -28.87 25.21 45.96
CA LYS F 187 -28.30 23.94 45.54
C LYS F 187 -29.05 23.31 44.37
N TYR F 188 -30.05 24.03 43.85
CA TYR F 188 -30.83 23.54 42.72
C TYR F 188 -31.13 24.68 41.76
N ALA F 189 -30.88 24.44 40.47
CA ALA F 189 -31.15 25.41 39.42
C ALA F 189 -32.20 24.74 38.55
N TYR F 190 -33.10 25.53 37.99
CA TYR F 190 -34.18 24.99 37.18
C TYR F 190 -34.12 25.49 35.74
N LEU F 191 -34.22 24.56 34.80
CA LEU F 191 -34.20 24.91 33.38
C LEU F 191 -35.64 25.00 32.91
N LEU F 192 -36.05 26.19 32.48
CA LEU F 192 -37.41 26.41 32.02
C LEU F 192 -37.45 27.51 30.98
N GLU F 193 -38.60 27.66 30.32
CA GLU F 193 -38.74 28.66 29.28
C GLU F 193 -38.65 30.08 29.83
N SER F 194 -37.95 30.95 29.09
CA SER F 194 -37.71 32.34 29.46
C SER F 194 -38.96 33.09 29.90
N THR F 195 -40.09 32.78 29.28
CA THR F 195 -41.36 33.41 29.59
C THR F 195 -41.77 33.16 31.05
N MET F 196 -41.76 31.89 31.46
CA MET F 196 -42.12 31.57 32.84
C MET F 196 -41.06 32.15 33.79
N ASN F 197 -39.80 32.03 33.39
CA ASN F 197 -38.68 32.52 34.21
C ASN F 197 -38.81 34.01 34.50
N GLU F 198 -39.05 34.81 33.45
CA GLU F 198 -39.17 36.26 33.60
C GLU F 198 -40.41 36.67 34.40
N TYR F 199 -41.46 35.85 34.35
CA TYR F 199 -42.67 36.15 35.10
C TYR F 199 -42.37 35.97 36.59
N ILE F 200 -41.83 34.81 36.94
CA ILE F 200 -41.51 34.47 38.34
C ILE F 200 -40.51 35.45 38.95
N GLU F 201 -39.60 35.94 38.14
CA GLU F 201 -38.57 36.89 38.58
C GLU F 201 -39.20 38.17 39.10
N GLN F 202 -40.43 38.46 38.65
CA GLN F 202 -41.13 39.67 39.08
C GLN F 202 -42.21 39.40 40.11
N ARG F 203 -42.11 38.28 40.82
CA ARG F 203 -43.10 37.95 41.84
C ARG F 203 -42.44 37.69 43.19
N LYS F 204 -43.12 38.10 44.25
CA LYS F 204 -42.61 37.89 45.60
C LYS F 204 -42.42 36.39 45.82
N PRO F 205 -41.47 36.00 46.68
CA PRO F 205 -40.57 36.87 47.45
C PRO F 205 -39.38 37.47 46.69
N CYS F 206 -39.46 37.50 45.37
CA CYS F 206 -38.38 38.08 44.56
C CYS F 206 -37.01 37.48 44.91
N ASP F 207 -36.94 36.17 45.03
CA ASP F 207 -35.69 35.51 45.38
C ASP F 207 -35.08 34.67 44.27
N THR F 208 -35.61 34.80 43.06
CA THR F 208 -35.09 34.05 41.92
C THR F 208 -34.74 34.99 40.80
N MET F 209 -33.92 34.52 39.87
CA MET F 209 -33.58 35.34 38.73
C MET F 209 -33.14 34.50 37.55
N LYS F 210 -33.28 35.08 36.37
CA LYS F 210 -32.89 34.43 35.12
C LYS F 210 -31.43 34.79 34.86
N VAL F 211 -30.61 33.78 34.58
CA VAL F 211 -29.19 34.04 34.31
C VAL F 211 -28.75 33.45 32.98
N GLY F 212 -27.85 34.17 32.30
CA GLY F 212 -27.36 33.72 31.02
C GLY F 212 -28.34 33.97 29.90
N GLY F 213 -27.92 33.70 28.67
CA GLY F 213 -28.79 33.90 27.53
C GLY F 213 -29.65 32.67 27.31
N ASN F 214 -30.67 32.79 26.47
CA ASN F 214 -31.54 31.67 26.18
C ASN F 214 -30.76 30.62 25.40
N LEU F 215 -31.11 29.34 25.58
CA LEU F 215 -30.43 28.24 24.91
C LEU F 215 -30.92 28.01 23.49
N ASP F 216 -32.11 28.50 23.20
CA ASP F 216 -32.69 28.38 21.87
C ASP F 216 -33.70 29.49 21.62
N SER F 217 -34.31 29.47 20.45
CA SER F 217 -35.29 30.47 20.08
C SER F 217 -36.47 29.78 19.41
N LYS F 218 -37.63 29.87 20.03
CA LYS F 218 -38.82 29.24 19.46
C LYS F 218 -40.07 29.98 19.87
N GLY F 219 -41.23 29.35 19.70
CA GLY F 219 -42.44 30.04 20.05
C GLY F 219 -43.60 29.17 20.42
N TYR F 220 -44.62 29.79 21.00
CA TYR F 220 -45.84 29.09 21.40
C TYR F 220 -46.85 29.30 20.28
N GLY F 221 -47.62 28.26 19.97
CA GLY F 221 -48.63 28.39 18.94
C GLY F 221 -49.95 27.82 19.42
N ILE F 222 -51.05 28.27 18.84
CA ILE F 222 -52.36 27.75 19.18
C ILE F 222 -52.48 26.48 18.34
N ALA F 223 -52.82 25.37 18.98
CA ALA F 223 -52.89 24.10 18.28
C ALA F 223 -54.30 23.55 18.06
N THR F 224 -54.48 22.87 16.93
CA THR F 224 -55.74 22.27 16.56
C THR F 224 -55.45 20.87 16.01
N PRO F 225 -56.45 19.98 16.02
CA PRO F 225 -56.20 18.64 15.48
C PRO F 225 -55.93 18.72 13.99
N LYS F 226 -55.11 17.81 13.49
CA LYS F 226 -54.74 17.79 12.07
C LYS F 226 -55.99 17.88 11.19
N GLY F 227 -55.99 18.85 10.28
CA GLY F 227 -57.11 19.00 9.38
C GLY F 227 -58.32 19.74 9.92
N SER F 228 -58.21 20.27 11.14
CA SER F 228 -59.31 21.01 11.74
C SER F 228 -59.76 22.19 10.88
N SER F 229 -61.07 22.42 10.84
CA SER F 229 -61.63 23.52 10.07
C SER F 229 -61.38 24.86 10.75
N LEU F 230 -60.93 24.81 12.00
CA LEU F 230 -60.65 26.02 12.78
C LEU F 230 -59.25 26.56 12.53
N GLY F 231 -58.35 25.67 12.10
CA GLY F 231 -56.97 26.05 11.86
C GLY F 231 -56.74 27.33 11.09
N ASN F 232 -57.37 27.46 9.93
CA ASN F 232 -57.20 28.64 9.10
C ASN F 232 -57.55 29.95 9.81
N ALA F 233 -58.77 30.03 10.32
CA ALA F 233 -59.23 31.23 11.00
C ALA F 233 -58.37 31.59 12.20
N VAL F 234 -58.03 30.58 13.01
CA VAL F 234 -57.23 30.81 14.20
C VAL F 234 -55.89 31.43 13.84
N ASN F 235 -55.25 30.90 12.81
CA ASN F 235 -53.95 31.41 12.38
C ASN F 235 -54.05 32.88 11.96
N LEU F 236 -55.03 33.20 11.12
CA LEU F 236 -55.20 34.58 10.68
C LEU F 236 -55.51 35.49 11.87
N ALA F 237 -56.24 34.96 12.84
CA ALA F 237 -56.58 35.73 14.03
C ALA F 237 -55.34 36.07 14.83
N VAL F 238 -54.40 35.13 14.92
CA VAL F 238 -53.16 35.38 15.66
C VAL F 238 -52.36 36.48 14.98
N LEU F 239 -52.30 36.44 13.66
CA LEU F 239 -51.57 37.46 12.90
C LEU F 239 -52.21 38.83 13.11
N LYS F 240 -53.53 38.87 13.12
CA LYS F 240 -54.25 40.13 13.29
C LYS F 240 -53.99 40.71 14.69
N LEU F 241 -54.09 39.86 15.71
CA LEU F 241 -53.86 40.31 17.08
C LEU F 241 -52.44 40.82 17.29
N ASN F 242 -51.48 40.19 16.64
CA ASN F 242 -50.10 40.64 16.80
C ASN F 242 -49.93 42.00 16.14
N GLU F 243 -50.49 42.15 14.94
CA GLU F 243 -50.38 43.41 14.21
C GLU F 243 -51.12 44.57 14.87
N GLN F 244 -52.15 44.26 15.65
CA GLN F 244 -52.91 45.29 16.35
C GLN F 244 -52.16 45.73 17.59
N GLY F 245 -51.19 44.93 18.02
CA GLY F 245 -50.42 45.23 19.21
C GLY F 245 -51.07 44.64 20.44
N LEU F 246 -52.12 43.85 20.24
CA LEU F 246 -52.84 43.23 21.35
C LEU F 246 -51.99 42.21 22.10
N LEU F 247 -51.20 41.41 21.36
CA LEU F 247 -50.36 40.42 22.01
C LEU F 247 -49.33 41.09 22.93
N ASP F 248 -48.75 42.19 22.47
CA ASP F 248 -47.76 42.89 23.28
C ASP F 248 -48.45 43.50 24.50
N LYS F 249 -49.67 43.96 24.32
CA LYS F 249 -50.45 44.56 25.41
C LYS F 249 -50.69 43.52 26.49
N LEU F 250 -51.14 42.32 26.08
CA LEU F 250 -51.39 41.25 27.04
C LEU F 250 -50.13 40.80 27.75
N LYS F 251 -49.00 40.80 27.04
CA LYS F 251 -47.73 40.40 27.64
C LYS F 251 -47.38 41.36 28.78
N ASN F 252 -47.50 42.66 28.52
CA ASN F 252 -47.18 43.66 29.54
C ASN F 252 -48.16 43.59 30.71
N LYS F 253 -49.43 43.34 30.39
CA LYS F 253 -50.47 43.27 31.40
C LYS F 253 -50.25 42.17 32.43
N TRP F 254 -49.84 40.99 31.97
CA TRP F 254 -49.62 39.87 32.87
C TRP F 254 -48.21 39.65 33.41
N TRP F 255 -47.21 40.24 32.77
CA TRP F 255 -45.84 40.07 33.20
C TRP F 255 -45.27 41.22 34.02
N TYR F 256 -45.28 42.41 33.44
CA TYR F 256 -44.71 43.57 34.11
C TYR F 256 -45.71 44.50 34.77
N ASP F 257 -46.89 44.64 34.18
CA ASP F 257 -47.93 45.45 34.79
C ASP F 257 -48.31 44.65 36.04
N LYS F 258 -48.30 45.30 37.20
CA LYS F 258 -48.64 44.58 38.41
C LYS F 258 -47.49 43.75 38.95
N GLY F 259 -46.27 44.01 38.45
CA GLY F 259 -45.12 43.26 38.94
C GLY F 259 -45.00 43.49 40.43
N GLU F 260 -44.52 42.49 41.17
CA GLU F 260 -44.41 42.61 42.62
C GLU F 260 -43.02 42.91 43.18
N CYS F 261 -42.02 43.02 42.30
CA CYS F 261 -40.67 43.29 42.75
C CYS F 261 -40.16 44.65 42.30
#